data_2EJE
#
_entry.id   2EJE
#
_entity_poly.entity_id   1
_entity_poly.type   'polypeptide(L)'
_entity_poly.pdbx_seq_one_letter_code
;GSSGSSGDDNERLSKVEKARQLREQVNDLFSRKFGEAIGMGFPVKVPYRKITINPGCVVVDGMPPGVSFKAPSYLEISSM
RRILDSAEFIKFTVIRPFPGLVINNQLVSGPSSG
;
_entity_poly.pdbx_strand_id   A
#
# COMPACT_ATOMS: atom_id res chain seq x y z
N GLY A 1 1.88 -21.79 16.89
CA GLY A 1 0.50 -21.49 17.23
C GLY A 1 0.29 -21.52 18.75
N SER A 2 0.97 -20.61 19.43
CA SER A 2 0.86 -20.53 20.88
C SER A 2 0.81 -19.06 21.31
N SER A 3 0.19 -18.84 22.46
CA SER A 3 0.07 -17.50 23.00
C SER A 3 1.44 -17.00 23.47
N GLY A 4 1.71 -15.73 23.18
CA GLY A 4 2.96 -15.13 23.57
C GLY A 4 2.88 -13.60 23.52
N SER A 5 4.04 -12.98 23.53
CA SER A 5 4.12 -11.52 23.48
C SER A 5 5.08 -11.08 22.38
N SER A 6 5.08 -9.79 22.12
CA SER A 6 5.94 -9.22 21.10
C SER A 6 7.26 -8.74 21.72
N GLY A 7 8.31 -8.75 20.91
CA GLY A 7 9.61 -8.33 21.37
C GLY A 7 10.67 -8.52 20.29
N ASP A 8 11.91 -8.23 20.64
CA ASP A 8 13.01 -8.36 19.72
C ASP A 8 13.44 -9.84 19.66
N ASP A 9 12.80 -10.57 18.77
CA ASP A 9 13.10 -11.99 18.61
C ASP A 9 12.00 -12.64 17.76
N ASN A 10 12.43 -13.27 16.68
CA ASN A 10 11.51 -13.94 15.77
C ASN A 10 10.72 -14.98 16.56
N GLU A 11 11.40 -15.64 17.48
CA GLU A 11 10.78 -16.67 18.30
C GLU A 11 9.57 -16.09 19.04
N ARG A 12 9.73 -14.85 19.47
CA ARG A 12 8.67 -14.16 20.19
C ARG A 12 7.63 -13.61 19.21
N LEU A 13 8.14 -13.04 18.13
CA LEU A 13 7.28 -12.46 17.11
C LEU A 13 6.28 -13.52 16.63
N SER A 14 6.55 -14.03 15.43
CA SER A 14 5.69 -15.05 14.85
C SER A 14 4.44 -14.41 14.27
N LYS A 15 3.57 -13.96 15.16
CA LYS A 15 2.32 -13.33 14.76
C LYS A 15 2.62 -11.92 14.24
N VAL A 16 3.66 -11.32 14.81
CA VAL A 16 4.07 -9.99 14.42
C VAL A 16 4.82 -10.05 13.08
N GLU A 17 5.81 -10.91 13.05
CA GLU A 17 6.61 -11.09 11.84
C GLU A 17 5.71 -11.27 10.62
N LYS A 18 4.60 -11.97 10.85
CA LYS A 18 3.65 -12.22 9.78
C LYS A 18 2.99 -10.91 9.37
N ALA A 19 2.62 -10.13 10.38
CA ALA A 19 1.97 -8.85 10.14
C ALA A 19 2.99 -7.87 9.56
N ARG A 20 4.07 -7.68 10.31
CA ARG A 20 5.12 -6.77 9.88
C ARG A 20 5.39 -6.94 8.38
N GLN A 21 5.76 -8.16 8.02
CA GLN A 21 6.05 -8.47 6.62
C GLN A 21 4.84 -8.11 5.74
N LEU A 22 3.74 -8.78 6.02
CA LEU A 22 2.52 -8.55 5.26
C LEU A 22 2.36 -7.05 5.00
N ARG A 23 2.38 -6.29 6.09
CA ARG A 23 2.24 -4.85 5.99
C ARG A 23 3.13 -4.30 4.87
N GLU A 24 4.33 -4.84 4.79
CA GLU A 24 5.28 -4.42 3.78
C GLU A 24 4.81 -4.87 2.39
N GLN A 25 4.39 -6.12 2.31
CA GLN A 25 3.91 -6.68 1.07
C GLN A 25 2.72 -5.87 0.54
N VAL A 26 1.74 -5.67 1.41
CA VAL A 26 0.55 -4.92 1.05
C VAL A 26 0.97 -3.51 0.61
N ASN A 27 1.68 -2.83 1.49
CA ASN A 27 2.14 -1.48 1.20
C ASN A 27 2.80 -1.45 -0.18
N ASP A 28 3.93 -2.14 -0.27
CA ASP A 28 4.66 -2.19 -1.52
C ASP A 28 3.71 -2.58 -2.66
N LEU A 29 2.97 -3.65 -2.42
CA LEU A 29 2.02 -4.12 -3.41
C LEU A 29 1.29 -2.93 -4.04
N PHE A 30 0.50 -2.27 -3.22
CA PHE A 30 -0.25 -1.10 -3.68
C PHE A 30 0.68 -0.08 -4.33
N SER A 31 1.74 0.24 -3.63
CA SER A 31 2.71 1.21 -4.13
C SER A 31 3.14 0.83 -5.55
N ARG A 32 3.54 -0.42 -5.70
CA ARG A 32 3.97 -0.92 -7.00
C ARG A 32 2.83 -0.81 -8.01
N LYS A 33 1.80 -1.61 -7.77
CA LYS A 33 0.64 -1.60 -8.65
C LYS A 33 0.28 -0.17 -9.02
N PHE A 34 0.07 0.64 -7.99
CA PHE A 34 -0.27 2.03 -8.19
C PHE A 34 0.54 2.65 -9.32
N GLY A 35 1.84 2.34 -9.32
CA GLY A 35 2.74 2.85 -10.34
C GLY A 35 2.11 2.76 -11.72
N GLU A 36 1.49 1.62 -11.98
CA GLU A 36 0.85 1.40 -13.27
C GLU A 36 -0.16 2.52 -13.56
N ALA A 37 -0.95 2.84 -12.55
CA ALA A 37 -1.95 3.89 -12.69
C ALA A 37 -1.25 5.20 -13.06
N ILE A 38 0.05 5.23 -12.83
CA ILE A 38 0.85 6.40 -13.12
C ILE A 38 1.94 6.04 -14.13
N GLY A 39 1.78 4.88 -14.74
CA GLY A 39 2.74 4.40 -15.71
C GLY A 39 4.17 4.50 -15.18
N MET A 40 4.26 4.56 -13.86
CA MET A 40 5.55 4.65 -13.20
C MET A 40 6.26 3.29 -13.19
N GLY A 41 7.58 3.35 -13.37
CA GLY A 41 8.38 2.13 -13.38
C GLY A 41 8.86 1.78 -11.97
N PHE A 42 8.11 2.25 -10.99
CA PHE A 42 8.46 2.00 -9.60
C PHE A 42 7.25 2.22 -8.69
N PRO A 43 7.36 1.66 -7.45
CA PRO A 43 6.29 1.79 -6.48
C PRO A 43 6.24 3.19 -5.89
N VAL A 44 5.10 3.84 -6.04
CA VAL A 44 4.91 5.18 -5.54
C VAL A 44 4.03 5.14 -4.29
N LYS A 45 4.06 6.23 -3.53
CA LYS A 45 3.27 6.32 -2.32
C LYS A 45 1.79 6.19 -2.67
N VAL A 46 1.07 5.50 -1.81
CA VAL A 46 -0.36 5.30 -2.02
C VAL A 46 -1.15 6.08 -0.96
N PRO A 47 -1.73 7.22 -1.41
CA PRO A 47 -2.50 8.06 -0.51
C PRO A 47 -3.87 7.43 -0.21
N TYR A 48 -3.85 6.40 0.61
CA TYR A 48 -5.06 5.71 0.99
C TYR A 48 -6.13 6.70 1.47
N ARG A 49 -5.67 7.72 2.17
CA ARG A 49 -6.57 8.74 2.69
C ARG A 49 -7.39 9.35 1.55
N LYS A 50 -6.70 10.02 0.65
CA LYS A 50 -7.34 10.66 -0.48
C LYS A 50 -8.32 9.67 -1.12
N ILE A 51 -7.80 8.49 -1.42
CA ILE A 51 -8.62 7.44 -2.03
C ILE A 51 -9.82 7.15 -1.13
N THR A 52 -9.61 7.34 0.17
CA THR A 52 -10.65 7.09 1.15
C THR A 52 -11.71 8.19 1.08
N ILE A 53 -11.29 9.40 1.45
CA ILE A 53 -12.20 10.54 1.44
C ILE A 53 -12.93 10.58 0.10
N ASN A 54 -12.24 10.16 -0.95
CA ASN A 54 -12.82 10.15 -2.27
C ASN A 54 -11.81 9.57 -3.26
N PRO A 55 -12.24 8.47 -3.95
CA PRO A 55 -11.39 7.81 -4.92
C PRO A 55 -11.29 8.64 -6.21
N GLY A 56 -12.34 9.41 -6.47
CA GLY A 56 -12.38 10.24 -7.65
C GLY A 56 -11.00 10.38 -8.29
N CYS A 57 -10.10 10.98 -7.52
CA CYS A 57 -8.73 11.18 -7.99
C CYS A 57 -8.17 9.83 -8.42
N VAL A 58 -7.80 9.04 -7.42
CA VAL A 58 -7.24 7.72 -7.67
C VAL A 58 -8.22 6.66 -7.16
N VAL A 59 -8.51 5.70 -8.03
CA VAL A 59 -9.41 4.62 -7.68
C VAL A 59 -8.62 3.34 -7.45
N VAL A 60 -9.27 2.38 -6.81
CA VAL A 60 -8.63 1.11 -6.52
C VAL A 60 -9.62 -0.03 -6.82
N ASP A 61 -9.18 -0.93 -7.68
CA ASP A 61 -10.00 -2.06 -8.06
C ASP A 61 -9.25 -3.36 -7.76
N GLY A 62 -9.94 -4.47 -7.98
CA GLY A 62 -9.35 -5.78 -7.74
C GLY A 62 -9.60 -6.23 -6.30
N MET A 63 -9.88 -5.26 -5.45
CA MET A 63 -10.14 -5.54 -4.04
C MET A 63 -10.99 -6.81 -3.90
N PRO A 64 -10.67 -7.59 -2.82
CA PRO A 64 -11.39 -8.82 -2.55
C PRO A 64 -12.78 -8.52 -1.98
N PRO A 65 -13.60 -9.60 -1.90
CA PRO A 65 -14.96 -9.47 -1.38
C PRO A 65 -14.95 -9.34 0.14
N GLY A 66 -15.80 -8.45 0.63
CA GLY A 66 -15.89 -8.21 2.06
C GLY A 66 -14.57 -7.68 2.62
N VAL A 67 -13.92 -6.85 1.82
CA VAL A 67 -12.65 -6.27 2.22
C VAL A 67 -12.58 -4.82 1.74
N SER A 68 -12.21 -3.95 2.66
CA SER A 68 -12.10 -2.53 2.34
C SER A 68 -10.63 -2.14 2.16
N PHE A 69 -10.38 -1.32 1.16
CA PHE A 69 -9.03 -0.86 0.88
C PHE A 69 -8.62 0.26 1.83
N LYS A 70 -7.39 0.15 2.31
CA LYS A 70 -6.85 1.14 3.23
C LYS A 70 -5.41 0.79 3.57
N ALA A 71 -4.77 1.69 4.30
CA ALA A 71 -3.38 1.50 4.70
C ALA A 71 -3.25 0.15 5.43
N PRO A 72 -2.03 -0.44 5.31
CA PRO A 72 -1.77 -1.73 5.94
C PRO A 72 -1.59 -1.56 7.45
N SER A 73 -1.63 -0.31 7.89
CA SER A 73 -1.47 -0.01 9.30
C SER A 73 -2.76 -0.35 10.06
N TYR A 74 -3.87 -0.27 9.34
CA TYR A 74 -5.16 -0.57 9.93
C TYR A 74 -5.61 -1.99 9.60
N LEU A 75 -5.26 -2.42 8.39
CA LEU A 75 -5.62 -3.75 7.94
C LEU A 75 -4.95 -4.79 8.84
N GLU A 76 -5.63 -5.91 9.01
CA GLU A 76 -5.11 -6.98 9.84
C GLU A 76 -4.32 -7.99 8.99
N ILE A 77 -3.65 -8.89 9.68
CA ILE A 77 -2.86 -9.91 9.00
C ILE A 77 -3.72 -10.60 7.94
N SER A 78 -4.79 -11.23 8.43
CA SER A 78 -5.70 -11.93 7.54
C SER A 78 -6.15 -11.01 6.40
N SER A 79 -6.49 -9.79 6.77
CA SER A 79 -6.93 -8.80 5.80
C SER A 79 -5.89 -8.68 4.68
N MET A 80 -4.68 -8.36 5.08
CA MET A 80 -3.59 -8.20 4.12
C MET A 80 -3.50 -9.41 3.19
N ARG A 81 -3.38 -10.59 3.80
CA ARG A 81 -3.29 -11.81 3.05
C ARG A 81 -4.22 -11.78 1.84
N ARG A 82 -5.51 -11.60 2.14
CA ARG A 82 -6.52 -11.53 1.09
C ARG A 82 -6.03 -10.65 -0.06
N ILE A 83 -5.82 -9.38 0.25
CA ILE A 83 -5.36 -8.43 -0.74
C ILE A 83 -4.25 -9.06 -1.57
N LEU A 84 -3.27 -9.63 -0.87
CA LEU A 84 -2.15 -10.28 -1.52
C LEU A 84 -2.67 -11.38 -2.45
N ASP A 85 -3.56 -12.20 -1.89
CA ASP A 85 -4.13 -13.29 -2.65
C ASP A 85 -4.69 -12.76 -3.97
N SER A 86 -4.99 -11.47 -3.97
CA SER A 86 -5.53 -10.83 -5.16
C SER A 86 -4.55 -9.76 -5.66
N ALA A 87 -3.31 -9.90 -5.25
CA ALA A 87 -2.26 -8.96 -5.65
C ALA A 87 -2.35 -8.74 -7.16
N GLU A 88 -2.57 -9.83 -7.88
CA GLU A 88 -2.67 -9.76 -9.33
C GLU A 88 -3.97 -9.09 -9.73
N PHE A 89 -4.98 -9.23 -8.88
CA PHE A 89 -6.28 -8.64 -9.14
C PHE A 89 -6.27 -7.14 -8.84
N ILE A 90 -5.52 -6.77 -7.81
CA ILE A 90 -5.41 -5.38 -7.41
C ILE A 90 -5.25 -4.51 -8.66
N LYS A 91 -5.82 -3.32 -8.60
CA LYS A 91 -5.74 -2.39 -9.71
C LYS A 91 -5.95 -0.97 -9.20
N PHE A 92 -5.43 -0.01 -9.94
CA PHE A 92 -5.55 1.39 -9.58
C PHE A 92 -5.79 2.26 -10.81
N THR A 93 -6.91 2.96 -10.80
CA THR A 93 -7.27 3.83 -11.90
C THR A 93 -7.10 5.30 -11.51
N VAL A 94 -6.34 6.02 -12.31
CA VAL A 94 -6.09 7.43 -12.05
C VAL A 94 -6.98 8.27 -12.97
N ILE A 95 -8.17 8.57 -12.45
CA ILE A 95 -9.12 9.37 -13.21
C ILE A 95 -8.60 10.81 -13.32
N ARG A 96 -8.09 11.30 -12.20
CA ARG A 96 -7.55 12.65 -12.17
C ARG A 96 -6.49 12.77 -11.09
N PRO A 97 -5.35 13.41 -11.46
CA PRO A 97 -4.25 13.60 -10.54
C PRO A 97 -4.56 14.70 -9.52
N PHE A 98 -3.87 14.64 -8.39
CA PHE A 98 -4.07 15.61 -7.34
C PHE A 98 -3.46 16.96 -7.72
N PRO A 99 -3.90 18.02 -6.98
CA PRO A 99 -3.41 19.36 -7.24
C PRO A 99 -1.98 19.54 -6.70
N GLY A 100 -1.03 18.99 -7.46
CA GLY A 100 0.36 19.08 -7.07
C GLY A 100 1.10 17.77 -7.38
N LEU A 101 0.31 16.73 -7.63
CA LEU A 101 0.87 15.43 -7.93
C LEU A 101 1.89 15.56 -9.07
N VAL A 102 2.74 14.55 -9.17
CA VAL A 102 3.77 14.55 -10.20
C VAL A 102 3.83 13.16 -10.84
N ILE A 103 4.13 13.15 -12.13
CA ILE A 103 4.23 11.90 -12.86
C ILE A 103 5.54 11.88 -13.67
N ASN A 104 6.04 10.68 -13.89
CA ASN A 104 7.27 10.51 -14.64
C ASN A 104 8.45 10.94 -13.77
N ASN A 105 9.65 10.70 -14.28
CA ASN A 105 10.86 11.06 -13.56
C ASN A 105 10.93 10.25 -12.26
N GLN A 106 11.94 10.57 -11.46
CA GLN A 106 12.13 9.89 -10.19
C GLN A 106 12.29 10.90 -9.06
N LEU A 107 11.95 10.46 -7.86
CA LEU A 107 12.05 11.33 -6.69
C LEU A 107 13.52 11.65 -6.43
N VAL A 108 13.76 12.34 -5.33
CA VAL A 108 15.11 12.71 -4.95
C VAL A 108 15.56 11.88 -3.76
N SER A 109 16.62 11.11 -3.98
CA SER A 109 17.16 10.25 -2.94
C SER A 109 18.64 10.58 -2.72
N GLY A 110 19.27 9.75 -1.89
CA GLY A 110 20.68 9.93 -1.59
C GLY A 110 21.20 8.82 -0.67
N PRO A 111 21.22 7.57 -1.23
CA PRO A 111 21.68 6.43 -0.47
C PRO A 111 23.21 6.44 -0.33
N SER A 112 23.87 6.61 -1.46
CA SER A 112 25.33 6.64 -1.48
C SER A 112 25.81 7.52 -2.64
N SER A 113 25.95 6.88 -3.79
CA SER A 113 26.41 7.58 -4.98
C SER A 113 25.38 8.64 -5.39
N GLY A 114 24.14 8.22 -5.43
CA GLY A 114 23.05 9.12 -5.80
C GLY A 114 23.46 10.01 -6.97
N GLY A 1 -0.93 11.37 18.80
CA GLY A 1 0.13 10.38 18.85
C GLY A 1 1.00 10.43 17.58
N SER A 2 2.27 10.67 17.80
CA SER A 2 3.22 10.74 16.69
C SER A 2 4.52 10.03 17.06
N SER A 3 5.21 9.56 16.02
CA SER A 3 6.47 8.86 16.22
C SER A 3 6.22 7.55 16.97
N GLY A 4 7.00 6.54 16.59
CA GLY A 4 6.87 5.23 17.21
C GLY A 4 7.39 4.14 16.27
N SER A 5 7.67 2.98 16.87
CA SER A 5 8.18 1.85 16.11
C SER A 5 8.36 0.65 17.02
N SER A 6 8.31 -0.53 16.41
CA SER A 6 8.47 -1.77 17.16
C SER A 6 8.98 -2.88 16.23
N GLY A 7 9.59 -3.88 16.84
CA GLY A 7 10.13 -5.00 16.09
C GLY A 7 11.45 -5.48 16.69
N ASP A 8 11.38 -6.62 17.37
CA ASP A 8 12.55 -7.19 17.99
C ASP A 8 12.24 -8.60 18.49
N ASP A 9 13.28 -9.39 18.62
CA ASP A 9 13.12 -10.77 19.08
C ASP A 9 12.06 -11.46 18.24
N ASN A 10 12.51 -12.14 17.20
CA ASN A 10 11.60 -12.85 16.32
C ASN A 10 10.80 -13.87 17.12
N GLU A 11 11.46 -14.44 18.12
CA GLU A 11 10.83 -15.44 18.97
C GLU A 11 9.50 -14.90 19.50
N ARG A 12 9.58 -13.73 20.14
CA ARG A 12 8.39 -13.11 20.69
C ARG A 12 7.41 -12.72 19.58
N LEU A 13 7.97 -12.21 18.50
CA LEU A 13 7.16 -11.80 17.36
C LEU A 13 6.33 -12.99 16.88
N SER A 14 6.74 -13.53 15.75
CA SER A 14 6.05 -14.68 15.17
C SER A 14 4.75 -14.20 14.50
N LYS A 15 3.79 -13.83 15.33
CA LYS A 15 2.51 -13.37 14.84
C LYS A 15 2.66 -11.94 14.30
N VAL A 16 3.53 -11.19 14.96
CA VAL A 16 3.78 -9.81 14.57
C VAL A 16 4.61 -9.79 13.29
N GLU A 17 5.70 -10.54 13.31
CA GLU A 17 6.59 -10.61 12.15
C GLU A 17 5.78 -10.91 10.89
N LYS A 18 4.77 -11.75 11.04
CA LYS A 18 3.92 -12.11 9.92
C LYS A 18 3.08 -10.89 9.51
N ALA A 19 2.64 -10.15 10.52
CA ALA A 19 1.82 -8.98 10.29
C ALA A 19 2.69 -7.88 9.65
N ARG A 20 3.88 -7.71 10.22
CA ARG A 20 4.81 -6.71 9.73
C ARG A 20 5.10 -6.95 8.25
N GLN A 21 5.64 -8.13 7.97
CA GLN A 21 5.97 -8.50 6.60
C GLN A 21 4.79 -8.22 5.67
N LEU A 22 3.64 -8.76 6.05
CA LEU A 22 2.43 -8.58 5.27
C LEU A 22 2.28 -7.10 4.89
N ARG A 23 2.27 -6.26 5.92
CA ARG A 23 2.13 -4.82 5.71
C ARG A 23 3.06 -4.36 4.59
N GLU A 24 4.28 -4.89 4.61
CA GLU A 24 5.27 -4.54 3.61
C GLU A 24 4.81 -5.01 2.23
N GLN A 25 4.36 -6.26 2.18
CA GLN A 25 3.90 -6.84 0.94
C GLN A 25 2.74 -6.01 0.36
N VAL A 26 1.78 -5.73 1.22
CA VAL A 26 0.61 -4.96 0.82
C VAL A 26 1.07 -3.56 0.37
N ASN A 27 1.79 -2.90 1.27
CA ASN A 27 2.29 -1.57 0.99
C ASN A 27 2.96 -1.55 -0.40
N ASP A 28 3.97 -2.40 -0.54
CA ASP A 28 4.69 -2.50 -1.80
C ASP A 28 3.71 -2.89 -2.91
N LEU A 29 2.93 -3.92 -2.62
CA LEU A 29 1.95 -4.40 -3.58
C LEU A 29 1.25 -3.22 -4.25
N PHE A 30 0.63 -2.40 -3.41
CA PHE A 30 -0.08 -1.23 -3.90
C PHE A 30 0.87 -0.30 -4.67
N SER A 31 1.89 0.16 -3.97
CA SER A 31 2.87 1.05 -4.58
C SER A 31 3.17 0.60 -6.01
N ARG A 32 3.77 -0.57 -6.10
CA ARG A 32 4.11 -1.13 -7.40
C ARG A 32 2.95 -0.98 -8.37
N LYS A 33 1.83 -1.58 -8.00
CA LYS A 33 0.64 -1.53 -8.82
C LYS A 33 0.33 -0.07 -9.17
N PHE A 34 0.03 0.71 -8.14
CA PHE A 34 -0.27 2.11 -8.32
C PHE A 34 0.61 2.74 -9.41
N GLY A 35 1.89 2.42 -9.33
CA GLY A 35 2.85 2.94 -10.30
C GLY A 35 2.27 2.88 -11.72
N GLU A 36 1.50 1.83 -11.97
CA GLU A 36 0.89 1.65 -13.28
C GLU A 36 -0.10 2.79 -13.57
N ALA A 37 -0.90 3.10 -12.56
CA ALA A 37 -1.89 4.15 -12.70
C ALA A 37 -1.18 5.47 -13.02
N ILE A 38 0.13 5.47 -12.80
CA ILE A 38 0.93 6.65 -13.06
C ILE A 38 2.00 6.31 -14.11
N GLY A 39 1.82 5.17 -14.74
CA GLY A 39 2.75 4.71 -15.76
C GLY A 39 4.19 4.77 -15.24
N MET A 40 4.31 4.79 -13.92
CA MET A 40 5.62 4.85 -13.29
C MET A 40 6.31 3.48 -13.34
N GLY A 41 7.62 3.52 -13.51
CA GLY A 41 8.40 2.30 -13.58
C GLY A 41 8.93 1.91 -12.20
N PHE A 42 8.20 2.34 -11.18
CA PHE A 42 8.57 2.04 -9.81
C PHE A 42 7.38 2.22 -8.86
N PRO A 43 7.53 1.64 -7.64
CA PRO A 43 6.48 1.73 -6.64
C PRO A 43 6.42 3.14 -6.02
N VAL A 44 5.25 3.73 -6.09
CA VAL A 44 5.05 5.06 -5.54
C VAL A 44 4.16 4.97 -4.30
N LYS A 45 4.13 6.06 -3.55
CA LYS A 45 3.32 6.12 -2.35
C LYS A 45 1.84 5.98 -2.72
N VAL A 46 1.10 5.31 -1.84
CA VAL A 46 -0.32 5.11 -2.07
C VAL A 46 -1.11 5.93 -1.05
N PRO A 47 -1.76 7.01 -1.57
CA PRO A 47 -2.56 7.89 -0.73
C PRO A 47 -3.89 7.22 -0.36
N TYR A 48 -3.81 6.26 0.54
CA TYR A 48 -4.99 5.54 0.98
C TYR A 48 -6.04 6.50 1.54
N ARG A 49 -5.56 7.49 2.28
CA ARG A 49 -6.44 8.48 2.88
C ARG A 49 -7.28 9.16 1.78
N LYS A 50 -6.61 9.93 0.95
CA LYS A 50 -7.28 10.63 -0.13
C LYS A 50 -8.23 9.66 -0.85
N ILE A 51 -7.72 8.47 -1.11
CA ILE A 51 -8.50 7.45 -1.78
C ILE A 51 -9.71 7.08 -0.91
N THR A 52 -9.47 7.09 0.39
CA THR A 52 -10.52 6.75 1.34
C THR A 52 -11.62 7.82 1.33
N ILE A 53 -11.24 9.01 1.76
CA ILE A 53 -12.17 10.13 1.81
C ILE A 53 -12.94 10.20 0.49
N ASN A 54 -12.26 9.82 -0.58
CA ASN A 54 -12.86 9.83 -1.90
C ASN A 54 -11.84 9.34 -2.92
N PRO A 55 -12.21 8.23 -3.63
CA PRO A 55 -11.34 7.65 -4.64
C PRO A 55 -11.34 8.50 -5.91
N GLY A 56 -12.36 9.34 -6.03
CA GLY A 56 -12.48 10.20 -7.18
C GLY A 56 -11.17 10.29 -7.95
N CYS A 57 -10.18 10.92 -7.32
CA CYS A 57 -8.88 11.07 -7.93
C CYS A 57 -8.38 9.68 -8.35
N VAL A 58 -7.75 9.00 -7.40
CA VAL A 58 -7.23 7.66 -7.64
C VAL A 58 -8.21 6.63 -7.09
N VAL A 59 -8.48 5.62 -7.91
CA VAL A 59 -9.38 4.55 -7.53
C VAL A 59 -8.59 3.26 -7.30
N VAL A 60 -9.27 2.29 -6.70
CA VAL A 60 -8.63 1.01 -6.43
C VAL A 60 -9.58 -0.11 -6.85
N ASP A 61 -9.07 -1.00 -7.69
CA ASP A 61 -9.85 -2.13 -8.18
C ASP A 61 -9.15 -3.43 -7.79
N GLY A 62 -9.86 -4.53 -8.00
CA GLY A 62 -9.33 -5.84 -7.69
C GLY A 62 -9.67 -6.24 -6.25
N MET A 63 -9.85 -5.23 -5.42
CA MET A 63 -10.18 -5.46 -4.02
C MET A 63 -11.13 -6.65 -3.87
N PRO A 64 -10.87 -7.46 -2.80
CA PRO A 64 -11.68 -8.64 -2.54
C PRO A 64 -13.05 -8.23 -1.95
N PRO A 65 -13.94 -9.25 -1.84
CA PRO A 65 -15.27 -9.02 -1.30
C PRO A 65 -15.22 -8.84 0.22
N GLY A 66 -16.06 -7.94 0.70
CA GLY A 66 -16.12 -7.67 2.14
C GLY A 66 -14.76 -7.22 2.66
N VAL A 67 -14.02 -6.53 1.81
CA VAL A 67 -12.70 -6.04 2.18
C VAL A 67 -12.52 -4.62 1.66
N SER A 68 -12.41 -3.69 2.60
CA SER A 68 -12.23 -2.29 2.25
C SER A 68 -10.74 -1.97 2.08
N PHE A 69 -10.47 -1.05 1.18
CA PHE A 69 -9.10 -0.65 0.90
C PHE A 69 -8.64 0.43 1.88
N LYS A 70 -7.39 0.30 2.30
CA LYS A 70 -6.82 1.25 3.24
C LYS A 70 -5.39 0.82 3.59
N ALA A 71 -4.66 1.75 4.19
CA ALA A 71 -3.29 1.48 4.59
C ALA A 71 -3.20 0.10 5.23
N PRO A 72 -2.01 -0.54 5.08
CA PRO A 72 -1.79 -1.86 5.64
C PRO A 72 -1.61 -1.78 7.16
N SER A 73 -1.54 -0.55 7.66
CA SER A 73 -1.37 -0.34 9.08
C SER A 73 -2.68 -0.62 9.83
N TYR A 74 -3.78 -0.31 9.16
CA TYR A 74 -5.09 -0.53 9.73
C TYR A 74 -5.59 -1.94 9.45
N LEU A 75 -5.30 -2.41 8.24
CA LEU A 75 -5.71 -3.74 7.83
C LEU A 75 -5.04 -4.78 8.73
N GLU A 76 -5.75 -5.88 8.95
CA GLU A 76 -5.23 -6.95 9.79
C GLU A 76 -4.43 -7.94 8.94
N ILE A 77 -3.95 -8.98 9.61
CA ILE A 77 -3.17 -10.00 8.94
C ILE A 77 -4.02 -10.64 7.83
N SER A 78 -5.11 -11.26 8.26
CA SER A 78 -6.00 -11.92 7.32
C SER A 78 -6.42 -10.93 6.23
N SER A 79 -6.61 -9.68 6.64
CA SER A 79 -7.01 -8.64 5.71
C SER A 79 -5.99 -8.53 4.57
N MET A 80 -4.74 -8.32 4.95
CA MET A 80 -3.67 -8.20 3.98
C MET A 80 -3.59 -9.44 3.10
N ARG A 81 -3.47 -10.59 3.76
CA ARG A 81 -3.37 -11.86 3.05
C ARG A 81 -4.32 -11.85 1.85
N ARG A 82 -5.59 -11.64 2.13
CA ARG A 82 -6.59 -11.61 1.07
C ARG A 82 -6.12 -10.74 -0.09
N ILE A 83 -5.98 -9.45 0.19
CA ILE A 83 -5.54 -8.51 -0.82
C ILE A 83 -4.41 -9.14 -1.64
N LEU A 84 -3.42 -9.64 -0.92
CA LEU A 84 -2.28 -10.27 -1.57
C LEU A 84 -2.78 -11.39 -2.50
N ASP A 85 -3.65 -12.22 -1.97
CA ASP A 85 -4.21 -13.32 -2.74
C ASP A 85 -4.76 -12.79 -4.06
N SER A 86 -5.16 -11.53 -4.03
CA SER A 86 -5.71 -10.88 -5.22
C SER A 86 -4.72 -9.82 -5.74
N ALA A 87 -3.46 -9.98 -5.33
CA ALA A 87 -2.43 -9.05 -5.75
C ALA A 87 -2.51 -8.85 -7.26
N GLU A 88 -2.79 -9.95 -7.96
CA GLU A 88 -2.89 -9.91 -9.41
C GLU A 88 -4.15 -9.16 -9.83
N PHE A 89 -5.14 -9.19 -8.95
CA PHE A 89 -6.40 -8.51 -9.21
C PHE A 89 -6.31 -7.03 -8.87
N ILE A 90 -5.61 -6.75 -7.78
CA ILE A 90 -5.45 -5.38 -7.32
C ILE A 90 -5.19 -4.47 -8.52
N LYS A 91 -5.78 -3.28 -8.47
CA LYS A 91 -5.61 -2.32 -9.55
C LYS A 91 -5.88 -0.91 -9.02
N PHE A 92 -5.36 0.07 -9.73
CA PHE A 92 -5.53 1.46 -9.34
C PHE A 92 -5.72 2.35 -10.56
N THR A 93 -6.85 3.05 -10.58
CA THR A 93 -7.18 3.94 -11.67
C THR A 93 -6.98 5.39 -11.26
N VAL A 94 -6.41 6.17 -12.16
CA VAL A 94 -6.17 7.58 -11.90
C VAL A 94 -7.10 8.42 -12.76
N ILE A 95 -8.35 8.49 -12.34
CA ILE A 95 -9.35 9.25 -13.06
C ILE A 95 -8.89 10.71 -13.17
N ARG A 96 -8.36 11.21 -12.06
CA ARG A 96 -7.88 12.58 -12.02
C ARG A 96 -6.84 12.74 -10.91
N PRO A 97 -5.71 13.43 -11.28
CA PRO A 97 -4.64 13.65 -10.33
C PRO A 97 -5.01 14.74 -9.33
N PHE A 98 -4.26 14.78 -8.24
CA PHE A 98 -4.50 15.77 -7.20
C PHE A 98 -3.96 17.14 -7.61
N PRO A 99 -4.43 18.18 -6.88
CA PRO A 99 -4.01 19.55 -7.16
C PRO A 99 -2.58 19.79 -6.66
N GLY A 100 -1.63 19.28 -7.41
CA GLY A 100 -0.23 19.44 -7.04
C GLY A 100 0.57 18.16 -7.34
N LEU A 101 -0.17 17.09 -7.60
CA LEU A 101 0.44 15.81 -7.90
C LEU A 101 1.26 15.94 -9.18
N VAL A 102 2.27 15.08 -9.29
CA VAL A 102 3.14 15.09 -10.45
C VAL A 102 3.44 13.64 -10.86
N ILE A 103 3.65 13.47 -12.16
CA ILE A 103 3.95 12.16 -12.70
C ILE A 103 5.33 12.16 -13.35
N ASN A 104 6.32 12.54 -12.55
CA ASN A 104 7.69 12.61 -13.03
C ASN A 104 8.48 11.42 -12.47
N ASN A 105 9.48 11.01 -13.23
CA ASN A 105 10.32 9.89 -12.82
C ASN A 105 11.09 10.27 -11.54
N GLN A 106 10.35 10.26 -10.44
CA GLN A 106 10.95 10.60 -9.16
C GLN A 106 10.63 9.51 -8.12
N LEU A 107 11.69 8.95 -7.56
CA LEU A 107 11.54 7.91 -6.56
C LEU A 107 10.69 8.43 -5.39
N VAL A 108 10.40 7.54 -4.47
CA VAL A 108 9.60 7.89 -3.31
C VAL A 108 9.92 6.94 -2.15
N SER A 109 10.92 7.33 -1.37
CA SER A 109 11.33 6.54 -0.24
C SER A 109 11.82 5.16 -0.72
N GLY A 110 13.07 4.86 -0.39
CA GLY A 110 13.66 3.59 -0.78
C GLY A 110 12.84 2.42 -0.26
N PRO A 111 13.29 1.19 -0.62
CA PRO A 111 12.60 -0.01 -0.20
C PRO A 111 12.87 -0.32 1.27
N SER A 112 12.52 0.64 2.11
CA SER A 112 12.72 0.49 3.55
C SER A 112 14.07 -0.17 3.82
N SER A 113 15.04 0.16 2.98
CA SER A 113 16.38 -0.40 3.11
C SER A 113 17.27 0.11 1.98
N GLY A 114 17.09 1.37 1.64
CA GLY A 114 17.87 1.98 0.58
C GLY A 114 19.19 2.55 1.13
N GLY A 1 -6.71 4.72 16.71
CA GLY A 1 -6.18 3.39 16.48
C GLY A 1 -4.66 3.37 16.64
N SER A 2 -3.97 3.20 15.52
CA SER A 2 -2.52 3.15 15.53
C SER A 2 -2.03 1.97 16.37
N SER A 3 -1.93 2.20 17.66
CA SER A 3 -1.49 1.16 18.58
C SER A 3 0.01 0.95 18.45
N GLY A 4 0.60 0.38 19.49
CA GLY A 4 2.02 0.12 19.49
C GLY A 4 2.37 -1.15 18.72
N SER A 5 3.39 -1.85 19.18
CA SER A 5 3.82 -3.07 18.54
C SER A 5 4.97 -3.70 19.33
N SER A 6 6.08 -2.98 19.39
CA SER A 6 7.25 -3.45 20.10
C SER A 6 7.76 -4.75 19.48
N GLY A 7 8.92 -5.19 19.94
CA GLY A 7 9.52 -6.41 19.44
C GLY A 7 11.04 -6.38 19.62
N ASP A 8 11.64 -7.55 19.48
CA ASP A 8 13.08 -7.68 19.61
C ASP A 8 13.53 -8.99 18.97
N ASP A 9 12.84 -10.06 19.34
CA ASP A 9 13.17 -11.38 18.81
C ASP A 9 12.00 -11.88 17.96
N ASN A 10 12.36 -12.62 16.91
CA ASN A 10 11.35 -13.15 16.01
C ASN A 10 10.55 -14.23 16.74
N GLU A 11 11.27 -15.05 17.50
CA GLU A 11 10.64 -16.13 18.25
C GLU A 11 9.38 -15.62 18.95
N ARG A 12 9.55 -14.52 19.67
CA ARG A 12 8.43 -13.91 20.40
C ARG A 12 7.37 -13.42 19.41
N LEU A 13 7.82 -12.66 18.43
CA LEU A 13 6.92 -12.13 17.42
C LEU A 13 6.06 -13.26 16.87
N SER A 14 6.47 -13.77 15.72
CA SER A 14 5.75 -14.85 15.07
C SER A 14 4.48 -14.31 14.40
N LYS A 15 3.52 -13.94 15.24
CA LYS A 15 2.26 -13.40 14.75
C LYS A 15 2.48 -11.97 14.26
N VAL A 16 3.39 -11.29 14.93
CA VAL A 16 3.71 -9.91 14.57
C VAL A 16 4.54 -9.90 13.29
N GLU A 17 5.58 -10.72 13.29
CA GLU A 17 6.46 -10.81 12.14
C GLU A 17 5.65 -11.08 10.86
N LYS A 18 4.49 -11.70 11.06
CA LYS A 18 3.62 -12.02 9.95
C LYS A 18 2.96 -10.74 9.44
N ALA A 19 2.39 -9.99 10.37
CA ALA A 19 1.73 -8.74 10.03
C ALA A 19 2.75 -7.76 9.46
N ARG A 20 3.86 -7.61 10.17
CA ARG A 20 4.92 -6.72 9.74
C ARG A 20 5.24 -6.96 8.27
N GLN A 21 5.67 -8.17 7.98
CA GLN A 21 6.02 -8.54 6.61
C GLN A 21 4.86 -8.22 5.67
N LEU A 22 3.71 -8.80 5.99
CA LEU A 22 2.52 -8.58 5.18
C LEU A 22 2.36 -7.09 4.89
N ARG A 23 2.39 -6.31 5.96
CA ARG A 23 2.25 -4.87 5.84
C ARG A 23 3.20 -4.34 4.76
N GLU A 24 4.37 -4.97 4.67
CA GLU A 24 5.36 -4.57 3.69
C GLU A 24 4.93 -5.02 2.29
N GLN A 25 4.57 -6.29 2.20
CA GLN A 25 4.14 -6.85 0.93
C GLN A 25 2.95 -6.07 0.36
N VAL A 26 2.02 -5.76 1.26
CA VAL A 26 0.83 -5.02 0.87
C VAL A 26 1.24 -3.62 0.41
N ASN A 27 1.90 -2.91 1.31
CA ASN A 27 2.35 -1.56 1.01
C ASN A 27 3.02 -1.54 -0.37
N ASP A 28 4.12 -2.25 -0.47
CA ASP A 28 4.86 -2.33 -1.72
C ASP A 28 3.91 -2.74 -2.84
N LEU A 29 3.15 -3.80 -2.58
CA LEU A 29 2.20 -4.30 -3.56
C LEU A 29 1.44 -3.13 -4.17
N PHE A 30 0.61 -2.50 -3.34
CA PHE A 30 -0.18 -1.37 -3.79
C PHE A 30 0.70 -0.32 -4.48
N SER A 31 1.79 0.01 -3.82
CA SER A 31 2.72 1.00 -4.36
C SER A 31 3.10 0.61 -5.81
N ARG A 32 3.53 -0.63 -5.96
CA ARG A 32 3.91 -1.13 -7.27
C ARG A 32 2.77 -0.95 -8.26
N LYS A 33 1.68 -1.66 -7.99
CA LYS A 33 0.51 -1.59 -8.85
C LYS A 33 0.22 -0.14 -9.21
N PHE A 34 -0.03 0.65 -8.17
CA PHE A 34 -0.32 2.06 -8.36
C PHE A 34 0.59 2.67 -9.42
N GLY A 35 1.86 2.33 -9.32
CA GLY A 35 2.85 2.84 -10.26
C GLY A 35 2.32 2.78 -11.70
N GLU A 36 1.50 1.78 -11.94
CA GLU A 36 0.91 1.58 -13.26
C GLU A 36 -0.06 2.72 -13.58
N ALA A 37 -0.88 3.04 -12.60
CA ALA A 37 -1.86 4.10 -12.76
C ALA A 37 -1.14 5.40 -13.13
N ILE A 38 0.15 5.42 -12.87
CA ILE A 38 0.97 6.58 -13.16
C ILE A 38 2.02 6.22 -14.21
N GLY A 39 1.81 5.07 -14.84
CA GLY A 39 2.73 4.60 -15.86
C GLY A 39 4.18 4.64 -15.36
N MET A 40 4.31 4.67 -14.04
CA MET A 40 5.62 4.71 -13.42
C MET A 40 6.31 3.34 -13.48
N GLY A 41 7.62 3.37 -13.55
CA GLY A 41 8.39 2.15 -13.61
C GLY A 41 8.89 1.73 -12.22
N PHE A 42 8.12 2.14 -11.21
CA PHE A 42 8.45 1.82 -9.84
C PHE A 42 7.25 2.02 -8.91
N PRO A 43 7.35 1.43 -7.69
CA PRO A 43 6.28 1.54 -6.72
C PRO A 43 6.26 2.93 -6.08
N VAL A 44 5.12 3.59 -6.22
CA VAL A 44 4.96 4.93 -5.67
C VAL A 44 4.02 4.87 -4.46
N LYS A 45 4.07 5.91 -3.66
CA LYS A 45 3.23 5.99 -2.47
C LYS A 45 1.76 5.78 -2.87
N VAL A 46 0.97 5.39 -1.89
CA VAL A 46 -0.45 5.15 -2.13
C VAL A 46 -1.27 6.08 -1.24
N PRO A 47 -2.05 6.97 -1.91
CA PRO A 47 -2.88 7.93 -1.21
C PRO A 47 -4.12 7.24 -0.62
N TYR A 48 -3.86 6.33 0.30
CA TYR A 48 -4.94 5.59 0.94
C TYR A 48 -6.01 6.55 1.46
N ARG A 49 -5.56 7.55 2.20
CA ARG A 49 -6.47 8.53 2.77
C ARG A 49 -7.31 9.18 1.67
N LYS A 50 -6.64 9.90 0.78
CA LYS A 50 -7.31 10.56 -0.31
C LYS A 50 -8.29 9.59 -0.96
N ILE A 51 -7.84 8.37 -1.16
CA ILE A 51 -8.66 7.34 -1.76
C ILE A 51 -9.81 6.98 -0.81
N THR A 52 -9.49 7.02 0.48
CA THR A 52 -10.48 6.71 1.49
C THR A 52 -11.59 7.76 1.50
N ILE A 53 -11.21 8.99 1.81
CA ILE A 53 -12.16 10.08 1.85
C ILE A 53 -13.01 10.07 0.58
N ASN A 54 -12.33 10.04 -0.55
CA ASN A 54 -13.01 10.01 -1.83
C ASN A 54 -12.05 9.46 -2.90
N PRO A 55 -12.51 8.37 -3.57
CA PRO A 55 -11.71 7.74 -4.61
C PRO A 55 -11.73 8.57 -5.89
N GLY A 56 -12.78 9.37 -6.03
CA GLY A 56 -12.93 10.22 -7.20
C GLY A 56 -11.61 10.32 -7.97
N CYS A 57 -10.63 10.94 -7.31
CA CYS A 57 -9.33 11.11 -7.91
C CYS A 57 -8.81 9.74 -8.37
N VAL A 58 -8.12 9.07 -7.46
CA VAL A 58 -7.58 7.75 -7.75
C VAL A 58 -8.55 6.68 -7.26
N VAL A 59 -8.72 5.66 -8.09
CA VAL A 59 -9.63 4.57 -7.74
C VAL A 59 -8.80 3.31 -7.47
N VAL A 60 -9.45 2.35 -6.82
CA VAL A 60 -8.79 1.09 -6.50
C VAL A 60 -9.76 -0.06 -6.77
N ASP A 61 -9.30 -0.99 -7.61
CA ASP A 61 -10.11 -2.14 -7.95
C ASP A 61 -9.33 -3.42 -7.62
N GLY A 62 -9.99 -4.54 -7.82
CA GLY A 62 -9.39 -5.83 -7.55
C GLY A 62 -9.60 -6.24 -6.10
N MET A 63 -9.94 -5.26 -5.28
CA MET A 63 -10.18 -5.49 -3.87
C MET A 63 -11.06 -6.72 -3.66
N PRO A 64 -10.74 -7.50 -2.59
CA PRO A 64 -11.50 -8.70 -2.28
C PRO A 64 -12.84 -8.34 -1.64
N PRO A 65 -13.70 -9.39 -1.49
CA PRO A 65 -15.01 -9.20 -0.91
C PRO A 65 -14.92 -9.01 0.61
N GLY A 66 -15.82 -8.19 1.13
CA GLY A 66 -15.85 -7.92 2.56
C GLY A 66 -14.49 -7.40 3.04
N VAL A 67 -13.80 -6.73 2.13
CA VAL A 67 -12.49 -6.18 2.46
C VAL A 67 -12.41 -4.73 1.95
N SER A 68 -12.05 -3.84 2.86
CA SER A 68 -11.93 -2.43 2.51
C SER A 68 -10.46 -2.07 2.29
N PHE A 69 -10.25 -1.16 1.35
CA PHE A 69 -8.90 -0.72 1.02
C PHE A 69 -8.43 0.37 1.98
N LYS A 70 -7.19 0.24 2.40
CA LYS A 70 -6.60 1.22 3.32
C LYS A 70 -5.17 0.79 3.66
N ALA A 71 -4.44 1.73 4.25
CA ALA A 71 -3.07 1.46 4.63
C ALA A 71 -2.98 0.10 5.33
N PRO A 72 -1.78 -0.54 5.19
CA PRO A 72 -1.56 -1.84 5.80
C PRO A 72 -1.38 -1.72 7.32
N SER A 73 -1.40 -0.49 7.78
CA SER A 73 -1.23 -0.22 9.20
C SER A 73 -2.52 -0.54 9.95
N TYR A 74 -3.64 -0.27 9.28
CA TYR A 74 -4.95 -0.52 9.87
C TYR A 74 -5.42 -1.95 9.58
N LEU A 75 -5.16 -2.38 8.35
CA LEU A 75 -5.55 -3.72 7.93
C LEU A 75 -4.85 -4.75 8.81
N GLU A 76 -5.55 -5.84 9.05
CA GLU A 76 -5.01 -6.91 9.88
C GLU A 76 -4.29 -7.95 9.01
N ILE A 77 -3.59 -8.85 9.68
CA ILE A 77 -2.86 -9.89 8.98
C ILE A 77 -3.75 -10.48 7.89
N SER A 78 -4.85 -11.09 8.31
CA SER A 78 -5.78 -11.70 7.38
C SER A 78 -6.04 -10.74 6.21
N SER A 79 -6.51 -9.56 6.56
CA SER A 79 -6.81 -8.55 5.56
C SER A 79 -5.71 -8.52 4.50
N MET A 80 -4.51 -8.19 4.95
CA MET A 80 -3.36 -8.11 4.06
C MET A 80 -3.28 -9.37 3.19
N ARG A 81 -3.29 -10.52 3.85
CA ARG A 81 -3.20 -11.79 3.16
C ARG A 81 -4.18 -11.82 1.98
N ARG A 82 -5.44 -11.53 2.29
CA ARG A 82 -6.47 -11.51 1.27
C ARG A 82 -6.02 -10.68 0.07
N ILE A 83 -5.79 -9.40 0.34
CA ILE A 83 -5.36 -8.48 -0.71
C ILE A 83 -4.29 -9.16 -1.57
N LEU A 84 -3.27 -9.68 -0.89
CA LEU A 84 -2.18 -10.36 -1.57
C LEU A 84 -2.76 -11.44 -2.49
N ASP A 85 -3.64 -12.25 -1.92
CA ASP A 85 -4.27 -13.32 -2.68
C ASP A 85 -4.82 -12.77 -3.99
N SER A 86 -5.10 -11.47 -3.97
CA SER A 86 -5.63 -10.81 -5.15
C SER A 86 -4.66 -9.72 -5.62
N ALA A 87 -3.40 -9.89 -5.25
CA ALA A 87 -2.38 -8.94 -5.62
C ALA A 87 -2.45 -8.67 -7.12
N GLU A 88 -2.72 -9.73 -7.87
CA GLU A 88 -2.82 -9.63 -9.31
C GLU A 88 -4.13 -8.93 -9.71
N PHE A 89 -5.11 -9.06 -8.82
CA PHE A 89 -6.41 -8.45 -9.06
C PHE A 89 -6.38 -6.95 -8.77
N ILE A 90 -5.66 -6.59 -7.72
CA ILE A 90 -5.54 -5.21 -7.33
C ILE A 90 -5.36 -4.35 -8.58
N LYS A 91 -5.83 -3.11 -8.48
CA LYS A 91 -5.73 -2.17 -9.59
C LYS A 91 -5.94 -0.75 -9.08
N PHE A 92 -5.40 0.20 -9.83
CA PHE A 92 -5.51 1.60 -9.47
C PHE A 92 -5.72 2.47 -10.71
N THR A 93 -6.86 3.16 -10.73
CA THR A 93 -7.20 4.03 -11.84
C THR A 93 -7.05 5.49 -11.43
N VAL A 94 -6.29 6.22 -12.23
CA VAL A 94 -6.06 7.63 -11.96
C VAL A 94 -7.01 8.47 -12.82
N ILE A 95 -8.25 8.57 -12.35
CA ILE A 95 -9.26 9.34 -13.07
C ILE A 95 -8.85 10.81 -13.09
N ARG A 96 -8.62 11.35 -11.90
CA ARG A 96 -8.23 12.73 -11.77
C ARG A 96 -7.06 12.87 -10.79
N PRO A 97 -6.02 13.63 -11.23
CA PRO A 97 -4.85 13.84 -10.41
C PRO A 97 -5.13 14.84 -9.29
N PHE A 98 -4.35 14.74 -8.23
CA PHE A 98 -4.50 15.61 -7.09
C PHE A 98 -3.88 16.99 -7.36
N PRO A 99 -4.27 17.98 -6.52
CA PRO A 99 -3.76 19.33 -6.66
C PRO A 99 -2.32 19.43 -6.16
N GLY A 100 -1.39 19.06 -7.04
CA GLY A 100 0.01 19.10 -6.70
C GLY A 100 0.71 17.80 -7.09
N LEU A 101 -0.10 16.85 -7.54
CA LEU A 101 0.43 15.55 -7.94
C LEU A 101 1.30 15.72 -9.19
N VAL A 102 2.28 14.85 -9.31
CA VAL A 102 3.18 14.89 -10.44
C VAL A 102 3.54 13.47 -10.87
N ILE A 103 3.98 13.34 -12.11
CA ILE A 103 4.35 12.04 -12.64
C ILE A 103 5.85 12.03 -12.95
N ASN A 104 6.62 12.52 -11.99
CA ASN A 104 8.07 12.56 -12.15
C ASN A 104 8.73 11.79 -11.01
N ASN A 105 9.70 10.96 -11.38
CA ASN A 105 10.41 10.16 -10.40
C ASN A 105 10.78 11.03 -9.19
N GLN A 106 10.76 10.42 -8.02
CA GLN A 106 11.08 11.14 -6.80
C GLN A 106 10.84 10.24 -5.58
N LEU A 107 11.54 10.55 -4.51
CA LEU A 107 11.41 9.78 -3.28
C LEU A 107 11.41 8.29 -3.61
N VAL A 108 11.06 7.49 -2.61
CA VAL A 108 11.02 6.05 -2.79
C VAL A 108 12.22 5.61 -3.62
N SER A 109 13.39 5.67 -3.00
CA SER A 109 14.61 5.28 -3.67
C SER A 109 14.89 3.80 -3.44
N GLY A 110 15.07 3.45 -2.17
CA GLY A 110 15.35 2.07 -1.81
C GLY A 110 16.74 1.93 -1.21
N PRO A 111 16.77 1.63 0.12
CA PRO A 111 18.03 1.47 0.82
C PRO A 111 18.68 0.12 0.47
N SER A 112 19.68 -0.24 1.27
CA SER A 112 20.38 -1.49 1.06
C SER A 112 19.72 -2.61 1.85
N SER A 113 18.39 -2.57 1.85
CA SER A 113 17.61 -3.58 2.56
C SER A 113 16.12 -3.31 2.39
N GLY A 114 15.75 -2.93 1.17
CA GLY A 114 14.36 -2.64 0.86
C GLY A 114 13.53 -3.93 0.81
N GLY A 1 -10.50 -8.55 19.68
CA GLY A 1 -9.26 -7.85 19.36
C GLY A 1 -9.48 -6.35 19.27
N SER A 2 -8.40 -5.60 19.47
CA SER A 2 -8.46 -4.16 19.42
C SER A 2 -7.20 -3.60 18.76
N SER A 3 -6.06 -3.92 19.37
CA SER A 3 -4.78 -3.47 18.86
C SER A 3 -3.78 -4.62 18.85
N GLY A 4 -2.64 -4.38 18.23
CA GLY A 4 -1.59 -5.38 18.14
C GLY A 4 -0.20 -4.73 18.17
N SER A 5 0.55 -5.07 19.20
CA SER A 5 1.89 -4.53 19.35
C SER A 5 2.62 -5.25 20.49
N SER A 6 3.92 -5.05 20.55
CA SER A 6 4.74 -5.67 21.57
C SER A 6 6.20 -5.22 21.42
N GLY A 7 6.75 -5.51 20.25
CA GLY A 7 8.13 -5.15 19.97
C GLY A 7 9.09 -6.02 20.75
N ASP A 8 9.69 -6.98 20.05
CA ASP A 8 10.64 -7.90 20.67
C ASP A 8 11.22 -8.82 19.61
N ASP A 9 12.08 -9.72 20.06
CA ASP A 9 12.70 -10.68 19.15
C ASP A 9 11.62 -11.35 18.31
N ASN A 10 12.05 -11.86 17.16
CA ASN A 10 11.13 -12.55 16.26
C ASN A 10 10.47 -13.71 16.99
N GLU A 11 11.24 -14.32 17.88
CA GLU A 11 10.73 -15.44 18.65
C GLU A 11 9.40 -15.08 19.31
N ARG A 12 9.41 -13.98 20.03
CA ARG A 12 8.23 -13.52 20.72
C ARG A 12 7.16 -13.09 19.70
N LEU A 13 7.63 -12.40 18.67
CA LEU A 13 6.73 -11.93 17.62
C LEU A 13 5.91 -13.09 17.10
N SER A 14 6.32 -13.60 15.94
CA SER A 14 5.63 -14.72 15.32
C SER A 14 4.40 -14.21 14.57
N LYS A 15 3.40 -13.80 15.33
CA LYS A 15 2.17 -13.30 14.75
C LYS A 15 2.40 -11.87 14.24
N VAL A 16 3.23 -11.14 14.97
CA VAL A 16 3.55 -9.78 14.60
C VAL A 16 4.45 -9.77 13.35
N GLU A 17 5.48 -10.59 13.42
CA GLU A 17 6.42 -10.69 12.31
C GLU A 17 5.67 -10.94 11.00
N LYS A 18 4.61 -11.73 11.11
CA LYS A 18 3.80 -12.05 9.93
C LYS A 18 3.04 -10.79 9.49
N ALA A 19 2.55 -10.05 10.47
CA ALA A 19 1.81 -8.84 10.19
C ALA A 19 2.75 -7.80 9.58
N ARG A 20 3.85 -7.56 10.28
CA ARG A 20 4.84 -6.59 9.82
C ARG A 20 5.18 -6.85 8.34
N GLN A 21 5.67 -8.06 8.08
CA GLN A 21 6.04 -8.43 6.73
C GLN A 21 4.89 -8.13 5.76
N LEU A 22 3.77 -8.78 6.01
CA LEU A 22 2.60 -8.60 5.17
C LEU A 22 2.42 -7.11 4.88
N ARG A 23 2.30 -6.34 5.95
CA ARG A 23 2.13 -4.90 5.82
C ARG A 23 3.08 -4.33 4.77
N GLU A 24 4.32 -4.83 4.81
CA GLU A 24 5.32 -4.38 3.86
C GLU A 24 4.94 -4.80 2.45
N GLN A 25 4.54 -6.05 2.31
CA GLN A 25 4.14 -6.57 1.01
C GLN A 25 2.97 -5.77 0.45
N VAL A 26 1.93 -5.68 1.25
CA VAL A 26 0.74 -4.93 0.85
C VAL A 26 1.15 -3.54 0.37
N ASN A 27 1.89 -2.86 1.22
CA ASN A 27 2.35 -1.52 0.90
C ASN A 27 2.96 -1.52 -0.51
N ASP A 28 4.11 -2.17 -0.62
CA ASP A 28 4.80 -2.25 -1.89
C ASP A 28 3.82 -2.70 -2.97
N LEU A 29 3.07 -3.74 -2.65
CA LEU A 29 2.10 -4.28 -3.58
C LEU A 29 1.36 -3.13 -4.26
N PHE A 30 0.59 -2.41 -3.45
CA PHE A 30 -0.18 -1.28 -3.97
C PHE A 30 0.73 -0.31 -4.73
N SER A 31 1.81 0.08 -4.06
CA SER A 31 2.76 1.00 -4.66
C SER A 31 3.15 0.52 -6.06
N ARG A 32 3.58 -0.73 -6.11
CA ARG A 32 3.98 -1.33 -7.39
C ARG A 32 2.91 -1.10 -8.45
N LYS A 33 1.79 -1.78 -8.26
CA LYS A 33 0.67 -1.66 -9.19
C LYS A 33 0.34 -0.18 -9.41
N PHE A 34 0.12 0.51 -8.29
CA PHE A 34 -0.20 1.92 -8.34
C PHE A 34 0.65 2.65 -9.39
N GLY A 35 1.91 2.24 -9.45
CA GLY A 35 2.84 2.84 -10.40
C GLY A 35 2.24 2.87 -11.81
N GLU A 36 1.45 1.84 -12.11
CA GLU A 36 0.82 1.74 -13.41
C GLU A 36 -0.19 2.88 -13.60
N ALA A 37 -0.98 3.10 -12.55
CA ALA A 37 -1.98 4.15 -12.59
C ALA A 37 -1.32 5.48 -12.95
N ILE A 38 -0.01 5.52 -12.76
CA ILE A 38 0.76 6.71 -13.04
C ILE A 38 1.77 6.41 -14.14
N GLY A 39 1.53 5.30 -14.84
CA GLY A 39 2.41 4.89 -15.92
C GLY A 39 3.88 4.91 -15.47
N MET A 40 4.06 4.86 -14.16
CA MET A 40 5.40 4.87 -13.59
C MET A 40 6.06 3.50 -13.74
N GLY A 41 7.39 3.51 -13.72
CA GLY A 41 8.16 2.28 -13.85
C GLY A 41 8.71 1.84 -12.49
N PHE A 42 8.00 2.21 -11.45
CA PHE A 42 8.40 1.86 -10.10
C PHE A 42 7.24 2.00 -9.11
N PRO A 43 7.43 1.39 -7.92
CA PRO A 43 6.40 1.44 -6.89
C PRO A 43 6.38 2.82 -6.22
N VAL A 44 5.26 3.52 -6.41
CA VAL A 44 5.10 4.84 -5.83
C VAL A 44 4.17 4.76 -4.62
N LYS A 45 4.30 5.73 -3.73
CA LYS A 45 3.48 5.77 -2.54
C LYS A 45 2.00 5.72 -2.94
N VAL A 46 1.18 5.28 -2.00
CA VAL A 46 -0.25 5.18 -2.24
C VAL A 46 -1.00 5.99 -1.19
N PRO A 47 -1.68 7.07 -1.67
CA PRO A 47 -2.44 7.93 -0.78
C PRO A 47 -3.74 7.26 -0.34
N TYR A 48 -3.60 6.32 0.58
CA TYR A 48 -4.76 5.59 1.09
C TYR A 48 -5.78 6.56 1.68
N ARG A 49 -5.27 7.58 2.36
CA ARG A 49 -6.13 8.57 2.98
C ARG A 49 -6.97 9.28 1.92
N LYS A 50 -6.30 10.03 1.07
CA LYS A 50 -6.96 10.77 0.01
C LYS A 50 -7.93 9.82 -0.73
N ILE A 51 -7.52 8.57 -0.82
CA ILE A 51 -8.32 7.56 -1.48
C ILE A 51 -9.47 7.15 -0.57
N THR A 52 -9.21 7.17 0.73
CA THR A 52 -10.21 6.81 1.71
C THR A 52 -11.36 7.81 1.70
N ILE A 53 -11.02 9.06 1.98
CA ILE A 53 -12.01 10.12 2.00
C ILE A 53 -12.84 10.07 0.72
N ASN A 54 -12.13 10.07 -0.40
CA ASN A 54 -12.79 10.02 -1.70
C ASN A 54 -11.81 9.46 -2.74
N PRO A 55 -12.20 8.29 -3.31
CA PRO A 55 -11.38 7.64 -4.31
C PRO A 55 -11.47 8.37 -5.65
N GLY A 56 -12.57 9.09 -5.83
CA GLY A 56 -12.79 9.83 -7.06
C GLY A 56 -11.49 9.97 -7.86
N CYS A 57 -10.53 10.64 -7.25
CA CYS A 57 -9.25 10.85 -7.89
C CYS A 57 -8.68 9.50 -8.32
N VAL A 58 -8.11 8.80 -7.35
CA VAL A 58 -7.53 7.49 -7.61
C VAL A 58 -8.49 6.42 -7.10
N VAL A 59 -8.79 5.47 -7.98
CA VAL A 59 -9.69 4.38 -7.63
C VAL A 59 -8.88 3.11 -7.39
N VAL A 60 -9.54 2.11 -6.83
CA VAL A 60 -8.89 0.84 -6.55
C VAL A 60 -9.81 -0.30 -6.97
N ASP A 61 -9.23 -1.26 -7.68
CA ASP A 61 -9.99 -2.41 -8.15
C ASP A 61 -9.22 -3.69 -7.82
N GLY A 62 -9.89 -4.81 -8.02
CA GLY A 62 -9.28 -6.10 -7.75
C GLY A 62 -9.53 -6.53 -6.30
N MET A 63 -9.51 -5.55 -5.42
CA MET A 63 -9.73 -5.81 -4.01
C MET A 63 -10.77 -6.92 -3.80
N PRO A 64 -10.59 -7.67 -2.69
CA PRO A 64 -11.51 -8.76 -2.37
C PRO A 64 -12.83 -8.22 -1.84
N PRO A 65 -13.83 -9.15 -1.77
CA PRO A 65 -15.15 -8.78 -1.27
C PRO A 65 -15.15 -8.61 0.24
N GLY A 66 -15.92 -7.63 0.70
CA GLY A 66 -16.01 -7.37 2.13
C GLY A 66 -14.66 -6.92 2.69
N VAL A 67 -13.82 -6.42 1.79
CA VAL A 67 -12.50 -5.95 2.18
C VAL A 67 -12.24 -4.60 1.54
N SER A 68 -12.32 -3.57 2.37
CA SER A 68 -12.09 -2.21 1.90
C SER A 68 -10.60 -1.97 1.68
N PHE A 69 -10.30 -0.93 0.91
CA PHE A 69 -8.91 -0.60 0.61
C PHE A 69 -8.42 0.52 1.53
N LYS A 70 -7.20 0.34 2.03
CA LYS A 70 -6.61 1.33 2.92
C LYS A 70 -5.17 0.91 3.25
N ALA A 71 -4.54 1.70 4.10
CA ALA A 71 -3.17 1.42 4.49
C ALA A 71 -3.10 0.02 5.12
N PRO A 72 -1.90 -0.59 5.01
CA PRO A 72 -1.69 -1.92 5.55
C PRO A 72 -1.55 -1.88 7.08
N SER A 73 -1.41 -0.67 7.59
CA SER A 73 -1.27 -0.47 9.03
C SER A 73 -2.59 -0.79 9.72
N TYR A 74 -3.68 -0.30 9.12
CA TYR A 74 -4.99 -0.53 9.68
C TYR A 74 -5.50 -1.94 9.35
N LEU A 75 -5.25 -2.35 8.12
CA LEU A 75 -5.66 -3.67 7.66
C LEU A 75 -4.99 -4.74 8.54
N GLU A 76 -5.75 -5.79 8.81
CA GLU A 76 -5.24 -6.88 9.63
C GLU A 76 -4.50 -7.89 8.76
N ILE A 77 -3.87 -8.85 9.43
CA ILE A 77 -3.11 -9.89 8.75
C ILE A 77 -4.01 -10.54 7.68
N SER A 78 -5.09 -11.12 8.16
CA SER A 78 -6.03 -11.78 7.27
C SER A 78 -6.35 -10.88 6.08
N SER A 79 -6.51 -9.59 6.38
CA SER A 79 -6.82 -8.62 5.33
C SER A 79 -5.70 -8.59 4.30
N MET A 80 -4.48 -8.38 4.78
CA MET A 80 -3.32 -8.33 3.91
C MET A 80 -3.21 -9.61 3.07
N ARG A 81 -3.36 -10.74 3.74
CA ARG A 81 -3.28 -12.02 3.08
C ARG A 81 -4.20 -12.05 1.85
N ARG A 82 -5.46 -11.70 2.09
CA ARG A 82 -6.44 -11.68 1.01
C ARG A 82 -5.94 -10.80 -0.14
N ILE A 83 -5.82 -9.51 0.14
CA ILE A 83 -5.36 -8.56 -0.85
C ILE A 83 -4.22 -9.19 -1.66
N LEU A 84 -3.22 -9.67 -0.95
CA LEU A 84 -2.07 -10.29 -1.59
C LEU A 84 -2.55 -11.37 -2.56
N ASP A 85 -3.41 -12.24 -2.04
CA ASP A 85 -3.95 -13.32 -2.85
C ASP A 85 -4.52 -12.74 -4.15
N SER A 86 -4.90 -11.48 -4.08
CA SER A 86 -5.46 -10.79 -5.23
C SER A 86 -4.52 -9.67 -5.68
N ALA A 87 -3.26 -9.81 -5.29
CA ALA A 87 -2.26 -8.81 -5.64
C ALA A 87 -2.39 -8.48 -7.12
N GLU A 88 -2.34 -9.51 -7.95
CA GLU A 88 -2.46 -9.34 -9.39
C GLU A 88 -3.79 -8.68 -9.75
N PHE A 89 -4.82 -9.08 -9.01
CA PHE A 89 -6.15 -8.53 -9.24
C PHE A 89 -6.19 -7.03 -8.92
N ILE A 90 -5.52 -6.67 -7.84
CA ILE A 90 -5.47 -5.29 -7.41
C ILE A 90 -5.28 -4.39 -8.64
N LYS A 91 -5.92 -3.23 -8.58
CA LYS A 91 -5.84 -2.28 -9.67
C LYS A 91 -6.02 -0.87 -9.13
N PHE A 92 -5.55 0.11 -9.90
CA PHE A 92 -5.66 1.50 -9.51
C PHE A 92 -5.90 2.39 -10.73
N THR A 93 -7.04 3.06 -10.72
CA THR A 93 -7.41 3.95 -11.81
C THR A 93 -7.28 5.41 -11.37
N VAL A 94 -6.53 6.17 -12.15
CA VAL A 94 -6.32 7.57 -11.85
C VAL A 94 -7.26 8.42 -12.72
N ILE A 95 -8.49 8.58 -12.24
CA ILE A 95 -9.48 9.35 -12.95
C ILE A 95 -9.01 10.79 -13.06
N ARG A 96 -8.74 11.38 -11.90
CA ARG A 96 -8.28 12.76 -11.85
C ARG A 96 -7.16 12.91 -10.81
N PRO A 97 -6.09 13.63 -11.24
CA PRO A 97 -4.95 13.86 -10.36
C PRO A 97 -5.28 14.90 -9.30
N PHE A 98 -4.45 14.93 -8.26
CA PHE A 98 -4.64 15.87 -7.17
C PHE A 98 -4.02 17.23 -7.51
N PRO A 99 -4.40 18.26 -6.70
CA PRO A 99 -3.88 19.60 -6.90
C PRO A 99 -2.43 19.71 -6.42
N GLY A 100 -1.53 19.21 -7.25
CA GLY A 100 -0.12 19.25 -6.93
C GLY A 100 0.59 17.97 -7.40
N LEU A 101 -0.22 16.98 -7.73
CA LEU A 101 0.31 15.71 -8.21
C LEU A 101 1.01 15.92 -9.55
N VAL A 102 1.92 15.01 -9.85
CA VAL A 102 2.67 15.08 -11.09
C VAL A 102 3.15 13.68 -11.48
N ILE A 103 3.19 13.45 -12.79
CA ILE A 103 3.63 12.15 -13.29
C ILE A 103 4.93 12.34 -14.09
N ASN A 104 4.79 12.88 -15.28
CA ASN A 104 5.93 13.11 -16.14
C ASN A 104 6.50 11.77 -16.60
N ASN A 105 7.09 11.05 -15.65
CA ASN A 105 7.67 9.75 -15.95
C ASN A 105 8.65 9.38 -14.83
N GLN A 106 9.56 10.29 -14.55
CA GLN A 106 10.55 10.07 -13.50
C GLN A 106 11.42 11.31 -13.33
N LEU A 107 12.33 11.22 -12.36
CA LEU A 107 13.24 12.32 -12.09
C LEU A 107 14.60 12.03 -12.72
N VAL A 108 15.47 13.02 -12.63
CA VAL A 108 16.82 12.89 -13.19
C VAL A 108 17.79 13.72 -12.35
N SER A 109 17.86 13.38 -11.07
CA SER A 109 18.75 14.09 -10.16
C SER A 109 18.62 15.61 -10.38
N GLY A 110 17.61 16.18 -9.75
CA GLY A 110 17.37 17.61 -9.86
C GLY A 110 18.52 18.41 -9.25
N PRO A 111 18.42 19.76 -9.38
CA PRO A 111 19.44 20.64 -8.85
C PRO A 111 19.36 20.74 -7.32
N SER A 112 20.20 21.59 -6.77
CA SER A 112 20.23 21.79 -5.33
C SER A 112 18.80 21.80 -4.77
N SER A 113 18.45 20.71 -4.10
CA SER A 113 17.13 20.59 -3.52
C SER A 113 16.09 20.32 -4.62
N GLY A 114 15.97 21.27 -5.52
CA GLY A 114 15.03 21.15 -6.62
C GLY A 114 13.59 21.27 -6.12
N GLY A 1 31.51 5.19 20.11
CA GLY A 1 30.25 5.11 20.82
C GLY A 1 29.07 4.99 19.85
N SER A 2 28.39 6.11 19.66
CA SER A 2 27.25 6.14 18.76
C SER A 2 26.24 5.06 19.16
N SER A 3 25.54 5.32 20.24
CA SER A 3 24.53 4.39 20.73
C SER A 3 23.60 3.97 19.60
N GLY A 4 23.14 2.73 19.67
CA GLY A 4 22.25 2.21 18.65
C GLY A 4 21.94 0.74 18.91
N SER A 5 20.66 0.43 19.02
CA SER A 5 20.22 -0.94 19.26
C SER A 5 18.70 -1.02 19.21
N SER A 6 18.22 -2.10 18.60
CA SER A 6 16.78 -2.31 18.49
C SER A 6 16.41 -3.70 19.00
N GLY A 7 17.01 -4.71 18.36
CA GLY A 7 16.75 -6.08 18.74
C GLY A 7 15.88 -6.79 17.69
N ASP A 8 15.62 -8.06 17.95
CA ASP A 8 14.80 -8.85 17.04
C ASP A 8 14.68 -10.28 17.58
N ASP A 9 13.45 -10.73 17.70
CA ASP A 9 13.18 -12.07 18.20
C ASP A 9 11.90 -12.61 17.56
N ASN A 10 12.10 -13.44 16.55
CA ASN A 10 10.96 -14.03 15.85
C ASN A 10 10.19 -14.94 16.80
N GLU A 11 10.94 -15.64 17.65
CA GLU A 11 10.34 -16.55 18.61
C GLU A 11 9.10 -15.90 19.24
N ARG A 12 9.28 -14.66 19.66
CA ARG A 12 8.19 -13.92 20.28
C ARG A 12 7.21 -13.43 19.23
N LEU A 13 7.72 -12.59 18.33
CA LEU A 13 6.91 -12.04 17.26
C LEU A 13 6.00 -13.14 16.70
N SER A 14 6.50 -13.81 15.67
CA SER A 14 5.75 -14.88 15.04
C SER A 14 4.51 -14.32 14.34
N LYS A 15 3.52 -13.99 15.16
CA LYS A 15 2.28 -13.44 14.64
C LYS A 15 2.53 -12.01 14.17
N VAL A 16 3.33 -11.29 14.93
CA VAL A 16 3.65 -9.92 14.60
C VAL A 16 4.48 -9.88 13.33
N GLU A 17 5.52 -10.71 13.30
CA GLU A 17 6.39 -10.78 12.15
C GLU A 17 5.57 -11.00 10.87
N LYS A 18 4.45 -11.69 11.04
CA LYS A 18 3.58 -11.97 9.91
C LYS A 18 2.91 -10.68 9.45
N ALA A 19 2.41 -9.92 10.42
CA ALA A 19 1.75 -8.67 10.14
C ALA A 19 2.76 -7.68 9.57
N ARG A 20 3.92 -7.63 10.22
CA ARG A 20 4.98 -6.74 9.78
C ARG A 20 5.31 -6.97 8.31
N GLN A 21 5.64 -8.21 8.00
CA GLN A 21 5.98 -8.59 6.64
C GLN A 21 4.83 -8.23 5.70
N LEU A 22 3.69 -8.84 5.95
CA LEU A 22 2.51 -8.61 5.13
C LEU A 22 2.38 -7.11 4.86
N ARG A 23 2.45 -6.34 5.93
CA ARG A 23 2.34 -4.89 5.83
C ARG A 23 3.30 -4.36 4.76
N GLU A 24 4.49 -4.96 4.73
CA GLU A 24 5.50 -4.56 3.78
C GLU A 24 5.08 -4.96 2.36
N GLN A 25 4.58 -6.19 2.25
CA GLN A 25 4.14 -6.69 0.96
C GLN A 25 2.95 -5.89 0.45
N VAL A 26 1.92 -5.80 1.28
CA VAL A 26 0.72 -5.06 0.92
C VAL A 26 1.11 -3.65 0.47
N ASN A 27 1.84 -2.97 1.33
CA ASN A 27 2.29 -1.62 1.04
C ASN A 27 2.89 -1.58 -0.37
N ASP A 28 4.06 -2.22 -0.49
CA ASP A 28 4.74 -2.27 -1.77
C ASP A 28 3.75 -2.67 -2.86
N LEU A 29 3.02 -3.74 -2.60
CA LEU A 29 2.04 -4.24 -3.55
C LEU A 29 1.25 -3.05 -4.11
N PHE A 30 0.50 -2.41 -3.23
CA PHE A 30 -0.31 -1.27 -3.63
C PHE A 30 0.54 -0.23 -4.38
N SER A 31 1.73 0.01 -3.85
CA SER A 31 2.64 0.97 -4.46
C SER A 31 2.95 0.55 -5.90
N ARG A 32 3.43 -0.67 -6.04
CA ARG A 32 3.76 -1.20 -7.35
C ARG A 32 2.61 -0.98 -8.32
N LYS A 33 1.45 -1.49 -7.94
CA LYS A 33 0.27 -1.35 -8.77
C LYS A 33 0.09 0.11 -9.18
N PHE A 34 -0.25 0.93 -8.20
CA PHE A 34 -0.44 2.35 -8.44
C PHE A 34 0.56 2.87 -9.48
N GLY A 35 1.72 2.26 -9.49
CA GLY A 35 2.76 2.64 -10.43
C GLY A 35 2.20 2.83 -11.84
N GLU A 36 1.79 1.71 -12.43
CA GLU A 36 1.23 1.73 -13.77
C GLU A 36 0.15 2.81 -13.86
N ALA A 37 -0.56 3.01 -12.76
CA ALA A 37 -1.62 4.00 -12.71
C ALA A 37 -1.05 5.36 -13.11
N ILE A 38 0.25 5.50 -12.94
CA ILE A 38 0.93 6.75 -13.27
C ILE A 38 1.97 6.48 -14.36
N GLY A 39 1.79 5.37 -15.04
CA GLY A 39 2.72 4.98 -16.10
C GLY A 39 4.15 4.94 -15.59
N MET A 40 4.28 4.88 -14.27
CA MET A 40 5.59 4.84 -13.64
C MET A 40 6.18 3.43 -13.71
N GLY A 41 7.50 3.38 -13.72
CA GLY A 41 8.21 2.10 -13.78
C GLY A 41 8.52 1.59 -12.37
N PHE A 42 8.47 2.50 -11.42
CA PHE A 42 8.74 2.16 -10.04
C PHE A 42 7.50 2.31 -9.16
N PRO A 43 7.54 1.69 -7.96
CA PRO A 43 6.43 1.76 -7.03
C PRO A 43 6.35 3.13 -6.37
N VAL A 44 5.19 3.76 -6.52
CA VAL A 44 4.98 5.08 -5.93
C VAL A 44 4.06 4.94 -4.72
N LYS A 45 4.17 5.93 -3.84
CA LYS A 45 3.35 5.93 -2.63
C LYS A 45 1.88 5.77 -3.01
N VAL A 46 1.09 5.36 -2.04
CA VAL A 46 -0.33 5.16 -2.25
C VAL A 46 -1.12 6.03 -1.27
N PRO A 47 -1.84 7.03 -1.85
CA PRO A 47 -2.64 7.94 -1.04
C PRO A 47 -3.92 7.25 -0.55
N TYR A 48 -3.72 6.26 0.30
CA TYR A 48 -4.85 5.51 0.85
C TYR A 48 -5.89 6.46 1.44
N ARG A 49 -5.40 7.48 2.13
CA ARG A 49 -6.27 8.47 2.75
C ARG A 49 -7.20 9.08 1.70
N LYS A 50 -6.60 9.84 0.80
CA LYS A 50 -7.36 10.49 -0.26
C LYS A 50 -8.34 9.49 -0.87
N ILE A 51 -7.80 8.33 -1.23
CA ILE A 51 -8.62 7.29 -1.83
C ILE A 51 -9.76 6.93 -0.86
N THR A 52 -9.46 7.01 0.42
CA THR A 52 -10.45 6.70 1.44
C THR A 52 -11.53 7.77 1.48
N ILE A 53 -11.12 8.97 1.88
CA ILE A 53 -12.05 10.09 1.96
C ILE A 53 -12.89 10.15 0.68
N ASN A 54 -12.28 9.72 -0.41
CA ASN A 54 -12.95 9.72 -1.69
C ASN A 54 -11.98 9.22 -2.77
N PRO A 55 -12.41 8.13 -3.46
CA PRO A 55 -11.60 7.54 -4.52
C PRO A 55 -11.63 8.41 -5.78
N GLY A 56 -12.71 9.18 -5.91
CA GLY A 56 -12.88 10.05 -7.05
C GLY A 56 -11.56 10.22 -7.82
N CYS A 57 -10.61 10.85 -7.14
CA CYS A 57 -9.30 11.08 -7.74
C CYS A 57 -8.75 9.73 -8.24
N VAL A 58 -8.16 9.01 -7.30
CA VAL A 58 -7.59 7.71 -7.62
C VAL A 58 -8.55 6.61 -7.17
N VAL A 59 -8.75 5.65 -8.05
CA VAL A 59 -9.64 4.53 -7.75
C VAL A 59 -8.82 3.28 -7.48
N VAL A 60 -9.48 2.28 -6.92
CA VAL A 60 -8.82 1.03 -6.59
C VAL A 60 -9.76 -0.14 -6.88
N ASP A 61 -9.27 -1.08 -7.67
CA ASP A 61 -10.06 -2.25 -8.03
C ASP A 61 -9.24 -3.51 -7.76
N GLY A 62 -9.88 -4.66 -7.99
CA GLY A 62 -9.24 -5.94 -7.76
C GLY A 62 -9.46 -6.42 -6.34
N MET A 63 -9.56 -5.45 -5.43
CA MET A 63 -9.77 -5.78 -4.02
C MET A 63 -10.77 -6.92 -3.86
N PRO A 64 -10.61 -7.68 -2.75
CA PRO A 64 -11.49 -8.79 -2.47
C PRO A 64 -12.84 -8.31 -1.96
N PRO A 65 -13.83 -9.24 -1.95
CA PRO A 65 -15.17 -8.91 -1.50
C PRO A 65 -15.22 -8.81 0.02
N GLY A 66 -16.00 -7.84 0.49
CA GLY A 66 -16.13 -7.63 1.93
C GLY A 66 -14.81 -7.19 2.55
N VAL A 67 -13.95 -6.65 1.70
CA VAL A 67 -12.65 -6.18 2.16
C VAL A 67 -12.40 -4.78 1.60
N SER A 68 -12.39 -3.81 2.51
CA SER A 68 -12.16 -2.43 2.13
C SER A 68 -10.66 -2.19 1.89
N PHE A 69 -10.38 -1.13 1.15
CA PHE A 69 -9.00 -0.79 0.85
C PHE A 69 -8.51 0.35 1.75
N LYS A 70 -7.29 0.19 2.25
CA LYS A 70 -6.70 1.19 3.13
C LYS A 70 -5.25 0.80 3.44
N ALA A 71 -4.62 1.62 4.26
CA ALA A 71 -3.24 1.36 4.65
C ALA A 71 -3.13 -0.03 5.26
N PRO A 72 -1.92 -0.63 5.13
CA PRO A 72 -1.67 -1.95 5.66
C PRO A 72 -1.52 -1.91 7.19
N SER A 73 -1.45 -0.70 7.70
CA SER A 73 -1.31 -0.51 9.14
C SER A 73 -2.62 -0.85 9.85
N TYR A 74 -3.70 -0.33 9.30
CA TYR A 74 -5.02 -0.57 9.87
C TYR A 74 -5.48 -1.99 9.59
N LEU A 75 -5.26 -2.42 8.36
CA LEU A 75 -5.65 -3.75 7.94
C LEU A 75 -4.93 -4.78 8.82
N GLU A 76 -5.63 -5.88 9.09
CA GLU A 76 -5.08 -6.94 9.91
C GLU A 76 -4.31 -7.94 9.05
N ILE A 77 -3.64 -8.85 9.72
CA ILE A 77 -2.88 -9.88 9.02
C ILE A 77 -3.75 -10.56 7.97
N SER A 78 -4.90 -11.03 8.43
CA SER A 78 -5.85 -11.71 7.55
C SER A 78 -6.21 -10.79 6.38
N SER A 79 -6.48 -9.53 6.71
CA SER A 79 -6.84 -8.55 5.70
C SER A 79 -5.77 -8.51 4.61
N MET A 80 -4.56 -8.20 5.03
CA MET A 80 -3.44 -8.13 4.10
C MET A 80 -3.36 -9.39 3.24
N ARG A 81 -3.29 -10.53 3.91
CA ARG A 81 -3.21 -11.80 3.23
C ARG A 81 -4.15 -11.82 2.02
N ARG A 82 -5.44 -11.74 2.31
CA ARG A 82 -6.44 -11.74 1.26
C ARG A 82 -5.99 -10.86 0.09
N ILE A 83 -5.82 -9.58 0.39
CA ILE A 83 -5.40 -8.63 -0.62
C ILE A 83 -4.30 -9.26 -1.48
N LEU A 84 -3.27 -9.73 -0.80
CA LEU A 84 -2.15 -10.36 -1.49
C LEU A 84 -2.66 -11.45 -2.42
N ASP A 85 -3.49 -12.31 -1.87
CA ASP A 85 -4.08 -13.41 -2.63
C ASP A 85 -4.60 -12.86 -3.96
N SER A 86 -4.93 -11.57 -3.95
CA SER A 86 -5.45 -10.92 -5.14
C SER A 86 -4.54 -9.75 -5.53
N ALA A 87 -3.25 -9.95 -5.32
CA ALA A 87 -2.27 -8.92 -5.64
C ALA A 87 -2.47 -8.48 -7.09
N GLU A 88 -2.25 -9.42 -8.01
CA GLU A 88 -2.40 -9.13 -9.42
C GLU A 88 -3.76 -8.47 -9.70
N PHE A 89 -4.78 -9.02 -9.06
CA PHE A 89 -6.13 -8.49 -9.22
C PHE A 89 -6.16 -6.98 -8.92
N ILE A 90 -5.48 -6.60 -7.85
CA ILE A 90 -5.43 -5.21 -7.45
C ILE A 90 -5.29 -4.33 -8.70
N LYS A 91 -5.77 -3.10 -8.57
CA LYS A 91 -5.72 -2.15 -9.67
C LYS A 91 -5.92 -0.74 -9.13
N PHE A 92 -5.35 0.22 -9.84
CA PHE A 92 -5.46 1.61 -9.45
C PHE A 92 -5.64 2.51 -10.67
N THR A 93 -6.78 3.18 -10.70
CA THR A 93 -7.09 4.08 -11.80
C THR A 93 -6.97 5.54 -11.36
N VAL A 94 -6.19 6.30 -12.12
CA VAL A 94 -5.99 7.70 -11.81
C VAL A 94 -6.92 8.55 -12.67
N ILE A 95 -8.18 8.62 -12.25
CA ILE A 95 -9.18 9.39 -12.97
C ILE A 95 -8.79 10.87 -12.94
N ARG A 96 -8.49 11.35 -11.75
CA ARG A 96 -8.10 12.74 -11.58
C ARG A 96 -6.91 12.84 -10.62
N PRO A 97 -5.88 13.61 -11.06
CA PRO A 97 -4.69 13.80 -10.25
C PRO A 97 -4.96 14.76 -9.10
N PHE A 98 -4.04 14.78 -8.15
CA PHE A 98 -4.16 15.64 -6.99
C PHE A 98 -3.45 16.98 -7.23
N PRO A 99 -3.78 17.97 -6.35
CA PRO A 99 -3.19 19.28 -6.46
C PRO A 99 -1.74 19.28 -5.96
N GLY A 100 -0.83 18.94 -6.86
CA GLY A 100 0.57 18.89 -6.53
C GLY A 100 1.21 17.58 -6.99
N LEU A 101 0.35 16.69 -7.49
CA LEU A 101 0.82 15.40 -7.98
C LEU A 101 1.67 15.61 -9.23
N VAL A 102 2.61 14.69 -9.42
CA VAL A 102 3.50 14.77 -10.57
C VAL A 102 3.77 13.35 -11.09
N ILE A 103 4.21 13.29 -12.34
CA ILE A 103 4.50 12.02 -12.97
C ILE A 103 5.97 11.98 -13.39
N ASN A 104 6.29 12.81 -14.37
CA ASN A 104 7.66 12.87 -14.88
C ASN A 104 8.06 11.51 -15.43
N ASN A 105 8.93 11.55 -16.43
CA ASN A 105 9.41 10.33 -17.06
C ASN A 105 10.59 9.77 -16.26
N GLN A 106 10.73 8.46 -16.32
CA GLN A 106 11.81 7.79 -15.61
C GLN A 106 11.51 6.29 -15.49
N LEU A 107 12.25 5.51 -16.26
CA LEU A 107 12.07 4.07 -16.26
C LEU A 107 13.10 3.45 -15.31
N VAL A 108 13.18 2.13 -15.36
CA VAL A 108 14.13 1.39 -14.53
C VAL A 108 15.06 0.57 -15.42
N SER A 109 16.32 0.51 -14.99
CA SER A 109 17.31 -0.24 -15.74
C SER A 109 17.26 -1.72 -15.36
N GLY A 110 17.65 -2.56 -16.30
CA GLY A 110 17.64 -4.00 -16.08
C GLY A 110 18.10 -4.34 -14.67
N PRO A 111 17.10 -4.60 -13.79
CA PRO A 111 17.39 -4.94 -12.40
C PRO A 111 17.92 -6.37 -12.29
N SER A 112 18.44 -6.68 -11.11
CA SER A 112 18.98 -8.01 -10.86
C SER A 112 18.09 -9.07 -11.50
N SER A 113 16.85 -9.09 -11.04
CA SER A 113 15.88 -10.04 -11.56
C SER A 113 15.50 -9.69 -13.00
N GLY A 114 14.92 -8.51 -13.13
CA GLY A 114 14.50 -8.03 -14.44
C GLY A 114 13.34 -8.86 -14.99
N GLY A 1 33.78 -8.22 12.20
CA GLY A 1 32.68 -8.35 13.15
C GLY A 1 31.34 -8.41 12.43
N SER A 2 30.31 -8.77 13.19
CA SER A 2 28.97 -8.87 12.63
C SER A 2 27.95 -9.08 13.75
N SER A 3 26.69 -8.89 13.41
CA SER A 3 25.61 -9.06 14.37
C SER A 3 24.55 -10.01 13.81
N GLY A 4 23.67 -10.44 14.69
CA GLY A 4 22.60 -11.34 14.31
C GLY A 4 22.15 -12.20 15.49
N SER A 5 23.10 -12.90 16.08
CA SER A 5 22.82 -13.75 17.21
C SER A 5 21.85 -13.05 18.17
N SER A 6 22.24 -11.85 18.57
CA SER A 6 21.43 -11.06 19.48
C SER A 6 21.30 -9.64 18.97
N GLY A 7 20.08 -9.11 19.05
CA GLY A 7 19.82 -7.75 18.59
C GLY A 7 18.66 -7.72 17.60
N ASP A 8 17.51 -8.22 18.06
CA ASP A 8 16.33 -8.26 17.23
C ASP A 8 15.21 -8.98 17.97
N ASP A 9 15.54 -10.16 18.47
CA ASP A 9 14.57 -10.97 19.20
C ASP A 9 13.41 -11.33 18.27
N ASN A 10 13.77 -11.84 17.10
CA ASN A 10 12.77 -12.23 16.11
C ASN A 10 12.01 -13.46 16.63
N GLU A 11 12.70 -14.25 17.45
CA GLU A 11 12.10 -15.44 18.01
C GLU A 11 10.66 -15.17 18.43
N ARG A 12 10.51 -14.26 19.37
CA ARG A 12 9.19 -13.90 19.87
C ARG A 12 8.27 -13.55 18.70
N LEU A 13 8.70 -12.59 17.91
CA LEU A 13 7.92 -12.16 16.75
C LEU A 13 7.27 -13.38 16.11
N SER A 14 5.96 -13.50 16.33
CA SER A 14 5.21 -14.61 15.76
C SER A 14 4.01 -14.08 14.98
N LYS A 15 3.05 -13.54 15.72
CA LYS A 15 1.85 -13.00 15.11
C LYS A 15 2.17 -11.63 14.49
N VAL A 16 3.27 -11.05 14.95
CA VAL A 16 3.69 -9.75 14.45
C VAL A 16 4.57 -9.95 13.22
N GLU A 17 5.65 -10.70 13.42
CA GLU A 17 6.58 -10.97 12.33
C GLU A 17 5.82 -11.13 11.01
N LYS A 18 4.66 -11.78 11.10
CA LYS A 18 3.84 -12.01 9.93
C LYS A 18 3.19 -10.69 9.50
N ALA A 19 2.40 -10.14 10.41
CA ALA A 19 1.73 -8.88 10.14
C ALA A 19 2.73 -7.86 9.62
N ARG A 20 3.84 -7.75 10.34
CA ARG A 20 4.89 -6.82 9.96
C ARG A 20 5.25 -7.00 8.48
N GLN A 21 5.67 -8.20 8.14
CA GLN A 21 6.06 -8.50 6.77
C GLN A 21 4.92 -8.12 5.82
N LEU A 22 3.78 -8.76 6.01
CA LEU A 22 2.61 -8.50 5.17
C LEU A 22 2.48 -6.99 4.95
N ARG A 23 2.34 -6.28 6.07
CA ARG A 23 2.20 -4.83 6.01
C ARG A 23 3.16 -4.24 4.96
N GLU A 24 4.32 -4.87 4.85
CA GLU A 24 5.31 -4.43 3.90
C GLU A 24 4.91 -4.83 2.48
N GLN A 25 4.55 -6.09 2.33
CA GLN A 25 4.13 -6.61 1.03
C GLN A 25 2.94 -5.82 0.50
N VAL A 26 1.89 -5.76 1.31
CA VAL A 26 0.69 -5.04 0.93
C VAL A 26 1.06 -3.64 0.47
N ASN A 27 1.81 -2.95 1.32
CA ASN A 27 2.25 -1.60 1.02
C ASN A 27 2.83 -1.55 -0.39
N ASP A 28 3.98 -2.19 -0.53
CA ASP A 28 4.65 -2.23 -1.82
C ASP A 28 3.67 -2.69 -2.90
N LEU A 29 2.93 -3.74 -2.57
CA LEU A 29 1.95 -4.28 -3.49
C LEU A 29 1.19 -3.12 -4.16
N PHE A 30 0.45 -2.40 -3.34
CA PHE A 30 -0.33 -1.28 -3.84
C PHE A 30 0.55 -0.31 -4.64
N SER A 31 1.72 -0.02 -4.07
CA SER A 31 2.66 0.88 -4.71
C SER A 31 2.99 0.37 -6.13
N ARG A 32 3.47 -0.86 -6.17
CA ARG A 32 3.83 -1.48 -7.44
C ARG A 32 2.74 -1.23 -8.48
N LYS A 33 1.59 -1.86 -8.24
CA LYS A 33 0.46 -1.71 -9.14
C LYS A 33 0.21 -0.23 -9.40
N PHE A 34 -0.06 0.50 -8.32
CA PHE A 34 -0.32 1.92 -8.43
C PHE A 34 0.58 2.58 -9.45
N GLY A 35 1.84 2.16 -9.45
CA GLY A 35 2.82 2.69 -10.37
C GLY A 35 2.26 2.72 -11.80
N GLU A 36 1.47 1.71 -12.12
CA GLU A 36 0.87 1.61 -13.43
C GLU A 36 -0.06 2.80 -13.68
N ALA A 37 -0.88 3.10 -12.68
CA ALA A 37 -1.81 4.20 -12.77
C ALA A 37 -1.04 5.49 -13.08
N ILE A 38 0.26 5.44 -12.83
CA ILE A 38 1.11 6.60 -13.07
C ILE A 38 2.18 6.23 -14.10
N GLY A 39 1.93 5.12 -14.79
CA GLY A 39 2.86 4.65 -15.80
C GLY A 39 4.29 4.60 -15.25
N MET A 40 4.38 4.56 -13.93
CA MET A 40 5.68 4.50 -13.28
C MET A 40 6.26 3.08 -13.33
N GLY A 41 7.56 3.03 -13.58
CA GLY A 41 8.25 1.74 -13.67
C GLY A 41 8.59 1.22 -12.28
N PHE A 42 8.46 2.10 -11.30
CA PHE A 42 8.76 1.73 -9.92
C PHE A 42 7.53 1.90 -9.03
N PRO A 43 7.60 1.26 -7.83
CA PRO A 43 6.50 1.34 -6.88
C PRO A 43 6.45 2.70 -6.19
N VAL A 44 5.30 3.35 -6.32
CA VAL A 44 5.11 4.66 -5.72
C VAL A 44 4.17 4.54 -4.53
N LYS A 45 4.24 5.55 -3.66
CA LYS A 45 3.39 5.57 -2.48
C LYS A 45 1.93 5.58 -2.90
N VAL A 46 1.07 5.22 -1.96
CA VAL A 46 -0.37 5.19 -2.22
C VAL A 46 -1.10 5.93 -1.10
N PRO A 47 -1.70 7.09 -1.47
CA PRO A 47 -2.44 7.89 -0.52
C PRO A 47 -3.79 7.25 -0.18
N TYR A 48 -3.73 6.18 0.61
CA TYR A 48 -4.93 5.47 1.00
C TYR A 48 -5.98 6.44 1.55
N ARG A 49 -5.51 7.46 2.24
CA ARG A 49 -6.39 8.46 2.82
C ARG A 49 -7.27 9.08 1.72
N LYS A 50 -6.61 9.74 0.79
CA LYS A 50 -7.32 10.38 -0.32
C LYS A 50 -8.36 9.42 -0.88
N ILE A 51 -7.88 8.24 -1.26
CA ILE A 51 -8.75 7.22 -1.82
C ILE A 51 -9.89 6.93 -0.83
N THR A 52 -9.57 7.11 0.45
CA THR A 52 -10.55 6.87 1.49
C THR A 52 -11.59 7.99 1.52
N ILE A 53 -11.11 9.18 1.89
CA ILE A 53 -11.99 10.34 1.97
C ILE A 53 -12.84 10.41 0.69
N ASN A 54 -12.22 10.04 -0.42
CA ASN A 54 -12.90 10.06 -1.69
C ASN A 54 -11.97 9.49 -2.77
N PRO A 55 -12.49 8.46 -3.49
CA PRO A 55 -11.71 7.83 -4.55
C PRO A 55 -11.67 8.72 -5.80
N GLY A 56 -12.70 9.55 -5.94
CA GLY A 56 -12.78 10.44 -7.08
C GLY A 56 -11.44 10.56 -7.79
N CYS A 57 -10.47 11.08 -7.06
CA CYS A 57 -9.13 11.26 -7.61
C CYS A 57 -8.64 9.90 -8.12
N VAL A 58 -8.01 9.15 -7.22
CA VAL A 58 -7.50 7.85 -7.57
C VAL A 58 -8.48 6.77 -7.09
N VAL A 59 -8.69 5.78 -7.95
CA VAL A 59 -9.60 4.69 -7.63
C VAL A 59 -8.79 3.42 -7.39
N VAL A 60 -9.46 2.43 -6.82
CA VAL A 60 -8.82 1.15 -6.53
C VAL A 60 -9.79 0.01 -6.87
N ASP A 61 -9.33 -0.88 -7.73
CA ASP A 61 -10.14 -2.01 -8.14
C ASP A 61 -9.38 -3.31 -7.85
N GLY A 62 -10.06 -4.42 -8.09
CA GLY A 62 -9.46 -5.72 -7.87
C GLY A 62 -9.69 -6.20 -6.43
N MET A 63 -9.96 -5.23 -5.56
CA MET A 63 -10.20 -5.53 -4.17
C MET A 63 -11.04 -6.80 -4.01
N PRO A 64 -10.69 -7.59 -2.95
CA PRO A 64 -11.40 -8.83 -2.69
C PRO A 64 -12.79 -8.56 -2.09
N PRO A 65 -13.60 -9.65 -1.98
CA PRO A 65 -14.93 -9.54 -1.44
C PRO A 65 -14.89 -9.38 0.08
N GLY A 66 -15.73 -8.47 0.58
CA GLY A 66 -15.80 -8.21 2.00
C GLY A 66 -14.45 -7.71 2.53
N VAL A 67 -13.82 -6.88 1.73
CA VAL A 67 -12.52 -6.32 2.10
C VAL A 67 -12.45 -4.86 1.65
N SER A 68 -12.22 -3.99 2.61
CA SER A 68 -12.12 -2.57 2.32
C SER A 68 -10.67 -2.17 2.12
N PHE A 69 -10.45 -1.24 1.20
CA PHE A 69 -9.12 -0.76 0.90
C PHE A 69 -8.68 0.31 1.90
N LYS A 70 -7.42 0.22 2.30
CA LYS A 70 -6.87 1.18 3.24
C LYS A 70 -5.44 0.77 3.60
N ALA A 71 -4.71 1.71 4.19
CA ALA A 71 -3.33 1.46 4.59
C ALA A 71 -3.24 0.08 5.24
N PRO A 72 -2.04 -0.54 5.09
CA PRO A 72 -1.81 -1.86 5.66
C PRO A 72 -1.61 -1.77 7.17
N SER A 73 -1.68 -0.56 7.68
CA SER A 73 -1.52 -0.32 9.11
C SER A 73 -2.79 -0.74 9.85
N TYR A 74 -3.92 -0.27 9.34
CA TYR A 74 -5.20 -0.59 9.95
C TYR A 74 -5.63 -2.02 9.61
N LEU A 75 -5.37 -2.40 8.37
CA LEU A 75 -5.72 -3.73 7.90
C LEU A 75 -4.99 -4.77 8.76
N GLU A 76 -5.66 -5.90 8.96
CA GLU A 76 -5.09 -6.98 9.76
C GLU A 76 -4.37 -7.98 8.86
N ILE A 77 -3.76 -8.97 9.50
CA ILE A 77 -3.03 -10.00 8.76
C ILE A 77 -3.95 -10.60 7.70
N SER A 78 -5.07 -11.17 8.18
CA SER A 78 -6.03 -11.79 7.29
C SER A 78 -6.23 -10.91 6.04
N SER A 79 -6.57 -9.65 6.30
CA SER A 79 -6.79 -8.71 5.22
C SER A 79 -5.62 -8.74 4.23
N MET A 80 -4.46 -8.37 4.74
CA MET A 80 -3.26 -8.36 3.93
C MET A 80 -3.12 -9.65 3.12
N ARG A 81 -3.24 -10.77 3.84
CA ARG A 81 -3.13 -12.07 3.21
C ARG A 81 -4.09 -12.17 2.02
N ARG A 82 -5.30 -11.68 2.25
CA ARG A 82 -6.33 -11.70 1.21
C ARG A 82 -5.91 -10.83 0.03
N ILE A 83 -5.84 -9.53 0.28
CA ILE A 83 -5.46 -8.58 -0.74
C ILE A 83 -4.31 -9.18 -1.58
N LEU A 84 -3.27 -9.60 -0.87
CA LEU A 84 -2.12 -10.19 -1.53
C LEU A 84 -2.58 -11.26 -2.51
N ASP A 85 -3.39 -12.17 -2.00
CA ASP A 85 -3.91 -13.25 -2.81
C ASP A 85 -4.52 -12.68 -4.09
N SER A 86 -4.88 -11.40 -4.01
CA SER A 86 -5.47 -10.73 -5.15
C SER A 86 -4.56 -9.57 -5.60
N ALA A 87 -3.27 -9.75 -5.36
CA ALA A 87 -2.30 -8.74 -5.74
C ALA A 87 -2.53 -8.33 -7.19
N GLU A 88 -2.25 -9.25 -8.08
CA GLU A 88 -2.42 -9.01 -9.51
C GLU A 88 -3.81 -8.42 -9.78
N PHE A 89 -4.78 -8.98 -9.09
CA PHE A 89 -6.16 -8.52 -9.24
C PHE A 89 -6.28 -7.02 -8.96
N ILE A 90 -5.55 -6.59 -7.94
CA ILE A 90 -5.57 -5.19 -7.55
C ILE A 90 -5.49 -4.32 -8.80
N LYS A 91 -5.96 -3.09 -8.66
CA LYS A 91 -5.95 -2.15 -9.77
C LYS A 91 -6.15 -0.73 -9.24
N PHE A 92 -5.43 0.21 -9.83
CA PHE A 92 -5.51 1.60 -9.43
C PHE A 92 -5.70 2.51 -10.64
N THR A 93 -6.81 3.24 -10.63
CA THR A 93 -7.12 4.14 -11.72
C THR A 93 -6.93 5.59 -11.27
N VAL A 94 -6.14 6.32 -12.04
CA VAL A 94 -5.87 7.72 -11.74
C VAL A 94 -6.77 8.61 -12.60
N ILE A 95 -7.97 8.85 -12.08
CA ILE A 95 -8.94 9.67 -12.78
C ILE A 95 -8.48 11.13 -12.74
N ARG A 96 -8.23 11.61 -11.53
CA ARG A 96 -7.78 12.98 -11.34
C ARG A 96 -6.60 13.02 -10.36
N PRO A 97 -5.54 13.77 -10.77
CA PRO A 97 -4.37 13.90 -9.93
C PRO A 97 -4.62 14.84 -8.75
N PHE A 98 -3.87 14.64 -7.69
CA PHE A 98 -3.99 15.46 -6.50
C PHE A 98 -3.31 16.82 -6.69
N PRO A 99 -3.69 17.78 -5.80
CA PRO A 99 -3.13 19.11 -5.86
C PRO A 99 -1.70 19.13 -5.31
N GLY A 100 -0.77 18.67 -6.14
CA GLY A 100 0.63 18.62 -5.75
C GLY A 100 1.27 17.30 -6.18
N LEU A 101 0.42 16.38 -6.60
CA LEU A 101 0.89 15.07 -7.04
C LEU A 101 2.06 15.25 -8.01
N VAL A 102 2.80 14.17 -8.21
CA VAL A 102 3.95 14.20 -9.10
C VAL A 102 3.96 12.93 -9.95
N ILE A 103 4.42 13.08 -11.18
CA ILE A 103 4.48 11.94 -12.10
C ILE A 103 5.90 11.86 -12.68
N ASN A 104 6.27 10.65 -13.06
CA ASN A 104 7.58 10.41 -13.64
C ASN A 104 8.65 10.79 -12.61
N ASN A 105 9.89 10.50 -12.98
CA ASN A 105 11.02 10.81 -12.10
C ASN A 105 11.17 12.32 -11.98
N GLN A 106 12.35 12.73 -11.54
CA GLN A 106 12.64 14.14 -11.39
C GLN A 106 11.66 14.79 -10.40
N LEU A 107 11.93 16.04 -10.07
CA LEU A 107 11.08 16.77 -9.14
C LEU A 107 11.05 16.04 -7.79
N VAL A 108 10.89 16.82 -6.74
CA VAL A 108 10.85 16.26 -5.40
C VAL A 108 9.99 14.98 -5.41
N SER A 109 10.51 13.96 -4.75
CA SER A 109 9.82 12.69 -4.67
C SER A 109 10.27 11.92 -3.43
N GLY A 110 9.29 11.52 -2.63
CA GLY A 110 9.57 10.78 -1.41
C GLY A 110 10.67 9.74 -1.64
N PRO A 111 11.90 10.10 -1.18
CA PRO A 111 13.04 9.22 -1.33
C PRO A 111 12.96 8.06 -0.34
N SER A 112 11.90 7.29 -0.45
CA SER A 112 11.70 6.15 0.43
C SER A 112 12.12 6.50 1.85
N SER A 113 11.88 7.76 2.21
CA SER A 113 12.24 8.24 3.54
C SER A 113 11.93 9.73 3.66
N GLY A 114 10.74 10.10 3.21
CA GLY A 114 10.31 11.49 3.26
C GLY A 114 9.63 11.80 4.59
N GLY A 1 -5.19 -4.83 29.42
CA GLY A 1 -3.83 -4.43 29.12
C GLY A 1 -3.06 -5.57 28.48
N SER A 2 -1.83 -5.27 28.09
CA SER A 2 -0.98 -6.26 27.46
C SER A 2 0.45 -6.17 28.03
N SER A 3 0.82 -7.20 28.77
CA SER A 3 2.14 -7.25 29.38
C SER A 3 3.08 -8.08 28.51
N GLY A 4 3.70 -7.39 27.55
CA GLY A 4 4.62 -8.05 26.64
C GLY A 4 5.89 -7.21 26.46
N SER A 5 6.98 -7.70 27.05
CA SER A 5 8.25 -7.01 26.95
C SER A 5 8.76 -7.04 25.52
N SER A 6 8.45 -5.97 24.79
CA SER A 6 8.87 -5.87 23.41
C SER A 6 10.39 -5.63 23.33
N GLY A 7 10.97 -6.10 22.24
CA GLY A 7 12.40 -5.94 22.04
C GLY A 7 12.82 -6.47 20.67
N ASP A 8 13.87 -7.28 20.68
CA ASP A 8 14.38 -7.86 19.45
C ASP A 8 14.45 -9.38 19.59
N ASP A 9 13.48 -10.04 18.98
CA ASP A 9 13.41 -11.49 19.03
C ASP A 9 12.25 -11.98 18.18
N ASN A 10 12.59 -12.77 17.17
CA ASN A 10 11.58 -13.30 16.26
C ASN A 10 10.70 -14.30 17.03
N GLU A 11 11.34 -15.10 17.86
CA GLU A 11 10.63 -16.09 18.64
C GLU A 11 9.37 -15.48 19.24
N ARG A 12 9.48 -14.23 19.65
CA ARG A 12 8.36 -13.52 20.24
C ARG A 12 7.41 -13.03 19.15
N LEU A 13 7.99 -12.33 18.17
CA LEU A 13 7.20 -11.80 17.07
C LEU A 13 6.18 -12.84 16.63
N SER A 14 6.60 -13.69 15.69
CA SER A 14 5.74 -14.73 15.18
C SER A 14 4.54 -14.11 14.46
N LYS A 15 3.46 -13.93 15.23
CA LYS A 15 2.25 -13.36 14.67
C LYS A 15 2.56 -11.96 14.14
N VAL A 16 3.33 -11.21 14.92
CA VAL A 16 3.70 -9.86 14.54
C VAL A 16 4.47 -9.91 13.22
N GLU A 17 5.52 -10.73 13.21
CA GLU A 17 6.35 -10.87 12.02
C GLU A 17 5.47 -11.05 10.78
N LYS A 18 4.45 -11.90 10.93
CA LYS A 18 3.55 -12.18 9.83
C LYS A 18 2.82 -10.89 9.44
N ALA A 19 2.60 -10.04 10.45
CA ALA A 19 1.93 -8.78 10.22
C ALA A 19 2.88 -7.80 9.53
N ARG A 20 3.97 -7.51 10.22
CA ARG A 20 4.98 -6.60 9.69
C ARG A 20 5.20 -6.87 8.21
N GLN A 21 5.65 -8.08 7.92
CA GLN A 21 5.91 -8.46 6.54
C GLN A 21 4.72 -8.10 5.64
N LEU A 22 3.59 -8.72 5.95
CA LEU A 22 2.38 -8.47 5.20
C LEU A 22 2.20 -6.96 5.01
N ARG A 23 2.29 -6.25 6.12
CA ARG A 23 2.13 -4.80 6.09
C ARG A 23 3.09 -4.19 5.08
N GLU A 24 4.23 -4.84 4.91
CA GLU A 24 5.24 -4.37 3.97
C GLU A 24 4.85 -4.75 2.55
N GLN A 25 4.49 -6.01 2.38
CA GLN A 25 4.10 -6.51 1.08
C GLN A 25 2.90 -5.72 0.54
N VAL A 26 1.86 -5.65 1.35
CA VAL A 26 0.66 -4.92 0.97
C VAL A 26 1.05 -3.53 0.45
N ASN A 27 1.87 -2.86 1.26
CA ASN A 27 2.33 -1.52 0.90
C ASN A 27 2.95 -1.56 -0.50
N ASP A 28 4.11 -2.19 -0.59
CA ASP A 28 4.81 -2.30 -1.86
C ASP A 28 3.83 -2.76 -2.93
N LEU A 29 2.96 -3.68 -2.55
CA LEU A 29 1.97 -4.21 -3.47
C LEU A 29 1.24 -3.06 -4.15
N PHE A 30 0.45 -2.35 -3.36
CA PHE A 30 -0.30 -1.21 -3.88
C PHE A 30 0.61 -0.25 -4.62
N SER A 31 1.73 0.07 -3.99
CA SER A 31 2.69 0.98 -4.59
C SER A 31 3.10 0.48 -5.98
N ARG A 32 3.43 -0.81 -6.04
CA ARG A 32 3.84 -1.41 -7.29
C ARG A 32 2.78 -1.16 -8.38
N LYS A 33 1.64 -1.81 -8.21
CA LYS A 33 0.55 -1.67 -9.15
C LYS A 33 0.27 -0.18 -9.39
N PHE A 34 0.09 0.54 -8.28
CA PHE A 34 -0.17 1.96 -8.36
C PHE A 34 0.71 2.64 -9.41
N GLY A 35 1.98 2.24 -9.41
CA GLY A 35 2.94 2.79 -10.35
C GLY A 35 2.38 2.77 -11.77
N GLU A 36 1.55 1.78 -12.04
CA GLU A 36 0.95 1.63 -13.36
C GLU A 36 -0.04 2.77 -13.61
N ALA A 37 -0.85 3.05 -12.60
CA ALA A 37 -1.83 4.11 -12.71
C ALA A 37 -1.13 5.43 -13.07
N ILE A 38 0.18 5.44 -12.85
CA ILE A 38 0.98 6.62 -13.15
C ILE A 38 2.00 6.27 -14.23
N GLY A 39 1.76 5.15 -14.90
CA GLY A 39 2.64 4.69 -15.96
C GLY A 39 4.10 4.71 -15.49
N MET A 40 4.27 4.68 -14.18
CA MET A 40 5.60 4.69 -13.60
C MET A 40 6.25 3.31 -13.71
N GLY A 41 7.58 3.32 -13.69
CA GLY A 41 8.33 2.07 -13.79
C GLY A 41 8.85 1.63 -12.42
N PHE A 42 8.11 2.02 -11.39
CA PHE A 42 8.49 1.69 -10.03
C PHE A 42 7.30 1.86 -9.07
N PRO A 43 7.45 1.25 -7.86
CA PRO A 43 6.41 1.34 -6.85
C PRO A 43 6.39 2.72 -6.20
N VAL A 44 5.29 3.43 -6.40
CA VAL A 44 5.13 4.76 -5.83
C VAL A 44 4.17 4.69 -4.65
N LYS A 45 4.32 5.67 -3.76
CA LYS A 45 3.48 5.73 -2.58
C LYS A 45 2.00 5.73 -3.01
N VAL A 46 1.16 5.25 -2.11
CA VAL A 46 -0.27 5.18 -2.37
C VAL A 46 -1.03 5.99 -1.32
N PRO A 47 -1.69 7.07 -1.78
CA PRO A 47 -2.45 7.93 -0.89
C PRO A 47 -3.76 7.26 -0.48
N TYR A 48 -3.63 6.26 0.38
CA TYR A 48 -4.79 5.54 0.86
C TYR A 48 -5.83 6.49 1.44
N ARG A 49 -5.34 7.53 2.10
CA ARG A 49 -6.21 8.52 2.70
C ARG A 49 -7.15 9.11 1.65
N LYS A 50 -6.57 9.85 0.73
CA LYS A 50 -7.34 10.47 -0.33
C LYS A 50 -8.35 9.45 -0.90
N ILE A 51 -7.81 8.30 -1.28
CA ILE A 51 -8.63 7.24 -1.84
C ILE A 51 -9.76 6.91 -0.85
N THR A 52 -9.43 7.02 0.43
CA THR A 52 -10.40 6.73 1.47
C THR A 52 -11.48 7.82 1.50
N ILE A 53 -11.07 9.02 1.87
CA ILE A 53 -11.99 10.14 1.94
C ILE A 53 -12.84 10.18 0.67
N ASN A 54 -12.21 9.82 -0.44
CA ASN A 54 -12.88 9.81 -1.72
C ASN A 54 -11.92 9.30 -2.80
N PRO A 55 -12.36 8.24 -3.51
CA PRO A 55 -11.55 7.66 -4.57
C PRO A 55 -11.56 8.54 -5.82
N GLY A 56 -12.57 9.39 -5.90
CA GLY A 56 -12.70 10.29 -7.03
C GLY A 56 -11.40 10.37 -7.83
N CYS A 57 -10.39 10.96 -7.19
CA CYS A 57 -9.10 11.11 -7.83
C CYS A 57 -8.63 9.73 -8.29
N VAL A 58 -7.98 9.02 -7.38
CA VAL A 58 -7.47 7.69 -7.67
C VAL A 58 -8.45 6.66 -7.12
N VAL A 59 -8.64 5.59 -7.90
CA VAL A 59 -9.54 4.53 -7.50
C VAL A 59 -8.73 3.25 -7.26
N VAL A 60 -9.39 2.29 -6.62
CA VAL A 60 -8.74 1.02 -6.32
C VAL A 60 -9.71 -0.13 -6.63
N ASP A 61 -9.27 -1.01 -7.50
CA ASP A 61 -10.08 -2.15 -7.89
C ASP A 61 -9.30 -3.44 -7.63
N GLY A 62 -9.98 -4.56 -7.86
CA GLY A 62 -9.36 -5.85 -7.65
C GLY A 62 -9.59 -6.36 -6.22
N MET A 63 -9.67 -5.40 -5.30
CA MET A 63 -9.88 -5.73 -3.91
C MET A 63 -10.87 -6.88 -3.76
N PRO A 64 -10.71 -7.65 -2.64
CA PRO A 64 -11.58 -8.77 -2.37
C PRO A 64 -12.95 -8.30 -1.89
N PRO A 65 -13.91 -9.26 -1.88
CA PRO A 65 -15.27 -8.96 -1.44
C PRO A 65 -15.34 -8.82 0.08
N GLY A 66 -16.12 -7.84 0.52
CA GLY A 66 -16.28 -7.59 1.94
C GLY A 66 -14.96 -7.14 2.57
N VAL A 67 -14.09 -6.63 1.72
CA VAL A 67 -12.79 -6.15 2.18
C VAL A 67 -12.53 -4.75 1.62
N SER A 68 -12.54 -3.78 2.51
CA SER A 68 -12.31 -2.40 2.12
C SER A 68 -10.82 -2.16 1.89
N PHE A 69 -10.52 -1.05 1.23
CA PHE A 69 -9.15 -0.69 0.94
C PHE A 69 -8.66 0.42 1.86
N LYS A 70 -7.43 0.28 2.32
CA LYS A 70 -6.83 1.26 3.20
C LYS A 70 -5.41 0.83 3.56
N ALA A 71 -4.69 1.75 4.18
CA ALA A 71 -3.32 1.47 4.59
C ALA A 71 -3.24 0.08 5.21
N PRO A 72 -2.04 -0.55 5.08
CA PRO A 72 -1.82 -1.88 5.63
C PRO A 72 -1.66 -1.82 7.15
N SER A 73 -1.71 -0.60 7.68
CA SER A 73 -1.56 -0.40 9.10
C SER A 73 -2.87 -0.78 9.82
N TYR A 74 -3.97 -0.31 9.27
CA TYR A 74 -5.28 -0.60 9.84
C TYR A 74 -5.72 -2.02 9.51
N LEU A 75 -5.46 -2.42 8.27
CA LEU A 75 -5.83 -3.75 7.82
C LEU A 75 -5.12 -4.80 8.68
N GLU A 76 -5.84 -5.87 8.96
CA GLU A 76 -5.31 -6.94 9.78
C GLU A 76 -4.47 -7.89 8.92
N ILE A 77 -3.84 -8.84 9.59
CA ILE A 77 -3.02 -9.82 8.90
C ILE A 77 -3.86 -10.54 7.85
N SER A 78 -4.89 -11.22 8.33
CA SER A 78 -5.79 -11.95 7.45
C SER A 78 -6.23 -11.07 6.29
N SER A 79 -6.58 -9.83 6.64
CA SER A 79 -7.03 -8.88 5.64
C SER A 79 -5.97 -8.74 4.54
N MET A 80 -4.78 -8.34 4.95
CA MET A 80 -3.68 -8.16 4.03
C MET A 80 -3.51 -9.40 3.13
N ARG A 81 -3.37 -10.55 3.77
CA ARG A 81 -3.20 -11.79 3.06
C ARG A 81 -4.12 -11.82 1.83
N ARG A 82 -5.42 -11.76 2.10
CA ARG A 82 -6.41 -11.77 1.04
C ARG A 82 -5.97 -10.85 -0.11
N ILE A 83 -5.93 -9.56 0.20
CA ILE A 83 -5.53 -8.58 -0.79
C ILE A 83 -4.38 -9.13 -1.63
N LEU A 84 -3.33 -9.56 -0.93
CA LEU A 84 -2.16 -10.11 -1.60
C LEU A 84 -2.61 -11.21 -2.57
N ASP A 85 -3.40 -12.13 -2.04
CA ASP A 85 -3.91 -13.23 -2.85
C ASP A 85 -4.60 -12.67 -4.09
N SER A 86 -4.99 -11.41 -4.00
CA SER A 86 -5.67 -10.75 -5.11
C SER A 86 -4.75 -9.71 -5.74
N ALA A 87 -3.47 -9.80 -5.39
CA ALA A 87 -2.48 -8.89 -5.92
C ALA A 87 -2.66 -8.77 -7.43
N GLU A 88 -2.89 -9.91 -8.06
CA GLU A 88 -3.08 -9.94 -9.50
C GLU A 88 -4.34 -9.16 -9.89
N PHE A 89 -5.30 -9.15 -8.97
CA PHE A 89 -6.54 -8.46 -9.20
C PHE A 89 -6.43 -6.98 -8.85
N ILE A 90 -5.73 -6.71 -7.75
CA ILE A 90 -5.54 -5.35 -7.29
C ILE A 90 -5.27 -4.45 -8.50
N LYS A 91 -5.80 -3.24 -8.42
CA LYS A 91 -5.63 -2.27 -9.50
C LYS A 91 -5.87 -0.87 -8.96
N PHE A 92 -5.32 0.11 -9.67
CA PHE A 92 -5.46 1.49 -9.27
C PHE A 92 -5.65 2.40 -10.49
N THR A 93 -6.78 3.09 -10.50
CA THR A 93 -7.10 3.98 -11.59
C THR A 93 -6.91 5.44 -11.17
N VAL A 94 -6.32 6.22 -12.07
CA VAL A 94 -6.07 7.62 -11.80
C VAL A 94 -7.03 8.48 -12.63
N ILE A 95 -8.22 8.67 -12.07
CA ILE A 95 -9.24 9.46 -12.74
C ILE A 95 -8.81 10.93 -12.76
N ARG A 96 -8.53 11.45 -11.58
CA ARG A 96 -8.10 12.83 -11.46
C ARG A 96 -6.89 12.93 -10.53
N PRO A 97 -5.86 13.70 -11.00
CA PRO A 97 -4.65 13.89 -10.22
C PRO A 97 -4.89 14.85 -9.06
N PHE A 98 -4.06 14.71 -8.03
CA PHE A 98 -4.16 15.56 -6.86
C PHE A 98 -3.52 16.93 -7.10
N PRO A 99 -3.86 17.91 -6.22
CA PRO A 99 -3.33 19.24 -6.34
C PRO A 99 -1.87 19.30 -5.87
N GLY A 100 -0.97 18.96 -6.79
CA GLY A 100 0.45 18.97 -6.48
C GLY A 100 1.10 17.65 -6.92
N LEU A 101 0.27 16.73 -7.38
CA LEU A 101 0.75 15.44 -7.83
C LEU A 101 1.72 15.64 -8.99
N VAL A 102 2.55 14.63 -9.21
CA VAL A 102 3.53 14.68 -10.29
C VAL A 102 3.86 13.25 -10.74
N ILE A 103 4.17 13.14 -12.03
CA ILE A 103 4.50 11.84 -12.60
C ILE A 103 5.88 11.92 -13.24
N ASN A 104 6.86 12.30 -12.44
CA ASN A 104 8.23 12.42 -12.91
C ASN A 104 9.16 11.69 -11.95
N ASN A 105 10.24 11.15 -12.52
CA ASN A 105 11.22 10.41 -11.73
C ASN A 105 11.72 11.31 -10.59
N GLN A 106 12.20 10.66 -9.55
CA GLN A 106 12.71 11.38 -8.39
C GLN A 106 12.85 10.43 -7.19
N LEU A 107 14.09 10.28 -6.74
CA LEU A 107 14.38 9.41 -5.62
C LEU A 107 13.44 9.77 -4.45
N VAL A 108 13.50 8.94 -3.41
CA VAL A 108 12.68 9.16 -2.25
C VAL A 108 13.57 9.23 -1.00
N SER A 109 13.43 10.33 -0.27
CA SER A 109 14.22 10.53 0.93
C SER A 109 13.85 9.46 1.97
N GLY A 110 14.88 8.76 2.44
CA GLY A 110 14.69 7.72 3.43
C GLY A 110 16.02 7.26 4.03
N PRO A 111 16.68 8.21 4.75
CA PRO A 111 17.96 7.91 5.36
C PRO A 111 17.78 7.04 6.61
N SER A 112 18.81 7.03 7.44
CA SER A 112 18.78 6.25 8.66
C SER A 112 17.38 6.29 9.28
N SER A 113 17.07 7.43 9.88
CA SER A 113 15.77 7.61 10.51
C SER A 113 15.17 8.95 10.08
N GLY A 114 15.29 9.23 8.79
CA GLY A 114 14.77 10.47 8.24
C GLY A 114 14.96 11.64 9.22
N GLY A 1 -3.80 4.89 20.32
CA GLY A 1 -3.07 5.44 19.19
C GLY A 1 -1.56 5.14 19.32
N SER A 2 -1.11 4.22 18.48
CA SER A 2 0.30 3.84 18.49
C SER A 2 0.66 3.19 19.82
N SER A 3 1.82 2.56 19.85
CA SER A 3 2.29 1.91 21.05
C SER A 3 3.71 1.39 20.84
N GLY A 4 3.86 0.53 19.85
CA GLY A 4 5.17 -0.04 19.54
C GLY A 4 5.46 0.04 18.03
N SER A 5 6.21 -0.94 17.56
CA SER A 5 6.56 -0.99 16.15
C SER A 5 7.18 -2.35 15.81
N SER A 6 8.31 -2.62 16.45
CA SER A 6 9.00 -3.88 16.22
C SER A 6 10.25 -3.95 17.11
N GLY A 7 10.38 -5.07 17.82
CA GLY A 7 11.51 -5.27 18.70
C GLY A 7 12.61 -6.08 18.00
N ASP A 8 12.75 -7.32 18.43
CA ASP A 8 13.75 -8.20 17.86
C ASP A 8 13.67 -9.57 18.55
N ASP A 9 12.97 -10.48 17.90
CA ASP A 9 12.81 -11.82 18.44
C ASP A 9 11.65 -12.53 17.72
N ASN A 10 12.03 -13.38 16.76
CA ASN A 10 11.04 -14.11 15.99
C ASN A 10 10.17 -14.93 16.94
N GLU A 11 10.84 -15.68 17.82
CA GLU A 11 10.15 -16.51 18.78
C GLU A 11 8.94 -15.77 19.34
N ARG A 12 9.18 -14.57 19.83
CA ARG A 12 8.12 -13.75 20.40
C ARG A 12 7.15 -13.29 19.30
N LEU A 13 7.71 -12.58 18.33
CA LEU A 13 6.92 -12.08 17.22
C LEU A 13 5.97 -13.18 16.74
N SER A 14 6.44 -13.94 15.75
CA SER A 14 5.65 -15.03 15.20
C SER A 14 4.44 -14.45 14.45
N LYS A 15 3.47 -14.01 15.22
CA LYS A 15 2.26 -13.44 14.64
C LYS A 15 2.56 -12.05 14.10
N VAL A 16 3.31 -11.29 14.89
CA VAL A 16 3.68 -9.94 14.50
C VAL A 16 4.55 -9.99 13.24
N GLU A 17 5.54 -10.88 13.27
CA GLU A 17 6.43 -11.03 12.14
C GLU A 17 5.64 -11.22 10.85
N LYS A 18 4.47 -11.83 10.99
CA LYS A 18 3.60 -12.07 9.85
C LYS A 18 2.99 -10.75 9.40
N ALA A 19 2.33 -10.08 10.34
CA ALA A 19 1.68 -8.81 10.05
C ALA A 19 2.73 -7.82 9.54
N ARG A 20 3.80 -7.69 10.32
CA ARG A 20 4.88 -6.78 9.96
C ARG A 20 5.23 -6.93 8.48
N GLN A 21 5.70 -8.11 8.13
CA GLN A 21 6.07 -8.40 6.75
C GLN A 21 4.91 -8.09 5.81
N LEU A 22 3.78 -8.72 6.08
CA LEU A 22 2.59 -8.53 5.27
C LEU A 22 2.41 -7.04 4.99
N ARG A 23 2.42 -6.26 6.07
CA ARG A 23 2.26 -4.82 5.95
C ARG A 23 3.22 -4.27 4.91
N GLU A 24 4.45 -4.77 4.94
CA GLU A 24 5.47 -4.34 4.00
C GLU A 24 5.09 -4.75 2.58
N GLN A 25 4.67 -5.99 2.44
CA GLN A 25 4.28 -6.50 1.14
C GLN A 25 3.13 -5.67 0.57
N VAL A 26 2.03 -5.64 1.32
CA VAL A 26 0.86 -4.90 0.90
C VAL A 26 1.28 -3.48 0.47
N ASN A 27 1.91 -2.79 1.41
CA ASN A 27 2.37 -1.43 1.15
C ASN A 27 2.98 -1.36 -0.25
N ASP A 28 4.07 -2.10 -0.42
CA ASP A 28 4.77 -2.14 -1.69
C ASP A 28 3.78 -2.55 -2.80
N LEU A 29 3.09 -3.65 -2.55
CA LEU A 29 2.12 -4.15 -3.50
C LEU A 29 1.34 -2.98 -4.09
N PHE A 30 0.53 -2.36 -3.24
CA PHE A 30 -0.27 -1.23 -3.67
C PHE A 30 0.58 -0.20 -4.41
N SER A 31 1.74 0.09 -3.85
CA SER A 31 2.65 1.04 -4.44
C SER A 31 2.97 0.63 -5.88
N ARG A 32 3.40 -0.61 -6.02
CA ARG A 32 3.73 -1.14 -7.33
C ARG A 32 2.58 -0.94 -8.30
N LYS A 33 1.46 -1.60 -7.99
CA LYS A 33 0.28 -1.50 -8.83
C LYS A 33 0.07 -0.05 -9.24
N PHE A 34 -0.19 0.78 -8.23
CA PHE A 34 -0.42 2.19 -8.48
C PHE A 34 0.53 2.73 -9.56
N GLY A 35 1.78 2.34 -9.45
CA GLY A 35 2.79 2.77 -10.41
C GLY A 35 2.24 2.70 -11.84
N GLU A 36 1.45 1.67 -12.08
CA GLU A 36 0.86 1.47 -13.40
C GLU A 36 -0.14 2.60 -13.71
N ALA A 37 -0.94 2.92 -12.71
CA ALA A 37 -1.93 3.97 -12.85
C ALA A 37 -1.23 5.27 -13.27
N ILE A 38 0.07 5.30 -13.05
CA ILE A 38 0.87 6.46 -13.39
C ILE A 38 1.91 6.07 -14.44
N GLY A 39 1.70 4.92 -15.05
CA GLY A 39 2.61 4.43 -16.06
C GLY A 39 4.06 4.46 -15.56
N MET A 40 4.19 4.52 -14.24
CA MET A 40 5.51 4.55 -13.63
C MET A 40 6.16 3.17 -13.65
N GLY A 41 7.48 3.18 -13.79
CA GLY A 41 8.24 1.93 -13.82
C GLY A 41 8.74 1.56 -12.43
N PHE A 42 7.95 1.94 -11.43
CA PHE A 42 8.31 1.65 -10.05
C PHE A 42 7.13 1.91 -9.12
N PRO A 43 7.26 1.37 -7.87
CA PRO A 43 6.21 1.52 -6.87
C PRO A 43 6.21 2.94 -6.29
N VAL A 44 5.08 3.62 -6.46
CA VAL A 44 4.95 4.97 -5.96
C VAL A 44 3.99 4.97 -4.76
N LYS A 45 4.16 5.97 -3.91
CA LYS A 45 3.34 6.10 -2.72
C LYS A 45 1.86 5.97 -3.13
N VAL A 46 1.06 5.49 -2.19
CA VAL A 46 -0.36 5.31 -2.42
C VAL A 46 -1.15 6.18 -1.45
N PRO A 47 -1.97 7.10 -2.03
CA PRO A 47 -2.78 8.00 -1.22
C PRO A 47 -3.98 7.27 -0.64
N TYR A 48 -3.68 6.30 0.23
CA TYR A 48 -4.73 5.52 0.88
C TYR A 48 -5.82 6.43 1.44
N ARG A 49 -5.39 7.39 2.25
CA ARG A 49 -6.33 8.32 2.86
C ARG A 49 -7.15 9.03 1.79
N LYS A 50 -6.46 9.82 0.98
CA LYS A 50 -7.12 10.55 -0.08
C LYS A 50 -8.11 9.62 -0.81
N ILE A 51 -7.61 8.45 -1.16
CA ILE A 51 -8.43 7.47 -1.85
C ILE A 51 -9.60 7.06 -0.96
N THR A 52 -9.31 6.99 0.33
CA THR A 52 -10.33 6.62 1.31
C THR A 52 -11.42 7.68 1.37
N ILE A 53 -11.03 8.87 1.82
CA ILE A 53 -11.97 9.97 1.93
C ILE A 53 -12.80 10.06 0.66
N ASN A 54 -12.11 9.93 -0.47
CA ASN A 54 -12.77 9.99 -1.76
C ASN A 54 -11.83 9.47 -2.84
N PRO A 55 -12.27 8.39 -3.53
CA PRO A 55 -11.48 7.79 -4.59
C PRO A 55 -11.50 8.64 -5.86
N GLY A 56 -12.56 9.45 -5.96
CA GLY A 56 -12.72 10.32 -7.11
C GLY A 56 -11.41 10.43 -7.90
N CYS A 57 -10.41 11.01 -7.25
CA CYS A 57 -9.11 11.19 -7.88
C CYS A 57 -8.63 9.82 -8.36
N VAL A 58 -8.05 9.07 -7.43
CA VAL A 58 -7.54 7.75 -7.75
C VAL A 58 -8.51 6.69 -7.22
N VAL A 59 -8.72 5.67 -8.03
CA VAL A 59 -9.62 4.58 -7.65
C VAL A 59 -8.81 3.31 -7.43
N VAL A 60 -9.42 2.36 -6.75
CA VAL A 60 -8.78 1.09 -6.46
C VAL A 60 -9.75 -0.05 -6.75
N ASP A 61 -9.29 -0.99 -7.58
CA ASP A 61 -10.11 -2.13 -7.94
C ASP A 61 -9.31 -3.42 -7.68
N GLY A 62 -9.98 -4.54 -7.89
CA GLY A 62 -9.36 -5.84 -7.69
C GLY A 62 -9.53 -6.31 -6.24
N MET A 63 -9.52 -5.35 -5.33
CA MET A 63 -9.67 -5.65 -3.92
C MET A 63 -10.70 -6.75 -3.71
N PRO A 64 -10.49 -7.52 -2.60
CA PRO A 64 -11.40 -8.62 -2.27
C PRO A 64 -12.72 -8.09 -1.71
N PRO A 65 -13.72 -9.00 -1.64
CA PRO A 65 -15.03 -8.65 -1.13
C PRO A 65 -15.01 -8.51 0.40
N GLY A 66 -15.80 -7.56 0.88
CA GLY A 66 -15.87 -7.32 2.31
C GLY A 66 -14.51 -6.92 2.88
N VAL A 67 -13.68 -6.35 2.00
CA VAL A 67 -12.35 -5.92 2.39
C VAL A 67 -12.12 -4.50 1.88
N SER A 68 -12.19 -3.55 2.81
CA SER A 68 -11.98 -2.16 2.46
C SER A 68 -10.50 -1.89 2.21
N PHE A 69 -10.24 -0.99 1.28
CA PHE A 69 -8.87 -0.64 0.94
C PHE A 69 -8.36 0.50 1.82
N LYS A 70 -7.14 0.31 2.32
CA LYS A 70 -6.53 1.31 3.19
C LYS A 70 -5.11 0.86 3.55
N ALA A 71 -4.41 1.75 4.25
CA ALA A 71 -3.05 1.45 4.67
C ALA A 71 -3.02 0.10 5.39
N PRO A 72 -1.84 -0.58 5.28
CA PRO A 72 -1.67 -1.88 5.90
C PRO A 72 -1.48 -1.73 7.41
N SER A 73 -1.33 -0.50 7.84
CA SER A 73 -1.15 -0.21 9.25
C SER A 73 -2.46 -0.43 10.01
N TYR A 74 -3.55 -0.34 9.26
CA TYR A 74 -4.87 -0.53 9.85
C TYR A 74 -5.41 -1.94 9.55
N LEU A 75 -5.13 -2.39 8.33
CA LEU A 75 -5.59 -3.70 7.91
C LEU A 75 -4.91 -4.77 8.76
N GLU A 76 -5.65 -5.84 9.02
CA GLU A 76 -5.14 -6.93 9.82
C GLU A 76 -4.38 -7.93 8.95
N ILE A 77 -3.77 -8.90 9.60
CA ILE A 77 -3.01 -9.92 8.90
C ILE A 77 -3.89 -10.55 7.82
N SER A 78 -5.04 -11.06 8.26
CA SER A 78 -5.97 -11.69 7.34
C SER A 78 -6.27 -10.75 6.16
N SER A 79 -6.59 -9.51 6.51
CA SER A 79 -6.90 -8.51 5.49
C SER A 79 -5.80 -8.50 4.43
N MET A 80 -4.59 -8.24 4.88
CA MET A 80 -3.44 -8.18 3.98
C MET A 80 -3.34 -9.46 3.15
N ARG A 81 -3.39 -10.59 3.85
CA ARG A 81 -3.30 -11.88 3.19
C ARG A 81 -4.19 -11.91 1.95
N ARG A 82 -5.45 -11.58 2.15
CA ARG A 82 -6.42 -11.56 1.06
C ARG A 82 -5.88 -10.71 -0.10
N ILE A 83 -5.74 -9.42 0.18
CA ILE A 83 -5.25 -8.49 -0.82
C ILE A 83 -4.13 -9.16 -1.61
N LEU A 84 -3.13 -9.63 -0.88
CA LEU A 84 -1.99 -10.29 -1.50
C LEU A 84 -2.48 -11.39 -2.43
N ASP A 85 -3.32 -12.27 -1.88
CA ASP A 85 -3.86 -13.37 -2.65
C ASP A 85 -4.39 -12.84 -3.99
N SER A 86 -4.75 -11.56 -3.97
CA SER A 86 -5.27 -10.92 -5.17
C SER A 86 -4.38 -9.73 -5.55
N ALA A 87 -3.09 -9.88 -5.30
CA ALA A 87 -2.14 -8.83 -5.61
C ALA A 87 -2.28 -8.44 -7.08
N GLU A 88 -2.28 -9.46 -7.94
CA GLU A 88 -2.40 -9.23 -9.37
C GLU A 88 -3.77 -8.64 -9.69
N PHE A 89 -4.76 -9.05 -8.92
CA PHE A 89 -6.12 -8.57 -9.11
C PHE A 89 -6.21 -7.07 -8.84
N ILE A 90 -5.49 -6.64 -7.81
CA ILE A 90 -5.49 -5.24 -7.43
C ILE A 90 -5.43 -4.37 -8.69
N LYS A 91 -6.01 -3.19 -8.59
CA LYS A 91 -6.02 -2.26 -9.71
C LYS A 91 -6.17 -0.84 -9.19
N PHE A 92 -5.54 0.09 -9.89
CA PHE A 92 -5.59 1.49 -9.50
C PHE A 92 -5.80 2.39 -10.73
N THR A 93 -6.92 3.09 -10.72
CA THR A 93 -7.26 3.99 -11.82
C THR A 93 -7.07 5.44 -11.39
N VAL A 94 -6.31 6.17 -12.19
CA VAL A 94 -6.05 7.58 -11.91
C VAL A 94 -6.99 8.44 -12.74
N ILE A 95 -8.16 8.67 -12.19
CA ILE A 95 -9.16 9.49 -12.87
C ILE A 95 -8.70 10.94 -12.90
N ARG A 96 -8.30 11.44 -11.74
CA ARG A 96 -7.83 12.80 -11.63
C ARG A 96 -6.61 12.87 -10.70
N PRO A 97 -5.57 13.60 -11.18
CA PRO A 97 -4.35 13.75 -10.41
C PRO A 97 -4.55 14.72 -9.24
N PHE A 98 -3.67 14.61 -8.26
CA PHE A 98 -3.74 15.46 -7.07
C PHE A 98 -2.97 16.76 -7.31
N PRO A 99 -3.21 17.74 -6.38
CA PRO A 99 -2.55 19.03 -6.47
C PRO A 99 -1.08 18.92 -6.05
N GLY A 100 -0.25 18.47 -6.98
CA GLY A 100 1.16 18.32 -6.71
C GLY A 100 1.71 17.03 -7.33
N LEU A 101 0.78 16.18 -7.76
CA LEU A 101 1.15 14.92 -8.36
C LEU A 101 1.81 15.19 -9.72
N VAL A 102 2.77 14.33 -10.05
CA VAL A 102 3.47 14.46 -11.31
C VAL A 102 3.83 13.06 -11.85
N ILE A 103 3.82 12.95 -13.16
CA ILE A 103 4.13 11.68 -13.81
C ILE A 103 5.29 11.89 -14.79
N ASN A 104 6.36 12.47 -14.29
CA ASN A 104 7.54 12.73 -15.11
C ASN A 104 8.62 13.37 -14.26
N ASN A 105 9.84 13.39 -14.80
CA ASN A 105 10.96 13.97 -14.10
C ASN A 105 11.21 13.19 -12.81
N GLN A 106 11.20 11.87 -12.93
CA GLN A 106 11.43 11.01 -11.79
C GLN A 106 10.62 11.50 -10.59
N LEU A 107 10.89 10.90 -9.45
CA LEU A 107 10.20 11.27 -8.22
C LEU A 107 11.16 12.00 -7.29
N VAL A 108 10.67 12.30 -6.10
CA VAL A 108 11.47 12.99 -5.10
C VAL A 108 11.84 12.03 -3.97
N SER A 109 13.10 11.61 -3.97
CA SER A 109 13.59 10.69 -2.96
C SER A 109 15.07 10.41 -3.18
N GLY A 110 15.68 9.79 -2.17
CA GLY A 110 17.09 9.46 -2.24
C GLY A 110 17.57 8.83 -0.93
N PRO A 111 17.14 7.55 -0.73
CA PRO A 111 17.52 6.82 0.47
C PRO A 111 18.98 6.37 0.40
N SER A 112 19.16 5.17 -0.15
CA SER A 112 20.49 4.61 -0.29
C SER A 112 20.67 4.04 -1.70
N SER A 113 19.75 3.18 -2.08
CA SER A 113 19.79 2.56 -3.40
C SER A 113 18.98 3.38 -4.40
N GLY A 114 17.75 3.67 -4.01
CA GLY A 114 16.86 4.46 -4.86
C GLY A 114 16.61 3.74 -6.19
N GLY A 1 18.38 16.87 16.10
CA GLY A 1 17.73 15.60 15.81
C GLY A 1 18.42 14.44 16.52
N SER A 2 17.90 13.24 16.29
CA SER A 2 18.46 12.05 16.91
C SER A 2 17.71 10.82 16.42
N SER A 3 18.41 9.68 16.47
CA SER A 3 17.82 8.43 16.04
C SER A 3 18.62 7.26 16.62
N GLY A 4 17.89 6.20 16.97
CA GLY A 4 18.52 5.02 17.54
C GLY A 4 17.47 4.00 17.97
N SER A 5 17.47 2.87 17.29
CA SER A 5 16.53 1.80 17.60
C SER A 5 17.18 0.44 17.37
N SER A 6 17.23 -0.35 18.43
CA SER A 6 17.81 -1.68 18.36
C SER A 6 17.24 -2.57 19.46
N GLY A 7 16.94 -3.80 19.08
CA GLY A 7 16.39 -4.76 20.02
C GLY A 7 15.07 -5.33 19.51
N ASP A 8 15.16 -6.54 18.98
CA ASP A 8 13.98 -7.22 18.45
C ASP A 8 14.20 -8.73 18.49
N ASP A 9 13.13 -9.44 18.81
CA ASP A 9 13.20 -10.90 18.89
C ASP A 9 12.01 -11.49 18.14
N ASN A 10 12.33 -12.39 17.21
CA ASN A 10 11.30 -13.04 16.42
C ASN A 10 10.45 -13.94 17.33
N GLU A 11 11.08 -14.42 18.38
CA GLU A 11 10.40 -15.29 19.33
C GLU A 11 9.12 -14.62 19.84
N ARG A 12 9.22 -13.31 20.03
CA ARG A 12 8.08 -12.53 20.51
C ARG A 12 7.16 -12.17 19.35
N LEU A 13 7.78 -11.79 18.24
CA LEU A 13 7.03 -11.41 17.05
C LEU A 13 6.04 -12.53 16.70
N SER A 14 6.50 -13.44 15.88
CA SER A 14 5.68 -14.57 15.45
C SER A 14 4.47 -14.05 14.66
N LYS A 15 3.37 -13.86 15.38
CA LYS A 15 2.14 -13.37 14.76
C LYS A 15 2.42 -12.02 14.09
N VAL A 16 3.13 -11.17 14.82
CA VAL A 16 3.46 -9.85 14.31
C VAL A 16 4.32 -10.00 13.05
N GLU A 17 5.41 -10.73 13.20
CA GLU A 17 6.32 -10.96 12.08
C GLU A 17 5.54 -11.22 10.80
N LYS A 18 4.38 -11.85 10.96
CA LYS A 18 3.53 -12.15 9.82
C LYS A 18 2.91 -10.87 9.29
N ALA A 19 2.36 -10.09 10.22
CA ALA A 19 1.73 -8.82 9.85
C ALA A 19 2.80 -7.86 9.32
N ARG A 20 3.88 -7.76 10.07
CA ARG A 20 4.98 -6.88 9.69
C ARG A 20 5.35 -7.10 8.22
N GLN A 21 5.67 -8.35 7.90
CA GLN A 21 6.04 -8.70 6.55
C GLN A 21 4.93 -8.31 5.57
N LEU A 22 3.74 -8.84 5.83
CA LEU A 22 2.59 -8.56 4.99
C LEU A 22 2.51 -7.05 4.74
N ARG A 23 2.50 -6.29 5.83
CA ARG A 23 2.43 -4.85 5.75
C ARG A 23 3.37 -4.34 4.64
N GLU A 24 4.53 -4.97 4.57
CA GLU A 24 5.53 -4.59 3.57
C GLU A 24 5.04 -4.96 2.16
N GLN A 25 4.61 -6.21 2.03
CA GLN A 25 4.12 -6.70 0.76
C GLN A 25 2.91 -5.88 0.30
N VAL A 26 1.96 -5.72 1.21
CA VAL A 26 0.76 -4.96 0.91
C VAL A 26 1.15 -3.54 0.50
N ASN A 27 1.89 -2.88 1.37
CA ASN A 27 2.33 -1.53 1.11
C ASN A 27 2.90 -1.45 -0.30
N ASP A 28 4.00 -2.15 -0.51
CA ASP A 28 4.66 -2.17 -1.81
C ASP A 28 3.63 -2.56 -2.88
N LEU A 29 2.92 -3.64 -2.60
CA LEU A 29 1.92 -4.13 -3.52
C LEU A 29 1.15 -2.95 -4.11
N PHE A 30 0.44 -2.24 -3.23
CA PHE A 30 -0.34 -1.09 -3.65
C PHE A 30 0.53 -0.08 -4.39
N SER A 31 1.66 0.25 -3.77
CA SER A 31 2.58 1.19 -4.36
C SER A 31 2.93 0.78 -5.80
N ARG A 32 3.24 -0.50 -5.94
CA ARG A 32 3.59 -1.04 -7.25
C ARG A 32 2.40 -0.91 -8.21
N LYS A 33 1.31 -1.58 -7.85
CA LYS A 33 0.12 -1.54 -8.67
C LYS A 33 -0.26 -0.09 -8.96
N PHE A 34 -0.04 0.75 -7.96
CA PHE A 34 -0.34 2.17 -8.10
C PHE A 34 0.56 2.82 -9.14
N GLY A 35 1.72 2.24 -9.34
CA GLY A 35 2.68 2.76 -10.29
C GLY A 35 2.05 2.87 -11.69
N GLU A 36 1.64 1.72 -12.21
CA GLU A 36 1.02 1.68 -13.52
C GLU A 36 -0.06 2.75 -13.63
N ALA A 37 -0.76 2.97 -12.52
CA ALA A 37 -1.81 3.96 -12.48
C ALA A 37 -1.25 5.32 -12.91
N ILE A 38 0.04 5.48 -12.71
CA ILE A 38 0.71 6.72 -13.06
C ILE A 38 1.75 6.44 -14.15
N GLY A 39 1.58 5.31 -14.82
CA GLY A 39 2.49 4.91 -15.89
C GLY A 39 3.94 4.95 -15.40
N MET A 40 4.09 4.92 -14.08
CA MET A 40 5.41 4.95 -13.48
C MET A 40 6.08 3.58 -13.56
N GLY A 41 7.40 3.60 -13.67
CA GLY A 41 8.17 2.37 -13.77
C GLY A 41 8.68 1.95 -12.38
N PHE A 42 7.89 2.28 -11.37
CA PHE A 42 8.25 1.94 -10.00
C PHE A 42 7.07 2.14 -9.06
N PRO A 43 7.19 1.53 -7.85
CA PRO A 43 6.14 1.63 -6.85
C PRO A 43 6.14 3.01 -6.19
N VAL A 44 5.03 3.71 -6.36
CA VAL A 44 4.89 5.04 -5.79
C VAL A 44 3.98 4.97 -4.57
N LYS A 45 4.12 5.97 -3.71
CA LYS A 45 3.32 6.04 -2.49
C LYS A 45 1.86 5.74 -2.83
N VAL A 46 1.09 5.52 -1.79
CA VAL A 46 -0.33 5.22 -1.96
C VAL A 46 -1.15 6.11 -1.02
N PRO A 47 -1.86 7.10 -1.64
CA PRO A 47 -2.67 8.02 -0.87
C PRO A 47 -3.97 7.34 -0.41
N TYR A 48 -3.80 6.33 0.43
CA TYR A 48 -4.94 5.58 0.96
C TYR A 48 -6.03 6.54 1.46
N ARG A 49 -5.59 7.54 2.21
CA ARG A 49 -6.51 8.52 2.76
C ARG A 49 -7.25 9.24 1.63
N LYS A 50 -6.49 10.02 0.87
CA LYS A 50 -7.05 10.76 -0.24
C LYS A 50 -7.98 9.85 -1.05
N ILE A 51 -7.55 8.60 -1.18
CA ILE A 51 -8.33 7.62 -1.91
C ILE A 51 -9.56 7.24 -1.11
N THR A 52 -9.37 7.14 0.19
CA THR A 52 -10.46 6.79 1.09
C THR A 52 -11.56 7.84 1.03
N ILE A 53 -11.20 9.04 1.45
CA ILE A 53 -12.14 10.16 1.45
C ILE A 53 -12.91 10.17 0.13
N ASN A 54 -12.15 10.18 -0.95
CA ASN A 54 -12.73 10.21 -2.29
C ASN A 54 -11.76 9.55 -3.27
N PRO A 55 -12.25 8.47 -3.92
CA PRO A 55 -11.43 7.75 -4.90
C PRO A 55 -11.34 8.53 -6.21
N GLY A 56 -12.39 9.26 -6.50
CA GLY A 56 -12.45 10.06 -7.72
C GLY A 56 -11.04 10.19 -8.33
N CYS A 57 -10.17 10.84 -7.59
CA CYS A 57 -8.80 11.04 -8.05
C CYS A 57 -8.21 9.68 -8.42
N VAL A 58 -7.86 8.93 -7.39
CA VAL A 58 -7.29 7.60 -7.58
C VAL A 58 -8.26 6.54 -7.05
N VAL A 59 -8.34 5.45 -7.78
CA VAL A 59 -9.22 4.35 -7.40
C VAL A 59 -8.38 3.13 -7.03
N VAL A 60 -9.05 2.12 -6.51
CA VAL A 60 -8.39 0.89 -6.12
C VAL A 60 -9.35 -0.29 -6.31
N ASP A 61 -8.98 -1.17 -7.24
CA ASP A 61 -9.79 -2.33 -7.53
C ASP A 61 -9.03 -3.59 -7.11
N GLY A 62 -9.62 -4.74 -7.42
CA GLY A 62 -9.02 -6.01 -7.08
C GLY A 62 -9.25 -6.36 -5.61
N MET A 63 -9.88 -5.42 -4.91
CA MET A 63 -10.18 -5.62 -3.50
C MET A 63 -11.07 -6.84 -3.29
N PRO A 64 -10.76 -7.61 -2.22
CA PRO A 64 -11.53 -8.79 -1.89
C PRO A 64 -12.87 -8.42 -1.26
N PRO A 65 -13.72 -9.47 -1.07
CA PRO A 65 -15.03 -9.26 -0.48
C PRO A 65 -14.92 -9.03 1.03
N GLY A 66 -15.73 -8.09 1.51
CA GLY A 66 -15.74 -7.76 2.93
C GLY A 66 -14.37 -7.25 3.37
N VAL A 67 -13.67 -6.64 2.42
CA VAL A 67 -12.34 -6.10 2.70
C VAL A 67 -12.25 -4.69 2.12
N SER A 68 -12.04 -3.73 3.00
CA SER A 68 -11.93 -2.34 2.58
C SER A 68 -10.46 -1.97 2.37
N PHE A 69 -10.23 -1.07 1.42
CA PHE A 69 -8.89 -0.63 1.11
C PHE A 69 -8.43 0.47 2.07
N LYS A 70 -7.16 0.36 2.48
CA LYS A 70 -6.59 1.33 3.40
C LYS A 70 -5.15 0.92 3.72
N ALA A 71 -4.50 1.79 4.49
CA ALA A 71 -3.12 1.52 4.88
C ALA A 71 -3.02 0.15 5.53
N PRO A 72 -1.81 -0.47 5.38
CA PRO A 72 -1.58 -1.79 5.94
C PRO A 72 -1.40 -1.72 7.46
N SER A 73 -1.32 -0.49 7.95
CA SER A 73 -1.14 -0.26 9.38
C SER A 73 -2.44 -0.58 10.12
N TYR A 74 -3.55 -0.30 9.45
CA TYR A 74 -4.86 -0.55 10.03
C TYR A 74 -5.34 -1.96 9.71
N LEU A 75 -5.06 -2.39 8.49
CA LEU A 75 -5.46 -3.71 8.04
C LEU A 75 -4.76 -4.77 8.90
N GLU A 76 -5.45 -5.87 9.10
CA GLU A 76 -4.92 -6.96 9.90
C GLU A 76 -4.13 -7.93 9.01
N ILE A 77 -3.72 -9.04 9.62
CA ILE A 77 -2.97 -10.05 8.90
C ILE A 77 -3.86 -10.67 7.81
N SER A 78 -4.96 -11.24 8.27
CA SER A 78 -5.91 -11.88 7.35
C SER A 78 -6.18 -10.95 6.16
N SER A 79 -6.45 -9.69 6.48
CA SER A 79 -6.74 -8.70 5.45
C SER A 79 -5.63 -8.73 4.39
N MET A 80 -4.46 -8.22 4.78
CA MET A 80 -3.33 -8.18 3.88
C MET A 80 -3.24 -9.45 3.04
N ARG A 81 -3.30 -10.58 3.74
CA ARG A 81 -3.23 -11.87 3.07
C ARG A 81 -4.21 -11.92 1.89
N ARG A 82 -5.47 -11.62 2.20
CA ARG A 82 -6.50 -11.62 1.19
C ARG A 82 -6.07 -10.79 -0.02
N ILE A 83 -5.86 -9.50 0.23
CA ILE A 83 -5.43 -8.59 -0.83
C ILE A 83 -4.35 -9.27 -1.67
N LEU A 84 -3.32 -9.75 -0.99
CA LEU A 84 -2.23 -10.42 -1.66
C LEU A 84 -2.78 -11.54 -2.54
N ASP A 85 -3.64 -12.34 -1.94
CA ASP A 85 -4.25 -13.45 -2.65
C ASP A 85 -4.78 -12.96 -4.00
N SER A 86 -5.12 -11.68 -4.04
CA SER A 86 -5.64 -11.08 -5.26
C SER A 86 -4.68 -10.00 -5.75
N ALA A 87 -3.42 -10.15 -5.38
CA ALA A 87 -2.40 -9.20 -5.78
C ALA A 87 -2.48 -8.97 -7.29
N GLU A 88 -2.83 -10.04 -8.00
CA GLU A 88 -2.95 -9.97 -9.44
C GLU A 88 -4.20 -9.17 -9.84
N PHE A 89 -5.17 -9.16 -8.93
CA PHE A 89 -6.40 -8.45 -9.17
C PHE A 89 -6.25 -6.97 -8.80
N ILE A 90 -5.55 -6.73 -7.70
CA ILE A 90 -5.33 -5.38 -7.22
C ILE A 90 -5.06 -4.46 -8.42
N LYS A 91 -5.77 -3.34 -8.44
CA LYS A 91 -5.62 -2.38 -9.51
C LYS A 91 -5.80 -0.96 -8.95
N PHE A 92 -5.27 0.00 -9.69
CA PHE A 92 -5.37 1.39 -9.28
C PHE A 92 -5.57 2.30 -10.49
N THR A 93 -6.71 3.00 -10.47
CA THR A 93 -7.04 3.91 -11.55
C THR A 93 -6.89 5.36 -11.10
N VAL A 94 -6.41 6.18 -12.02
CA VAL A 94 -6.21 7.60 -11.73
C VAL A 94 -7.01 8.44 -12.71
N ILE A 95 -8.26 8.70 -12.35
CA ILE A 95 -9.13 9.50 -13.20
C ILE A 95 -8.60 10.92 -13.29
N ARG A 96 -8.35 11.50 -12.13
CA ARG A 96 -7.83 12.86 -12.07
C ARG A 96 -6.72 12.96 -11.02
N PRO A 97 -5.61 13.65 -11.41
CA PRO A 97 -4.48 13.82 -10.52
C PRO A 97 -4.79 14.86 -9.44
N PHE A 98 -3.93 14.88 -8.43
CA PHE A 98 -4.10 15.82 -7.33
C PHE A 98 -3.55 17.21 -7.70
N PRO A 99 -3.97 18.21 -6.90
CA PRO A 99 -3.53 19.59 -7.13
C PRO A 99 -2.08 19.77 -6.68
N GLY A 100 -1.16 19.33 -7.53
CA GLY A 100 0.25 19.45 -7.22
C GLY A 100 1.00 18.14 -7.54
N LEU A 101 0.21 17.11 -7.82
CA LEU A 101 0.77 15.81 -8.14
C LEU A 101 1.78 15.96 -9.29
N VAL A 102 2.62 14.94 -9.43
CA VAL A 102 3.63 14.96 -10.47
C VAL A 102 3.80 13.54 -11.03
N ILE A 103 4.12 13.47 -12.31
CA ILE A 103 4.32 12.18 -12.97
C ILE A 103 5.75 12.10 -13.50
N ASN A 104 6.70 12.31 -12.60
CA ASN A 104 8.11 12.27 -12.96
C ASN A 104 8.93 11.79 -11.76
N ASN A 105 10.12 11.31 -12.06
CA ASN A 105 11.01 10.83 -11.01
C ASN A 105 10.99 11.81 -9.84
N GLN A 106 11.04 13.09 -10.18
CA GLN A 106 11.03 14.13 -9.16
C GLN A 106 9.66 14.22 -8.50
N LEU A 107 9.51 13.51 -7.39
CA LEU A 107 8.26 13.50 -6.66
C LEU A 107 8.29 14.60 -5.61
N VAL A 108 7.12 14.85 -5.03
CA VAL A 108 7.00 15.86 -4.00
C VAL A 108 6.48 15.23 -2.71
N SER A 109 7.40 14.65 -1.96
CA SER A 109 7.05 14.00 -0.71
C SER A 109 8.15 13.01 -0.32
N GLY A 110 8.40 12.05 -1.20
CA GLY A 110 9.41 11.04 -0.95
C GLY A 110 8.92 10.00 0.04
N PRO A 111 9.51 8.78 -0.06
CA PRO A 111 9.13 7.69 0.83
C PRO A 111 9.72 7.88 2.22
N SER A 112 9.14 8.85 2.93
CA SER A 112 9.60 9.15 4.28
C SER A 112 10.98 9.82 4.23
N SER A 113 11.96 9.05 3.77
CA SER A 113 13.32 9.57 3.66
C SER A 113 13.45 10.43 2.42
N GLY A 114 13.44 9.77 1.27
CA GLY A 114 13.57 10.46 0.00
C GLY A 114 14.97 11.07 -0.16
N GLY A 1 0.15 4.67 11.56
CA GLY A 1 1.35 5.28 11.03
C GLY A 1 2.55 4.35 11.19
N SER A 2 3.41 4.70 12.14
CA SER A 2 4.60 3.91 12.40
C SER A 2 5.02 4.07 13.87
N SER A 3 4.42 3.26 14.72
CA SER A 3 4.72 3.29 16.14
C SER A 3 4.64 1.89 16.74
N GLY A 4 5.32 1.72 17.87
CA GLY A 4 5.34 0.44 18.54
C GLY A 4 6.66 -0.29 18.30
N SER A 5 7.31 -0.63 19.41
CA SER A 5 8.59 -1.33 19.33
C SER A 5 8.98 -1.85 20.71
N SER A 6 9.15 -3.17 20.78
CA SER A 6 9.52 -3.81 22.04
C SER A 6 9.61 -5.32 21.84
N GLY A 7 10.45 -5.93 22.66
CA GLY A 7 10.63 -7.38 22.59
C GLY A 7 11.23 -7.78 21.24
N ASP A 8 12.44 -8.30 21.30
CA ASP A 8 13.13 -8.73 20.09
C ASP A 8 13.38 -10.24 20.17
N ASP A 9 12.52 -10.98 19.49
CA ASP A 9 12.63 -12.43 19.47
C ASP A 9 11.59 -13.00 18.50
N ASN A 10 12.06 -13.90 17.64
CA ASN A 10 11.19 -14.53 16.67
C ASN A 10 10.04 -15.24 17.39
N GLU A 11 10.37 -15.80 18.55
CA GLU A 11 9.39 -16.51 19.35
C GLU A 11 8.21 -15.59 19.67
N ARG A 12 8.54 -14.42 20.20
CA ARG A 12 7.51 -13.44 20.56
C ARG A 12 6.80 -12.94 19.31
N LEU A 13 7.59 -12.68 18.28
CA LEU A 13 7.05 -12.20 17.02
C LEU A 13 5.97 -13.17 16.53
N SER A 14 6.36 -13.98 15.55
CA SER A 14 5.45 -14.96 14.98
C SER A 14 4.24 -14.24 14.37
N LYS A 15 3.31 -13.88 15.23
CA LYS A 15 2.11 -13.19 14.78
C LYS A 15 2.47 -11.78 14.32
N VAL A 16 3.60 -11.30 14.80
CA VAL A 16 4.08 -9.98 14.44
C VAL A 16 4.92 -10.07 13.17
N GLU A 17 5.89 -10.97 13.20
CA GLU A 17 6.77 -11.16 12.07
C GLU A 17 5.95 -11.32 10.78
N LYS A 18 4.88 -12.08 10.90
CA LYS A 18 4.00 -12.32 9.76
C LYS A 18 3.30 -11.00 9.38
N ALA A 19 2.81 -10.31 10.39
CA ALA A 19 2.12 -9.05 10.19
C ALA A 19 3.06 -8.07 9.50
N ARG A 20 4.16 -7.78 10.18
CA ARG A 20 5.16 -6.86 9.65
C ARG A 20 5.34 -7.09 8.15
N GLN A 21 5.89 -8.25 7.81
CA GLN A 21 6.12 -8.59 6.43
C GLN A 21 4.91 -8.23 5.57
N LEU A 22 3.78 -8.85 5.91
CA LEU A 22 2.55 -8.60 5.19
C LEU A 22 2.43 -7.11 4.89
N ARG A 23 2.36 -6.32 5.94
CA ARG A 23 2.25 -4.88 5.80
C ARG A 23 3.16 -4.39 4.67
N GLU A 24 4.39 -4.88 4.68
CA GLU A 24 5.36 -4.50 3.66
C GLU A 24 4.84 -4.89 2.27
N GLN A 25 4.45 -6.15 2.16
CA GLN A 25 3.95 -6.67 0.90
C GLN A 25 2.74 -5.84 0.43
N VAL A 26 1.77 -5.74 1.32
CA VAL A 26 0.56 -4.99 1.03
C VAL A 26 0.94 -3.57 0.60
N ASN A 27 1.71 -2.92 1.46
CA ASN A 27 2.15 -1.56 1.20
C ASN A 27 2.76 -1.49 -0.20
N ASP A 28 3.90 -2.15 -0.35
CA ASP A 28 4.59 -2.16 -1.63
C ASP A 28 3.61 -2.53 -2.73
N LEU A 29 2.87 -3.61 -2.50
CA LEU A 29 1.90 -4.07 -3.46
C LEU A 29 1.15 -2.88 -4.05
N PHE A 30 0.36 -2.24 -3.20
CA PHE A 30 -0.42 -1.08 -3.62
C PHE A 30 0.49 -0.06 -4.34
N SER A 31 1.67 0.13 -3.78
CA SER A 31 2.62 1.07 -4.35
C SER A 31 2.96 0.66 -5.79
N ARG A 32 3.39 -0.59 -5.92
CA ARG A 32 3.75 -1.12 -7.23
C ARG A 32 2.61 -0.90 -8.22
N LYS A 33 1.48 -1.50 -7.92
CA LYS A 33 0.31 -1.39 -8.77
C LYS A 33 0.07 0.10 -9.09
N PHE A 34 -0.12 0.88 -8.05
CA PHE A 34 -0.36 2.30 -8.20
C PHE A 34 0.61 2.91 -9.23
N GLY A 35 1.79 2.32 -9.29
CA GLY A 35 2.81 2.79 -10.21
C GLY A 35 2.25 2.93 -11.62
N GLU A 36 1.95 1.78 -12.22
CA GLU A 36 1.41 1.77 -13.58
C GLU A 36 0.26 2.77 -13.70
N ALA A 37 -0.47 2.93 -12.60
CA ALA A 37 -1.59 3.86 -12.58
C ALA A 37 -1.12 5.25 -12.99
N ILE A 38 0.19 5.45 -12.83
CA ILE A 38 0.79 6.73 -13.17
C ILE A 38 1.85 6.52 -14.26
N GLY A 39 1.73 5.38 -14.92
CA GLY A 39 2.68 5.05 -15.98
C GLY A 39 4.12 5.14 -15.48
N MET A 40 4.25 5.10 -14.16
CA MET A 40 5.57 5.18 -13.54
C MET A 40 6.28 3.83 -13.60
N GLY A 41 7.59 3.90 -13.79
CA GLY A 41 8.40 2.69 -13.88
C GLY A 41 8.93 2.30 -12.49
N PHE A 42 8.09 2.50 -11.50
CA PHE A 42 8.46 2.17 -10.13
C PHE A 42 7.27 2.32 -9.18
N PRO A 43 7.41 1.73 -7.97
CA PRO A 43 6.36 1.80 -6.97
C PRO A 43 6.30 3.19 -6.32
N VAL A 44 5.15 3.82 -6.46
CA VAL A 44 4.95 5.15 -5.89
C VAL A 44 4.03 5.05 -4.68
N LYS A 45 4.16 6.03 -3.79
CA LYS A 45 3.35 6.06 -2.59
C LYS A 45 1.87 5.93 -2.98
N VAL A 46 1.06 5.59 -1.98
CA VAL A 46 -0.37 5.44 -2.21
C VAL A 46 -1.13 6.27 -1.18
N PRO A 47 -1.81 7.34 -1.69
CA PRO A 47 -2.58 8.22 -0.82
C PRO A 47 -3.89 7.56 -0.40
N TYR A 48 -3.75 6.48 0.37
CA TYR A 48 -4.91 5.74 0.85
C TYR A 48 -5.96 6.70 1.44
N ARG A 49 -5.46 7.78 2.02
CA ARG A 49 -6.33 8.77 2.63
C ARG A 49 -7.29 9.34 1.58
N LYS A 50 -6.72 10.09 0.64
CA LYS A 50 -7.51 10.69 -0.42
C LYS A 50 -8.42 9.63 -1.03
N ILE A 51 -7.84 8.48 -1.29
CA ILE A 51 -8.59 7.37 -1.88
C ILE A 51 -9.75 7.00 -0.96
N THR A 52 -9.51 7.17 0.34
CA THR A 52 -10.52 6.86 1.33
C THR A 52 -11.65 7.89 1.30
N ILE A 53 -11.30 9.11 1.66
CA ILE A 53 -12.27 10.20 1.67
C ILE A 53 -13.07 10.16 0.37
N ASN A 54 -12.37 9.92 -0.73
CA ASN A 54 -13.00 9.86 -2.03
C ASN A 54 -12.01 9.32 -3.05
N PRO A 55 -12.41 8.19 -3.70
CA PRO A 55 -11.56 7.56 -4.70
C PRO A 55 -11.57 8.36 -6.01
N GLY A 56 -12.64 9.12 -6.19
CA GLY A 56 -12.78 9.93 -7.39
C GLY A 56 -11.44 10.06 -8.13
N CYS A 57 -10.50 10.73 -7.48
CA CYS A 57 -9.19 10.93 -8.06
C CYS A 57 -8.62 9.56 -8.44
N VAL A 58 -7.96 8.93 -7.47
CA VAL A 58 -7.36 7.63 -7.68
C VAL A 58 -8.34 6.55 -7.22
N VAL A 59 -8.58 5.59 -8.11
CA VAL A 59 -9.48 4.50 -7.81
C VAL A 59 -8.67 3.24 -7.50
N VAL A 60 -9.35 2.27 -6.91
CA VAL A 60 -8.71 1.00 -6.56
C VAL A 60 -9.67 -0.15 -6.82
N ASP A 61 -9.20 -1.09 -7.62
CA ASP A 61 -10.01 -2.26 -7.97
C ASP A 61 -9.22 -3.53 -7.66
N GLY A 62 -9.88 -4.65 -7.85
CA GLY A 62 -9.26 -5.94 -7.60
C GLY A 62 -9.50 -6.39 -6.16
N MET A 63 -9.58 -5.40 -5.27
CA MET A 63 -9.81 -5.68 -3.86
C MET A 63 -10.87 -6.78 -3.67
N PRO A 64 -10.71 -7.54 -2.56
CA PRO A 64 -11.65 -8.62 -2.26
C PRO A 64 -12.97 -8.06 -1.75
N PRO A 65 -13.98 -8.97 -1.67
CA PRO A 65 -15.31 -8.59 -1.19
C PRO A 65 -15.31 -8.39 0.33
N GLY A 66 -16.11 -7.44 0.77
CA GLY A 66 -16.21 -7.14 2.19
C GLY A 66 -14.86 -6.74 2.76
N VAL A 67 -13.99 -6.26 1.87
CA VAL A 67 -12.66 -5.84 2.28
C VAL A 67 -12.38 -4.45 1.71
N SER A 68 -12.40 -3.46 2.58
CA SER A 68 -12.15 -2.09 2.18
C SER A 68 -10.65 -1.88 1.96
N PHE A 69 -10.34 -0.87 1.16
CA PHE A 69 -8.95 -0.55 0.86
C PHE A 69 -8.44 0.56 1.77
N LYS A 70 -7.21 0.39 2.24
CA LYS A 70 -6.58 1.36 3.12
C LYS A 70 -5.17 0.90 3.48
N ALA A 71 -4.45 1.79 4.13
CA ALA A 71 -3.08 1.49 4.52
C ALA A 71 -3.04 0.10 5.18
N PRO A 72 -1.85 -0.55 5.07
CA PRO A 72 -1.67 -1.88 5.63
C PRO A 72 -1.53 -1.80 7.15
N SER A 73 -1.41 -0.58 7.65
CA SER A 73 -1.27 -0.37 9.08
C SER A 73 -2.61 -0.62 9.78
N TYR A 74 -3.67 -0.12 9.18
CA TYR A 74 -5.00 -0.30 9.73
C TYR A 74 -5.53 -1.71 9.48
N LEU A 75 -5.22 -2.21 8.29
CA LEU A 75 -5.65 -3.54 7.91
C LEU A 75 -4.99 -4.58 8.83
N GLU A 76 -5.64 -5.72 8.96
CA GLU A 76 -5.12 -6.78 9.80
C GLU A 76 -4.40 -7.83 8.94
N ILE A 77 -3.76 -8.77 9.62
CA ILE A 77 -3.03 -9.82 8.94
C ILE A 77 -3.95 -10.48 7.91
N SER A 78 -5.02 -11.09 8.42
CA SER A 78 -5.99 -11.75 7.56
C SER A 78 -6.37 -10.84 6.39
N SER A 79 -6.56 -9.57 6.72
CA SER A 79 -6.94 -8.59 5.72
C SER A 79 -5.85 -8.51 4.64
N MET A 80 -4.62 -8.31 5.09
CA MET A 80 -3.50 -8.21 4.18
C MET A 80 -3.40 -9.45 3.28
N ARG A 81 -3.32 -10.61 3.93
CA ARG A 81 -3.22 -11.86 3.21
C ARG A 81 -4.18 -11.87 2.03
N ARG A 82 -5.45 -11.62 2.32
CA ARG A 82 -6.47 -11.58 1.30
C ARG A 82 -6.03 -10.69 0.13
N ILE A 83 -5.87 -9.42 0.42
CA ILE A 83 -5.45 -8.46 -0.59
C ILE A 83 -4.32 -9.08 -1.43
N LEU A 84 -3.32 -9.57 -0.72
CA LEU A 84 -2.17 -10.18 -1.38
C LEU A 84 -2.67 -11.29 -2.31
N ASP A 85 -3.53 -12.13 -1.77
CA ASP A 85 -4.07 -13.24 -2.53
C ASP A 85 -4.65 -12.71 -3.85
N SER A 86 -5.00 -11.43 -3.83
CA SER A 86 -5.56 -10.81 -5.02
C SER A 86 -4.58 -9.75 -5.56
N ALA A 87 -3.33 -9.90 -5.16
CA ALA A 87 -2.29 -8.99 -5.60
C ALA A 87 -2.40 -8.79 -7.11
N GLU A 88 -2.64 -9.89 -7.80
CA GLU A 88 -2.77 -9.85 -9.25
C GLU A 88 -4.06 -9.14 -9.66
N PHE A 89 -5.05 -9.24 -8.77
CA PHE A 89 -6.34 -8.61 -9.03
C PHE A 89 -6.28 -7.11 -8.75
N ILE A 90 -5.57 -6.76 -7.69
CA ILE A 90 -5.42 -5.36 -7.30
C ILE A 90 -5.25 -4.51 -8.57
N LYS A 91 -5.75 -3.29 -8.49
CA LYS A 91 -5.67 -2.37 -9.60
C LYS A 91 -5.92 -0.94 -9.11
N PHE A 92 -5.32 0.01 -9.81
CA PHE A 92 -5.47 1.41 -9.45
C PHE A 92 -5.64 2.27 -10.70
N THR A 93 -6.79 2.94 -10.77
CA THR A 93 -7.09 3.80 -11.90
C THR A 93 -7.01 5.27 -11.49
N VAL A 94 -6.20 6.01 -12.23
CA VAL A 94 -6.01 7.42 -11.95
C VAL A 94 -6.94 8.24 -12.86
N ILE A 95 -8.21 8.29 -12.48
CA ILE A 95 -9.19 9.02 -13.26
C ILE A 95 -8.77 10.50 -13.34
N ARG A 96 -8.55 11.08 -12.16
CA ARG A 96 -8.14 12.47 -12.09
C ARG A 96 -7.17 12.68 -10.93
N PRO A 97 -6.07 13.41 -11.23
CA PRO A 97 -5.05 13.69 -10.22
C PRO A 97 -5.53 14.76 -9.25
N PHE A 98 -4.78 14.91 -8.17
CA PHE A 98 -5.11 15.89 -7.15
C PHE A 98 -4.57 17.27 -7.53
N PRO A 99 -5.07 18.31 -6.80
CA PRO A 99 -4.64 19.67 -7.04
C PRO A 99 -3.24 19.91 -6.47
N GLY A 100 -2.24 19.64 -7.31
CA GLY A 100 -0.85 19.82 -6.91
C GLY A 100 -0.04 18.55 -7.13
N LEU A 101 -0.73 17.53 -7.65
CA LEU A 101 -0.09 16.26 -7.92
C LEU A 101 0.76 16.37 -9.18
N VAL A 102 1.69 15.45 -9.32
CA VAL A 102 2.57 15.43 -10.48
C VAL A 102 3.05 14.00 -10.74
N ILE A 103 3.26 13.70 -12.01
CA ILE A 103 3.72 12.38 -12.40
C ILE A 103 5.18 12.46 -12.83
N ASN A 104 6.03 12.79 -11.87
CA ASN A 104 7.46 12.90 -12.13
C ASN A 104 8.23 12.60 -10.85
N ASN A 105 9.39 11.98 -11.03
CA ASN A 105 10.23 11.63 -9.90
C ASN A 105 10.44 12.87 -9.03
N GLN A 106 10.58 12.63 -7.73
CA GLN A 106 10.80 13.70 -6.79
C GLN A 106 11.37 13.17 -5.48
N LEU A 107 12.10 12.06 -5.61
CA LEU A 107 12.71 11.42 -4.45
C LEU A 107 13.65 12.43 -3.77
N VAL A 108 13.63 12.41 -2.45
CA VAL A 108 14.47 13.31 -1.68
C VAL A 108 14.41 14.71 -2.28
N SER A 109 13.50 15.51 -1.77
CA SER A 109 13.33 16.87 -2.25
C SER A 109 14.21 17.83 -1.43
N GLY A 110 14.67 18.87 -2.11
CA GLY A 110 15.52 19.87 -1.45
C GLY A 110 14.98 20.22 -0.06
N PRO A 111 15.64 19.62 0.98
CA PRO A 111 15.24 19.87 2.35
C PRO A 111 15.67 21.26 2.81
N SER A 112 15.33 21.57 4.05
CA SER A 112 15.69 22.86 4.63
C SER A 112 17.14 22.85 5.09
N SER A 113 18.03 22.61 4.14
CA SER A 113 19.45 22.57 4.44
C SER A 113 20.23 22.15 3.19
N GLY A 114 19.90 20.96 2.70
CA GLY A 114 20.57 20.43 1.51
C GLY A 114 22.06 20.76 1.52
N GLY A 1 -7.02 4.31 19.83
CA GLY A 1 -6.25 3.08 19.66
C GLY A 1 -4.75 3.34 19.91
N SER A 2 -4.36 3.12 21.16
CA SER A 2 -2.97 3.32 21.55
C SER A 2 -2.05 2.81 20.44
N SER A 3 -2.19 1.54 20.13
CA SER A 3 -1.38 0.91 19.10
C SER A 3 0.10 0.93 19.52
N GLY A 4 0.69 -0.26 19.55
CA GLY A 4 2.09 -0.39 19.92
C GLY A 4 2.82 -1.35 18.98
N SER A 5 4.13 -1.26 19.01
CA SER A 5 4.97 -2.11 18.16
C SER A 5 6.44 -1.77 18.37
N SER A 6 7.12 -2.65 19.10
CA SER A 6 8.53 -2.46 19.38
C SER A 6 9.32 -3.67 18.91
N GLY A 7 10.48 -3.40 18.33
CA GLY A 7 11.34 -4.45 17.83
C GLY A 7 11.56 -5.53 18.90
N ASP A 8 11.96 -6.71 18.43
CA ASP A 8 12.21 -7.82 19.33
C ASP A 8 12.55 -9.07 18.51
N ASP A 9 13.02 -10.09 19.20
CA ASP A 9 13.39 -11.33 18.55
C ASP A 9 12.21 -11.85 17.75
N ASN A 10 12.53 -12.52 16.65
CA ASN A 10 11.50 -13.06 15.77
C ASN A 10 10.71 -14.14 16.53
N GLU A 11 11.44 -14.94 17.29
CA GLU A 11 10.82 -15.99 18.06
C GLU A 11 9.60 -15.46 18.83
N ARG A 12 9.82 -14.34 19.51
CA ARG A 12 8.75 -13.72 20.28
C ARG A 12 7.66 -13.22 19.35
N LEU A 13 8.08 -12.53 18.29
CA LEU A 13 7.15 -12.00 17.32
C LEU A 13 6.20 -13.11 16.87
N SER A 14 6.50 -13.67 15.71
CA SER A 14 5.69 -14.74 15.15
C SER A 14 4.43 -14.15 14.51
N LYS A 15 3.53 -13.70 15.37
CA LYS A 15 2.28 -13.12 14.91
C LYS A 15 2.55 -11.73 14.34
N VAL A 16 3.54 -11.06 14.93
CA VAL A 16 3.91 -9.73 14.49
C VAL A 16 4.68 -9.81 13.19
N GLU A 17 5.67 -10.70 13.18
CA GLU A 17 6.50 -10.89 11.99
C GLU A 17 5.62 -11.16 10.77
N LYS A 18 4.47 -11.77 11.04
CA LYS A 18 3.54 -12.10 9.98
C LYS A 18 2.92 -10.81 9.43
N ALA A 19 2.37 -10.02 10.35
CA ALA A 19 1.75 -8.77 9.98
C ALA A 19 2.78 -7.88 9.27
N ARG A 20 3.92 -7.70 9.93
CA ARG A 20 4.98 -6.88 9.38
C ARG A 20 5.22 -7.24 7.91
N GLN A 21 5.75 -8.44 7.71
CA GLN A 21 6.02 -8.91 6.36
C GLN A 21 4.86 -8.59 5.43
N LEU A 22 3.67 -8.97 5.86
CA LEU A 22 2.47 -8.73 5.07
C LEU A 22 2.36 -7.23 4.79
N ARG A 23 2.32 -6.45 5.86
CA ARG A 23 2.21 -5.01 5.75
C ARG A 23 3.08 -4.51 4.58
N GLU A 24 4.35 -4.87 4.64
CA GLU A 24 5.28 -4.47 3.60
C GLU A 24 4.77 -4.88 2.22
N GLN A 25 4.53 -6.17 2.07
CA GLN A 25 4.03 -6.69 0.81
C GLN A 25 2.84 -5.86 0.32
N VAL A 26 1.90 -5.63 1.24
CA VAL A 26 0.72 -4.87 0.91
C VAL A 26 1.13 -3.44 0.51
N ASN A 27 1.79 -2.77 1.44
CA ASN A 27 2.25 -1.41 1.21
C ASN A 27 2.89 -1.33 -0.18
N ASP A 28 3.95 -2.11 -0.35
CA ASP A 28 4.66 -2.13 -1.62
C ASP A 28 3.68 -2.51 -2.74
N LEU A 29 2.94 -3.57 -2.49
CA LEU A 29 1.96 -4.05 -3.46
C LEU A 29 1.19 -2.86 -4.03
N PHE A 30 0.40 -2.24 -3.18
CA PHE A 30 -0.39 -1.09 -3.58
C PHE A 30 0.47 -0.06 -4.32
N SER A 31 1.68 0.11 -3.82
CA SER A 31 2.62 1.05 -4.42
C SER A 31 2.97 0.61 -5.84
N ARG A 32 3.43 -0.62 -5.95
CA ARG A 32 3.80 -1.18 -7.23
C ARG A 32 2.66 -0.99 -8.24
N LYS A 33 1.53 -1.59 -7.92
CA LYS A 33 0.37 -1.49 -8.78
C LYS A 33 0.11 -0.02 -9.13
N PHE A 34 -0.20 0.76 -8.12
CA PHE A 34 -0.46 2.18 -8.31
C PHE A 34 0.52 2.79 -9.30
N GLY A 35 1.71 2.19 -9.36
CA GLY A 35 2.74 2.66 -10.27
C GLY A 35 2.18 2.85 -11.69
N GLU A 36 1.78 1.73 -12.28
CA GLU A 36 1.24 1.75 -13.62
C GLU A 36 0.16 2.83 -13.74
N ALA A 37 -0.56 3.02 -12.65
CA ALA A 37 -1.62 4.02 -12.62
C ALA A 37 -1.04 5.39 -12.97
N ILE A 38 0.27 5.51 -12.75
CA ILE A 38 0.95 6.76 -13.04
C ILE A 38 2.05 6.51 -14.09
N GLY A 39 1.89 5.39 -14.79
CA GLY A 39 2.85 5.02 -15.82
C GLY A 39 4.28 5.05 -15.27
N MET A 40 4.38 4.98 -13.95
CA MET A 40 5.67 5.01 -13.29
C MET A 40 6.34 3.63 -13.36
N GLY A 41 7.66 3.64 -13.49
CA GLY A 41 8.42 2.41 -13.56
C GLY A 41 8.91 1.99 -12.18
N PHE A 42 8.09 2.29 -11.17
CA PHE A 42 8.43 1.94 -9.81
C PHE A 42 7.22 2.11 -8.89
N PRO A 43 7.32 1.48 -7.68
CA PRO A 43 6.24 1.55 -6.71
C PRO A 43 6.20 2.93 -6.04
N VAL A 44 5.09 3.62 -6.23
CA VAL A 44 4.91 4.94 -5.65
C VAL A 44 4.00 4.83 -4.43
N LYS A 45 4.14 5.80 -3.54
CA LYS A 45 3.34 5.84 -2.34
C LYS A 45 1.85 5.69 -2.70
N VAL A 46 1.06 5.32 -1.70
CA VAL A 46 -0.35 5.14 -1.91
C VAL A 46 -1.12 5.94 -0.85
N PRO A 47 -1.70 7.08 -1.30
CA PRO A 47 -2.46 7.93 -0.41
C PRO A 47 -3.83 7.32 -0.10
N TYR A 48 -3.81 6.29 0.73
CA TYR A 48 -5.04 5.61 1.11
C TYR A 48 -6.11 6.61 1.56
N ARG A 49 -5.65 7.62 2.28
CA ARG A 49 -6.55 8.65 2.78
C ARG A 49 -7.32 9.27 1.62
N LYS A 50 -6.58 9.89 0.71
CA LYS A 50 -7.18 10.53 -0.45
C LYS A 50 -8.21 9.59 -1.06
N ILE A 51 -7.78 8.36 -1.29
CA ILE A 51 -8.64 7.35 -1.88
C ILE A 51 -9.83 7.10 -0.95
N THR A 52 -9.58 7.28 0.34
CA THR A 52 -10.62 7.07 1.34
C THR A 52 -11.61 8.23 1.32
N ILE A 53 -11.11 9.41 1.66
CA ILE A 53 -11.94 10.60 1.68
C ILE A 53 -12.80 10.64 0.41
N ASN A 54 -12.20 10.17 -0.68
CA ASN A 54 -12.89 10.14 -1.96
C ASN A 54 -12.01 9.46 -3.00
N PRO A 55 -12.56 8.39 -3.61
CA PRO A 55 -11.84 7.64 -4.62
C PRO A 55 -11.78 8.41 -5.94
N GLY A 56 -12.84 9.15 -6.21
CA GLY A 56 -12.94 9.93 -7.43
C GLY A 56 -11.55 10.07 -8.08
N CYS A 57 -10.66 10.72 -7.36
CA CYS A 57 -9.31 10.94 -7.86
C CYS A 57 -8.73 9.57 -8.25
N VAL A 58 -8.08 8.94 -7.29
CA VAL A 58 -7.47 7.63 -7.53
C VAL A 58 -8.45 6.54 -7.09
N VAL A 59 -8.61 5.54 -7.95
CA VAL A 59 -9.50 4.43 -7.66
C VAL A 59 -8.67 3.18 -7.39
N VAL A 60 -9.34 2.16 -6.86
CA VAL A 60 -8.68 0.91 -6.54
C VAL A 60 -9.62 -0.25 -6.87
N ASP A 61 -9.13 -1.15 -7.71
CA ASP A 61 -9.91 -2.31 -8.10
C ASP A 61 -9.18 -3.58 -7.69
N GLY A 62 -9.84 -4.71 -7.89
CA GLY A 62 -9.27 -6.00 -7.54
C GLY A 62 -9.59 -6.36 -6.10
N MET A 63 -9.90 -5.34 -5.31
CA MET A 63 -10.23 -5.54 -3.91
C MET A 63 -11.15 -6.75 -3.73
N PRO A 64 -10.85 -7.53 -2.65
CA PRO A 64 -11.64 -8.72 -2.36
C PRO A 64 -13.00 -8.33 -1.75
N PRO A 65 -13.88 -9.37 -1.63
CA PRO A 65 -15.21 -9.15 -1.07
C PRO A 65 -15.14 -8.98 0.44
N GLY A 66 -15.95 -8.05 0.94
CA GLY A 66 -15.99 -7.77 2.37
C GLY A 66 -14.63 -7.28 2.87
N VAL A 67 -13.97 -6.52 2.02
CA VAL A 67 -12.66 -5.98 2.36
C VAL A 67 -12.59 -4.51 1.93
N SER A 68 -12.14 -3.67 2.86
CA SER A 68 -12.02 -2.26 2.58
C SER A 68 -10.55 -1.88 2.37
N PHE A 69 -10.29 -1.19 1.28
CA PHE A 69 -8.94 -0.77 0.95
C PHE A 69 -8.48 0.35 1.90
N LYS A 70 -7.26 0.19 2.39
CA LYS A 70 -6.68 1.17 3.30
C LYS A 70 -5.25 0.76 3.63
N ALA A 71 -4.59 1.61 4.41
CA ALA A 71 -3.22 1.36 4.81
C ALA A 71 -3.13 -0.03 5.46
N PRO A 72 -1.93 -0.65 5.31
CA PRO A 72 -1.70 -1.97 5.89
C PRO A 72 -1.52 -1.88 7.40
N SER A 73 -1.51 -0.66 7.90
CA SER A 73 -1.34 -0.43 9.32
C SER A 73 -2.63 -0.72 10.06
N TYR A 74 -3.74 -0.44 9.37
CA TYR A 74 -5.05 -0.67 9.96
C TYR A 74 -5.56 -2.07 9.63
N LEU A 75 -5.23 -2.52 8.42
CA LEU A 75 -5.65 -3.83 7.97
C LEU A 75 -4.98 -4.91 8.84
N GLU A 76 -5.72 -5.98 9.06
CA GLU A 76 -5.20 -7.08 9.87
C GLU A 76 -4.40 -8.05 9.00
N ILE A 77 -3.70 -8.96 9.68
CA ILE A 77 -2.89 -9.94 8.98
C ILE A 77 -3.73 -10.63 7.91
N SER A 78 -4.79 -11.29 8.36
CA SER A 78 -5.68 -11.98 7.45
C SER A 78 -6.06 -11.07 6.28
N SER A 79 -6.44 -9.85 6.63
CA SER A 79 -6.84 -8.87 5.62
C SER A 79 -5.77 -8.79 4.53
N MET A 80 -4.56 -8.45 4.96
CA MET A 80 -3.45 -8.34 4.04
C MET A 80 -3.34 -9.57 3.15
N ARG A 81 -3.37 -10.73 3.79
CA ARG A 81 -3.28 -11.99 3.07
C ARG A 81 -4.29 -12.03 1.92
N ARG A 82 -5.51 -11.59 2.24
CA ARG A 82 -6.57 -11.56 1.25
C ARG A 82 -6.17 -10.68 0.06
N ILE A 83 -5.87 -9.43 0.37
CA ILE A 83 -5.47 -8.48 -0.66
C ILE A 83 -4.35 -9.09 -1.51
N LEU A 84 -3.36 -9.64 -0.82
CA LEU A 84 -2.23 -10.25 -1.49
C LEU A 84 -2.73 -11.39 -2.37
N ASP A 85 -3.59 -12.21 -1.79
CA ASP A 85 -4.15 -13.34 -2.52
C ASP A 85 -4.71 -12.87 -3.85
N SER A 86 -5.06 -11.58 -3.88
CA SER A 86 -5.61 -10.99 -5.09
C SER A 86 -4.67 -9.91 -5.62
N ALA A 87 -3.41 -10.02 -5.21
CA ALA A 87 -2.40 -9.05 -5.64
C ALA A 87 -2.46 -8.90 -7.16
N GLU A 88 -2.87 -9.98 -7.82
CA GLU A 88 -2.98 -9.97 -9.27
C GLU A 88 -4.21 -9.20 -9.70
N PHE A 89 -5.23 -9.21 -8.85
CA PHE A 89 -6.47 -8.52 -9.13
C PHE A 89 -6.34 -7.03 -8.80
N ILE A 90 -5.64 -6.75 -7.71
CA ILE A 90 -5.44 -5.38 -7.27
C ILE A 90 -5.16 -4.50 -8.48
N LYS A 91 -5.68 -3.27 -8.43
CA LYS A 91 -5.48 -2.33 -9.51
C LYS A 91 -5.76 -0.91 -9.00
N PHE A 92 -5.23 0.06 -9.72
CA PHE A 92 -5.41 1.46 -9.35
C PHE A 92 -5.60 2.33 -10.58
N THR A 93 -6.75 2.98 -10.64
CA THR A 93 -7.07 3.85 -11.76
C THR A 93 -6.96 5.32 -11.35
N VAL A 94 -6.19 6.06 -12.13
CA VAL A 94 -5.99 7.47 -11.85
C VAL A 94 -6.97 8.30 -12.70
N ILE A 95 -8.21 8.34 -12.23
CA ILE A 95 -9.25 9.08 -12.93
C ILE A 95 -8.89 10.56 -12.94
N ARG A 96 -8.62 11.08 -11.75
CA ARG A 96 -8.26 12.48 -11.62
C ARG A 96 -7.12 12.64 -10.62
N PRO A 97 -6.11 13.45 -11.03
CA PRO A 97 -4.95 13.70 -10.18
C PRO A 97 -5.30 14.65 -9.03
N PHE A 98 -4.46 14.63 -8.01
CA PHE A 98 -4.67 15.48 -6.84
C PHE A 98 -4.15 16.89 -7.10
N PRO A 99 -4.60 17.83 -6.23
CA PRO A 99 -4.19 19.23 -6.36
C PRO A 99 -2.76 19.41 -5.86
N GLY A 100 -1.82 19.04 -6.72
CA GLY A 100 -0.40 19.16 -6.39
C GLY A 100 0.38 17.93 -6.86
N LEU A 101 -0.36 16.90 -7.22
CA LEU A 101 0.24 15.66 -7.69
C LEU A 101 1.06 15.95 -8.95
N VAL A 102 1.97 15.04 -9.25
CA VAL A 102 2.82 15.19 -10.42
C VAL A 102 3.25 13.79 -10.91
N ILE A 103 3.44 13.68 -12.22
CA ILE A 103 3.85 12.43 -12.81
C ILE A 103 5.23 12.60 -13.44
N ASN A 104 6.15 13.13 -12.65
CA ASN A 104 7.50 13.36 -13.11
C ASN A 104 8.39 12.17 -12.70
N ASN A 105 8.93 11.51 -13.71
CA ASN A 105 9.79 10.36 -13.47
C ASN A 105 10.89 10.75 -12.48
N GLN A 106 11.82 9.82 -12.27
CA GLN A 106 12.93 10.05 -11.37
C GLN A 106 12.43 10.78 -10.10
N LEU A 107 11.36 10.25 -9.55
CA LEU A 107 10.78 10.83 -8.35
C LEU A 107 10.85 12.36 -8.44
N VAL A 108 10.80 13.00 -7.28
CA VAL A 108 10.85 14.45 -7.21
C VAL A 108 12.32 14.88 -7.08
N SER A 109 12.98 14.95 -8.22
CA SER A 109 14.38 15.36 -8.25
C SER A 109 14.60 16.55 -7.31
N GLY A 110 15.69 16.50 -6.57
CA GLY A 110 16.02 17.56 -5.65
C GLY A 110 17.42 18.12 -5.92
N PRO A 111 18.00 18.78 -4.88
CA PRO A 111 19.32 19.36 -5.01
C PRO A 111 20.40 18.28 -4.98
N SER A 112 21.62 18.72 -4.73
CA SER A 112 22.75 17.80 -4.67
C SER A 112 22.52 16.75 -3.59
N SER A 113 22.24 17.24 -2.38
CA SER A 113 22.00 16.36 -1.25
C SER A 113 20.58 15.79 -1.33
N GLY A 114 19.61 16.68 -1.15
CA GLY A 114 18.22 16.29 -1.19
C GLY A 114 17.94 15.16 -0.20
N GLY A 1 -3.84 -1.46 23.26
CA GLY A 1 -3.38 -2.28 22.15
C GLY A 1 -4.15 -1.96 20.87
N SER A 2 -3.54 -2.32 19.75
CA SER A 2 -4.16 -2.08 18.46
C SER A 2 -3.43 -2.88 17.38
N SER A 3 -2.14 -2.62 17.26
CA SER A 3 -1.31 -3.31 16.28
C SER A 3 0.16 -2.94 16.47
N GLY A 4 0.44 -1.65 16.37
CA GLY A 4 1.79 -1.16 16.53
C GLY A 4 2.52 -1.92 17.64
N SER A 5 3.73 -2.35 17.33
CA SER A 5 4.54 -3.09 18.28
C SER A 5 5.89 -3.44 17.67
N SER A 6 6.91 -2.70 18.07
CA SER A 6 8.26 -2.94 17.56
C SER A 6 9.16 -3.44 18.68
N GLY A 7 9.88 -4.50 18.38
CA GLY A 7 10.78 -5.10 19.36
C GLY A 7 11.80 -6.02 18.68
N ASP A 8 12.66 -6.60 19.49
CA ASP A 8 13.68 -7.51 18.99
C ASP A 8 13.50 -8.88 19.64
N ASP A 9 12.81 -9.76 18.93
CA ASP A 9 12.56 -11.10 19.43
C ASP A 9 11.50 -11.77 18.56
N ASN A 10 11.96 -12.69 17.72
CA ASN A 10 11.06 -13.41 16.84
C ASN A 10 10.16 -14.33 17.67
N GLU A 11 10.69 -14.76 18.80
CA GLU A 11 9.95 -15.63 19.70
C GLU A 11 8.62 -14.99 20.09
N ARG A 12 8.64 -13.67 20.18
CA ARG A 12 7.45 -12.93 20.55
C ARG A 12 6.66 -12.55 19.30
N LEU A 13 7.38 -12.16 18.27
CA LEU A 13 6.76 -11.77 17.01
C LEU A 13 5.75 -12.84 16.60
N SER A 14 6.22 -13.79 15.81
CA SER A 14 5.37 -14.86 15.34
C SER A 14 4.25 -14.31 14.47
N LYS A 15 3.15 -13.95 15.12
CA LYS A 15 2.00 -13.40 14.42
C LYS A 15 2.39 -12.08 13.77
N VAL A 16 3.01 -11.22 14.58
CA VAL A 16 3.44 -9.92 14.10
C VAL A 16 4.45 -10.10 12.96
N GLU A 17 5.41 -10.99 13.20
CA GLU A 17 6.43 -11.27 12.21
C GLU A 17 5.80 -11.45 10.82
N LYS A 18 4.53 -11.83 10.84
CA LYS A 18 3.80 -12.04 9.60
C LYS A 18 3.13 -10.73 9.17
N ALA A 19 2.65 -10.01 10.16
CA ALA A 19 1.99 -8.73 9.91
C ALA A 19 3.04 -7.68 9.55
N ARG A 20 4.03 -7.54 10.41
CA ARG A 20 5.09 -6.57 10.20
C ARG A 20 5.56 -6.62 8.74
N GLN A 21 5.66 -7.85 8.23
CA GLN A 21 6.10 -8.04 6.85
C GLN A 21 4.91 -7.87 5.90
N LEU A 22 3.84 -8.60 6.18
CA LEU A 22 2.66 -8.53 5.36
C LEU A 22 2.33 -7.06 5.04
N ARG A 23 2.51 -6.22 6.05
CA ARG A 23 2.25 -4.80 5.91
C ARG A 23 3.13 -4.22 4.79
N GLU A 24 4.37 -4.68 4.75
CA GLU A 24 5.30 -4.22 3.74
C GLU A 24 4.90 -4.72 2.36
N GLN A 25 4.55 -6.00 2.32
CA GLN A 25 4.14 -6.62 1.06
C GLN A 25 2.94 -5.88 0.48
N VAL A 26 1.94 -5.66 1.33
CA VAL A 26 0.74 -4.98 0.91
C VAL A 26 1.09 -3.57 0.44
N ASN A 27 1.80 -2.85 1.30
CA ASN A 27 2.21 -1.49 0.99
C ASN A 27 2.86 -1.46 -0.40
N ASP A 28 3.95 -2.19 -0.51
CA ASP A 28 4.68 -2.26 -1.78
C ASP A 28 3.72 -2.71 -2.88
N LEU A 29 2.94 -3.74 -2.57
CA LEU A 29 1.99 -4.28 -3.51
C LEU A 29 1.25 -3.13 -4.21
N PHE A 30 0.50 -2.39 -3.42
CA PHE A 30 -0.26 -1.26 -3.93
C PHE A 30 0.66 -0.30 -4.70
N SER A 31 1.74 0.10 -4.04
CA SER A 31 2.69 1.01 -4.65
C SER A 31 3.10 0.49 -6.03
N ARG A 32 3.45 -0.79 -6.06
CA ARG A 32 3.87 -1.41 -7.31
C ARG A 32 2.82 -1.17 -8.40
N LYS A 33 1.67 -1.82 -8.22
CA LYS A 33 0.59 -1.69 -9.18
C LYS A 33 0.28 -0.21 -9.40
N PHE A 34 0.05 0.48 -8.28
CA PHE A 34 -0.25 1.90 -8.33
C PHE A 34 0.57 2.60 -9.42
N GLY A 35 1.82 2.17 -9.54
CA GLY A 35 2.71 2.75 -10.53
C GLY A 35 2.05 2.80 -11.91
N GLU A 36 1.39 1.69 -12.26
CA GLU A 36 0.72 1.61 -13.54
C GLU A 36 -0.21 2.80 -13.74
N ALA A 37 -0.98 3.10 -12.69
CA ALA A 37 -1.91 4.20 -12.74
C ALA A 37 -1.15 5.50 -13.02
N ILE A 38 0.16 5.43 -12.81
CA ILE A 38 1.02 6.58 -13.05
C ILE A 38 2.08 6.23 -14.09
N GLY A 39 1.83 5.12 -14.78
CA GLY A 39 2.75 4.67 -15.81
C GLY A 39 4.19 4.61 -15.28
N MET A 40 4.30 4.57 -13.96
CA MET A 40 5.59 4.51 -13.31
C MET A 40 6.19 3.10 -13.39
N GLY A 41 7.52 3.07 -13.48
CA GLY A 41 8.22 1.80 -13.56
C GLY A 41 8.71 1.36 -12.18
N PHE A 42 7.96 1.75 -11.16
CA PHE A 42 8.31 1.41 -9.79
C PHE A 42 7.14 1.66 -8.85
N PRO A 43 7.24 1.05 -7.63
CA PRO A 43 6.19 1.20 -6.63
C PRO A 43 6.24 2.59 -5.99
N VAL A 44 5.18 3.35 -6.21
CA VAL A 44 5.09 4.69 -5.66
C VAL A 44 4.14 4.68 -4.45
N LYS A 45 4.20 5.76 -3.69
CA LYS A 45 3.36 5.89 -2.51
C LYS A 45 1.89 5.85 -2.94
N VAL A 46 1.07 5.34 -2.04
CA VAL A 46 -0.37 5.24 -2.31
C VAL A 46 -1.13 6.02 -1.23
N PRO A 47 -1.82 7.10 -1.70
CA PRO A 47 -2.60 7.93 -0.80
C PRO A 47 -3.90 7.24 -0.38
N TYR A 48 -3.75 6.25 0.48
CA TYR A 48 -4.90 5.50 0.96
C TYR A 48 -5.96 6.43 1.54
N ARG A 49 -5.49 7.42 2.30
CA ARG A 49 -6.39 8.39 2.91
C ARG A 49 -7.25 9.07 1.85
N LYS A 50 -6.59 9.87 1.03
CA LYS A 50 -7.28 10.59 -0.03
C LYS A 50 -8.21 9.62 -0.77
N ILE A 51 -7.66 8.44 -1.06
CA ILE A 51 -8.43 7.43 -1.77
C ILE A 51 -9.63 7.03 -0.92
N THR A 52 -9.43 7.03 0.38
CA THR A 52 -10.49 6.67 1.31
C THR A 52 -11.59 7.74 1.32
N ILE A 53 -11.20 8.93 1.77
CA ILE A 53 -12.14 10.04 1.83
C ILE A 53 -12.90 10.12 0.52
N ASN A 54 -12.20 9.84 -0.57
CA ASN A 54 -12.81 9.87 -1.89
C ASN A 54 -11.80 9.37 -2.92
N PRO A 55 -12.21 8.30 -3.66
CA PRO A 55 -11.35 7.72 -4.67
C PRO A 55 -11.30 8.59 -5.92
N GLY A 56 -12.35 9.39 -6.09
CA GLY A 56 -12.43 10.28 -7.23
C GLY A 56 -11.07 10.43 -7.92
N CYS A 57 -10.13 11.00 -7.18
CA CYS A 57 -8.79 11.21 -7.69
C CYS A 57 -8.25 9.86 -8.17
N VAL A 58 -7.82 9.06 -7.20
CA VAL A 58 -7.27 7.75 -7.51
C VAL A 58 -8.25 6.68 -7.03
N VAL A 59 -8.55 5.75 -7.93
CA VAL A 59 -9.46 4.67 -7.62
C VAL A 59 -8.67 3.38 -7.40
N VAL A 60 -9.33 2.40 -6.80
CA VAL A 60 -8.71 1.12 -6.52
C VAL A 60 -9.70 0.00 -6.80
N ASP A 61 -9.28 -0.94 -7.64
CA ASP A 61 -10.12 -2.07 -7.99
C ASP A 61 -9.34 -3.37 -7.78
N GLY A 62 -10.03 -4.48 -8.02
CA GLY A 62 -9.40 -5.78 -7.87
C GLY A 62 -9.57 -6.30 -6.44
N MET A 63 -9.74 -5.36 -5.52
CA MET A 63 -9.91 -5.70 -4.12
C MET A 63 -10.89 -6.87 -3.96
N PRO A 64 -10.70 -7.63 -2.84
CA PRO A 64 -11.56 -8.77 -2.57
C PRO A 64 -12.93 -8.32 -2.05
N PRO A 65 -13.89 -9.28 -2.05
CA PRO A 65 -15.24 -8.99 -1.60
C PRO A 65 -15.29 -8.88 -0.07
N GLY A 66 -16.05 -7.90 0.40
CA GLY A 66 -16.19 -7.68 1.83
C GLY A 66 -14.87 -7.23 2.44
N VAL A 67 -14.02 -6.66 1.60
CA VAL A 67 -12.73 -6.17 2.05
C VAL A 67 -12.49 -4.77 1.50
N SER A 68 -12.37 -3.83 2.42
CA SER A 68 -12.14 -2.44 2.05
C SER A 68 -10.66 -2.21 1.76
N PHE A 69 -10.37 -1.08 1.14
CA PHE A 69 -9.00 -0.74 0.80
C PHE A 69 -8.49 0.40 1.70
N LYS A 70 -7.25 0.25 2.15
CA LYS A 70 -6.65 1.25 3.01
C LYS A 70 -5.18 0.86 3.27
N ALA A 71 -4.57 1.59 4.19
CA ALA A 71 -3.18 1.33 4.54
C ALA A 71 -3.08 -0.03 5.24
N PRO A 72 -1.86 -0.64 5.11
CA PRO A 72 -1.62 -1.93 5.72
C PRO A 72 -1.43 -1.80 7.24
N SER A 73 -1.47 -0.56 7.69
CA SER A 73 -1.30 -0.28 9.11
C SER A 73 -2.60 -0.61 9.87
N TYR A 74 -3.71 -0.25 9.25
CA TYR A 74 -5.01 -0.50 9.84
C TYR A 74 -5.48 -1.93 9.56
N LEU A 75 -5.16 -2.40 8.36
CA LEU A 75 -5.54 -3.74 7.96
C LEU A 75 -4.83 -4.75 8.85
N GLU A 76 -5.47 -5.91 8.99
CA GLU A 76 -4.91 -6.97 9.81
C GLU A 76 -4.24 -8.03 8.93
N ILE A 77 -3.50 -8.92 9.58
CA ILE A 77 -2.80 -9.98 8.87
C ILE A 77 -3.74 -10.58 7.83
N SER A 78 -4.82 -11.17 8.31
CA SER A 78 -5.79 -11.79 7.44
C SER A 78 -6.12 -10.85 6.27
N SER A 79 -6.46 -9.61 6.63
CA SER A 79 -6.80 -8.62 5.63
C SER A 79 -5.72 -8.57 4.54
N MET A 80 -4.48 -8.48 4.99
CA MET A 80 -3.35 -8.43 4.07
C MET A 80 -3.25 -9.72 3.26
N ARG A 81 -3.21 -10.83 3.99
CA ARG A 81 -3.10 -12.13 3.34
C ARG A 81 -4.11 -12.24 2.19
N ARG A 82 -5.28 -11.65 2.42
CA ARG A 82 -6.33 -11.68 1.42
C ARG A 82 -5.93 -10.83 0.21
N ILE A 83 -5.83 -9.53 0.45
CA ILE A 83 -5.45 -8.61 -0.61
C ILE A 83 -4.34 -9.22 -1.45
N LEU A 84 -3.27 -9.63 -0.75
CA LEU A 84 -2.14 -10.24 -1.42
C LEU A 84 -2.63 -11.34 -2.36
N ASP A 85 -3.43 -12.23 -1.81
CA ASP A 85 -3.97 -13.34 -2.59
C ASP A 85 -4.53 -12.80 -3.90
N SER A 86 -4.90 -11.53 -3.88
CA SER A 86 -5.45 -10.89 -5.06
C SER A 86 -4.58 -9.70 -5.46
N ALA A 87 -3.27 -9.86 -5.26
CA ALA A 87 -2.33 -8.82 -5.59
C ALA A 87 -2.54 -8.39 -7.05
N GLU A 88 -2.11 -9.25 -7.95
CA GLU A 88 -2.24 -8.98 -9.37
C GLU A 88 -3.63 -8.42 -9.67
N PHE A 89 -4.62 -9.00 -9.03
CA PHE A 89 -6.00 -8.57 -9.22
C PHE A 89 -6.15 -7.07 -8.93
N ILE A 90 -5.49 -6.64 -7.86
CA ILE A 90 -5.53 -5.24 -7.47
C ILE A 90 -5.41 -4.36 -8.72
N LYS A 91 -5.89 -3.13 -8.59
CA LYS A 91 -5.84 -2.18 -9.69
C LYS A 91 -6.03 -0.77 -9.15
N PHE A 92 -5.47 0.19 -9.88
CA PHE A 92 -5.57 1.59 -9.48
C PHE A 92 -5.78 2.49 -10.70
N THR A 93 -6.92 3.15 -10.71
CA THR A 93 -7.25 4.05 -11.80
C THR A 93 -7.09 5.51 -11.38
N VAL A 94 -6.30 6.23 -12.15
CA VAL A 94 -6.04 7.64 -11.86
C VAL A 94 -6.95 8.51 -12.74
N ILE A 95 -8.18 8.70 -12.27
CA ILE A 95 -9.15 9.50 -13.00
C ILE A 95 -8.67 10.95 -13.03
N ARG A 96 -8.08 11.38 -11.92
CA ARG A 96 -7.58 12.73 -11.82
C ARG A 96 -6.55 12.83 -10.69
N PRO A 97 -5.42 13.51 -10.99
CA PRO A 97 -4.36 13.69 -10.01
C PRO A 97 -4.74 14.74 -8.97
N PHE A 98 -3.88 14.88 -7.97
CA PHE A 98 -4.13 15.84 -6.91
C PHE A 98 -3.47 17.18 -7.24
N PRO A 99 -3.91 18.23 -6.49
CA PRO A 99 -3.38 19.58 -6.68
C PRO A 99 -1.97 19.70 -6.11
N GLY A 100 -1.00 19.26 -6.90
CA GLY A 100 0.38 19.32 -6.48
C GLY A 100 1.11 18.00 -6.79
N LEU A 101 0.33 17.02 -7.21
CA LEU A 101 0.87 15.71 -7.54
C LEU A 101 1.75 15.83 -8.78
N VAL A 102 2.68 14.89 -8.90
CA VAL A 102 3.59 14.89 -10.04
C VAL A 102 3.72 13.46 -10.56
N ILE A 103 4.20 13.36 -11.80
CA ILE A 103 4.39 12.07 -12.43
C ILE A 103 5.84 11.91 -12.88
N ASN A 104 6.24 10.66 -13.03
CA ASN A 104 7.60 10.36 -13.43
C ASN A 104 8.57 10.77 -12.33
N ASN A 105 9.79 10.26 -12.43
CA ASN A 105 10.82 10.58 -11.44
C ASN A 105 11.06 12.08 -11.43
N GLN A 106 11.20 12.64 -12.61
CA GLN A 106 11.45 14.07 -12.75
C GLN A 106 10.31 14.86 -12.10
N LEU A 107 10.68 15.65 -11.11
CA LEU A 107 9.70 16.47 -10.41
C LEU A 107 10.07 17.94 -10.56
N VAL A 108 9.24 18.80 -9.97
CA VAL A 108 9.46 20.23 -10.03
C VAL A 108 9.74 20.76 -8.63
N SER A 109 10.94 21.30 -8.46
CA SER A 109 11.35 21.85 -7.18
C SER A 109 11.39 20.73 -6.13
N GLY A 110 12.61 20.42 -5.69
CA GLY A 110 12.81 19.38 -4.70
C GLY A 110 14.18 18.73 -4.85
N PRO A 111 15.13 19.23 -4.00
CA PRO A 111 16.50 18.70 -4.04
C PRO A 111 16.57 17.33 -3.37
N SER A 112 17.76 16.76 -3.40
CA SER A 112 17.98 15.45 -2.80
C SER A 112 17.36 15.40 -1.40
N SER A 113 17.87 16.25 -0.52
CA SER A 113 17.37 16.32 0.84
C SER A 113 16.70 17.67 1.09
N GLY A 114 15.46 17.76 0.66
CA GLY A 114 14.70 18.99 0.83
C GLY A 114 14.55 19.34 2.31
N GLY A 1 23.47 11.71 10.38
CA GLY A 1 22.21 10.99 10.31
C GLY A 1 22.34 9.58 10.87
N SER A 2 22.06 9.45 12.15
CA SER A 2 22.14 8.16 12.82
C SER A 2 20.93 7.95 13.72
N SER A 3 20.56 6.69 13.87
CA SER A 3 19.41 6.34 14.70
C SER A 3 19.89 5.66 15.99
N GLY A 4 18.97 5.55 16.93
CA GLY A 4 19.28 4.93 18.21
C GLY A 4 18.02 4.35 18.85
N SER A 5 17.91 3.03 18.77
CA SER A 5 16.77 2.34 19.34
C SER A 5 17.23 1.17 20.22
N SER A 6 17.93 0.24 19.59
CA SER A 6 18.45 -0.92 20.29
C SER A 6 17.31 -1.63 21.03
N GLY A 7 16.87 -2.73 20.46
CA GLY A 7 15.79 -3.51 21.05
C GLY A 7 14.91 -4.13 19.97
N ASP A 8 15.35 -5.27 19.47
CA ASP A 8 14.61 -5.98 18.43
C ASP A 8 15.01 -7.46 18.44
N ASP A 9 13.99 -8.31 18.50
CA ASP A 9 14.23 -9.74 18.52
C ASP A 9 13.25 -10.42 17.55
N ASN A 10 13.80 -10.89 16.44
CA ASN A 10 12.98 -11.56 15.45
C ASN A 10 12.49 -12.90 15.99
N GLU A 11 13.39 -13.58 16.68
CA GLU A 11 13.06 -14.87 17.27
C GLU A 11 11.69 -14.81 17.95
N ARG A 12 11.41 -13.67 18.56
CA ARG A 12 10.15 -13.47 19.24
C ARG A 12 9.03 -13.20 18.22
N LEU A 13 9.34 -12.34 17.27
CA LEU A 13 8.38 -11.99 16.24
C LEU A 13 7.67 -13.25 15.76
N SER A 14 6.42 -13.39 16.19
CA SER A 14 5.63 -14.54 15.82
C SER A 14 4.34 -14.09 15.13
N LYS A 15 3.46 -13.47 15.91
CA LYS A 15 2.20 -12.98 15.38
C LYS A 15 2.43 -11.65 14.67
N VAL A 16 3.54 -11.02 15.01
CA VAL A 16 3.88 -9.74 14.41
C VAL A 16 4.64 -9.98 13.10
N GLU A 17 5.72 -10.75 13.21
CA GLU A 17 6.53 -11.06 12.05
C GLU A 17 5.64 -11.24 10.82
N LYS A 18 4.49 -11.87 11.03
CA LYS A 18 3.56 -12.11 9.95
C LYS A 18 3.00 -10.78 9.46
N ALA A 19 2.39 -10.05 10.39
CA ALA A 19 1.81 -8.76 10.07
C ALA A 19 2.84 -7.91 9.34
N ARG A 20 3.97 -7.72 9.99
CA ARG A 20 5.04 -6.92 9.41
C ARG A 20 5.25 -7.31 7.94
N GLN A 21 5.72 -8.52 7.73
CA GLN A 21 5.95 -9.02 6.39
C GLN A 21 4.78 -8.65 5.47
N LEU A 22 3.59 -9.06 5.90
CA LEU A 22 2.39 -8.77 5.12
C LEU A 22 2.31 -7.27 4.83
N ARG A 23 2.25 -6.50 5.91
CA ARG A 23 2.16 -5.05 5.79
C ARG A 23 3.07 -4.56 4.66
N GLU A 24 4.32 -4.99 4.71
CA GLU A 24 5.28 -4.61 3.70
C GLU A 24 4.78 -5.01 2.31
N GLN A 25 4.50 -6.29 2.17
CA GLN A 25 4.01 -6.82 0.91
C GLN A 25 2.80 -6.00 0.42
N VAL A 26 1.89 -5.75 1.35
CA VAL A 26 0.70 -4.99 1.03
C VAL A 26 1.09 -3.56 0.63
N ASN A 27 1.76 -2.89 1.54
CA ASN A 27 2.20 -1.53 1.30
C ASN A 27 2.86 -1.45 -0.08
N ASP A 28 3.93 -2.21 -0.24
CA ASP A 28 4.66 -2.23 -1.50
C ASP A 28 3.69 -2.60 -2.62
N LEU A 29 2.92 -3.66 -2.39
CA LEU A 29 1.96 -4.12 -3.38
C LEU A 29 1.20 -2.92 -3.94
N PHE A 30 0.36 -2.34 -3.09
CA PHE A 30 -0.43 -1.18 -3.48
C PHE A 30 0.43 -0.15 -4.21
N SER A 31 1.65 -0.02 -3.73
CA SER A 31 2.58 0.94 -4.32
C SER A 31 2.92 0.51 -5.76
N ARG A 32 3.58 -0.64 -5.86
CA ARG A 32 3.98 -1.17 -7.15
C ARG A 32 2.81 -1.04 -8.15
N LYS A 33 1.64 -1.42 -7.68
CA LYS A 33 0.45 -1.35 -8.52
C LYS A 33 0.23 0.09 -8.97
N PHE A 34 -0.11 0.93 -8.00
CA PHE A 34 -0.36 2.33 -8.28
C PHE A 34 0.59 2.85 -9.37
N GLY A 35 1.78 2.28 -9.37
CA GLY A 35 2.80 2.66 -10.34
C GLY A 35 2.19 2.77 -11.75
N GLU A 36 1.65 1.65 -12.21
CA GLU A 36 1.05 1.59 -13.53
C GLU A 36 0.05 2.73 -13.71
N ALA A 37 -0.59 3.09 -12.60
CA ALA A 37 -1.57 4.16 -12.62
C ALA A 37 -0.87 5.47 -13.01
N ILE A 38 0.43 5.50 -12.80
CA ILE A 38 1.23 6.68 -13.13
C ILE A 38 2.25 6.31 -14.20
N GLY A 39 2.26 5.04 -14.57
CA GLY A 39 3.19 4.55 -15.57
C GLY A 39 4.62 4.54 -15.03
N MET A 40 4.73 4.59 -13.72
CA MET A 40 6.04 4.59 -13.07
C MET A 40 6.66 3.20 -13.09
N GLY A 41 7.99 3.18 -13.07
CA GLY A 41 8.72 1.92 -13.08
C GLY A 41 8.96 1.40 -11.66
N PHE A 42 8.74 2.29 -10.70
CA PHE A 42 8.92 1.94 -9.30
C PHE A 42 7.64 2.14 -8.51
N PRO A 43 7.60 1.54 -7.29
CA PRO A 43 6.44 1.66 -6.43
C PRO A 43 6.38 3.03 -5.77
N VAL A 44 5.25 3.70 -5.98
CA VAL A 44 5.05 5.02 -5.42
C VAL A 44 4.06 4.93 -4.26
N LYS A 45 4.09 5.96 -3.42
CA LYS A 45 3.19 6.02 -2.27
C LYS A 45 1.76 5.73 -2.73
N VAL A 46 0.92 5.37 -1.76
CA VAL A 46 -0.46 5.06 -2.05
C VAL A 46 -1.36 5.99 -1.22
N PRO A 47 -2.15 6.83 -1.93
CA PRO A 47 -3.05 7.76 -1.28
C PRO A 47 -4.28 7.04 -0.73
N TYR A 48 -4.04 6.20 0.27
CA TYR A 48 -5.11 5.45 0.89
C TYR A 48 -6.18 6.39 1.45
N ARG A 49 -5.75 7.32 2.29
CA ARG A 49 -6.65 8.27 2.90
C ARG A 49 -7.45 9.00 1.82
N LYS A 50 -6.72 9.50 0.83
CA LYS A 50 -7.34 10.22 -0.26
C LYS A 50 -8.33 9.31 -0.98
N ILE A 51 -7.85 8.14 -1.35
CA ILE A 51 -8.69 7.17 -2.04
C ILE A 51 -9.88 6.80 -1.16
N THR A 52 -9.75 7.14 0.12
CA THR A 52 -10.81 6.87 1.08
C THR A 52 -11.75 8.06 1.20
N ILE A 53 -11.20 9.17 1.68
CA ILE A 53 -11.97 10.38 1.86
C ILE A 53 -12.70 10.70 0.55
N ASN A 54 -12.15 10.19 -0.55
CA ASN A 54 -12.75 10.41 -1.85
C ASN A 54 -11.84 9.81 -2.93
N PRO A 55 -12.32 8.68 -3.51
CA PRO A 55 -11.56 8.00 -4.55
C PRO A 55 -11.63 8.76 -5.87
N GLY A 56 -12.72 9.51 -6.04
CA GLY A 56 -12.93 10.29 -7.24
C GLY A 56 -11.63 10.41 -8.04
N CYS A 57 -10.66 11.05 -7.41
CA CYS A 57 -9.36 11.25 -8.06
C CYS A 57 -8.83 9.88 -8.51
N VAL A 58 -8.11 9.24 -7.60
CA VAL A 58 -7.56 7.93 -7.89
C VAL A 58 -8.51 6.84 -7.38
N VAL A 59 -8.68 5.82 -8.21
CA VAL A 59 -9.55 4.72 -7.87
C VAL A 59 -8.72 3.46 -7.63
N VAL A 60 -9.36 2.46 -7.04
CA VAL A 60 -8.69 1.20 -6.77
C VAL A 60 -9.64 0.04 -7.07
N ASP A 61 -9.18 -0.84 -7.96
CA ASP A 61 -9.98 -1.98 -8.34
C ASP A 61 -9.22 -3.27 -7.99
N GLY A 62 -9.88 -4.39 -8.21
CA GLY A 62 -9.30 -5.69 -7.92
C GLY A 62 -9.53 -6.09 -6.46
N MET A 63 -9.86 -5.09 -5.65
CA MET A 63 -10.12 -5.33 -4.24
C MET A 63 -10.99 -6.57 -4.05
N PRO A 64 -10.67 -7.33 -2.96
CA PRO A 64 -11.41 -8.53 -2.64
C PRO A 64 -12.79 -8.20 -2.06
N PRO A 65 -13.66 -9.24 -2.00
CA PRO A 65 -15.00 -9.06 -1.47
C PRO A 65 -14.97 -8.96 0.06
N GLY A 66 -15.77 -8.04 0.57
CA GLY A 66 -15.85 -7.83 2.01
C GLY A 66 -14.50 -7.37 2.56
N VAL A 67 -13.74 -6.69 1.72
CA VAL A 67 -12.43 -6.19 2.12
C VAL A 67 -12.29 -4.73 1.70
N SER A 68 -12.13 -3.87 2.70
CA SER A 68 -11.99 -2.45 2.45
C SER A 68 -10.52 -2.11 2.21
N PHE A 69 -10.30 -1.16 1.32
CA PHE A 69 -8.94 -0.74 0.99
C PHE A 69 -8.47 0.35 1.96
N LYS A 70 -7.23 0.21 2.40
CA LYS A 70 -6.64 1.16 3.32
C LYS A 70 -5.20 0.75 3.64
N ALA A 71 -4.52 1.62 4.36
CA ALA A 71 -3.14 1.36 4.74
C ALA A 71 -3.07 0.02 5.47
N PRO A 72 -1.87 -0.63 5.36
CA PRO A 72 -1.66 -1.92 6.01
C PRO A 72 -1.46 -1.75 7.51
N SER A 73 -1.34 -0.49 7.93
CA SER A 73 -1.15 -0.18 9.32
C SER A 73 -2.45 -0.39 10.10
N TYR A 74 -3.55 -0.39 9.35
CA TYR A 74 -4.86 -0.58 9.95
C TYR A 74 -5.41 -1.98 9.63
N LEU A 75 -5.08 -2.44 8.44
CA LEU A 75 -5.53 -3.76 8.00
C LEU A 75 -4.93 -4.83 8.93
N GLU A 76 -5.66 -5.93 9.04
CA GLU A 76 -5.22 -7.03 9.89
C GLU A 76 -4.46 -8.06 9.07
N ILE A 77 -3.72 -8.91 9.76
CA ILE A 77 -2.95 -9.94 9.10
C ILE A 77 -3.83 -10.67 8.09
N SER A 78 -5.00 -11.08 8.55
CA SER A 78 -5.95 -11.78 7.69
C SER A 78 -6.23 -10.94 6.45
N SER A 79 -6.69 -9.73 6.68
CA SER A 79 -7.01 -8.83 5.59
C SER A 79 -5.89 -8.82 4.56
N MET A 80 -4.72 -8.39 5.00
CA MET A 80 -3.56 -8.33 4.14
C MET A 80 -3.46 -9.59 3.26
N ARG A 81 -3.42 -10.73 3.94
CA ARG A 81 -3.33 -12.00 3.25
C ARG A 81 -4.29 -12.02 2.06
N ARG A 82 -5.53 -11.63 2.33
CA ARG A 82 -6.55 -11.61 1.30
C ARG A 82 -6.09 -10.76 0.11
N ILE A 83 -5.96 -9.46 0.37
CA ILE A 83 -5.52 -8.54 -0.66
C ILE A 83 -4.42 -9.20 -1.51
N LEU A 84 -3.39 -9.68 -0.82
CA LEU A 84 -2.29 -10.33 -1.49
C LEU A 84 -2.83 -11.40 -2.43
N ASP A 85 -3.68 -12.25 -1.88
CA ASP A 85 -4.27 -13.33 -2.65
C ASP A 85 -4.76 -12.78 -3.99
N SER A 86 -5.06 -11.49 -4.00
CA SER A 86 -5.53 -10.83 -5.20
C SER A 86 -4.61 -9.67 -5.56
N ALA A 87 -3.32 -9.88 -5.33
CA ALA A 87 -2.32 -8.86 -5.62
C ALA A 87 -2.47 -8.42 -7.08
N GLU A 88 -2.09 -9.32 -7.97
CA GLU A 88 -2.18 -9.03 -9.40
C GLU A 88 -3.55 -8.44 -9.74
N PHE A 89 -4.56 -8.94 -9.05
CA PHE A 89 -5.92 -8.47 -9.27
C PHE A 89 -6.04 -6.98 -8.97
N ILE A 90 -5.33 -6.56 -7.93
CA ILE A 90 -5.35 -5.17 -7.53
C ILE A 90 -5.16 -4.28 -8.76
N LYS A 91 -5.68 -3.06 -8.66
CA LYS A 91 -5.57 -2.11 -9.75
C LYS A 91 -5.84 -0.70 -9.23
N PHE A 92 -5.21 0.27 -9.87
CA PHE A 92 -5.37 1.65 -9.48
C PHE A 92 -5.57 2.56 -10.70
N THR A 93 -6.72 3.19 -10.75
CA THR A 93 -7.04 4.08 -11.86
C THR A 93 -6.88 5.54 -11.43
N VAL A 94 -6.10 6.27 -12.21
CA VAL A 94 -5.86 7.68 -11.93
C VAL A 94 -6.80 8.53 -12.78
N ILE A 95 -8.06 8.51 -12.41
CA ILE A 95 -9.07 9.28 -13.12
C ILE A 95 -8.68 10.76 -13.12
N ARG A 96 -8.45 11.27 -11.92
CA ARG A 96 -8.06 12.66 -11.76
C ARG A 96 -6.99 12.80 -10.68
N PRO A 97 -5.90 13.52 -11.04
CA PRO A 97 -4.80 13.73 -10.12
C PRO A 97 -5.17 14.76 -9.06
N PHE A 98 -4.45 14.70 -7.94
CA PHE A 98 -4.69 15.63 -6.84
C PHE A 98 -4.06 16.99 -7.13
N PRO A 99 -4.48 18.00 -6.31
CA PRO A 99 -3.97 19.35 -6.46
C PRO A 99 -2.55 19.46 -5.92
N GLY A 100 -1.59 19.07 -6.75
CA GLY A 100 -0.19 19.12 -6.36
C GLY A 100 0.49 17.78 -6.62
N LEU A 101 -0.29 16.82 -7.09
CA LEU A 101 0.22 15.50 -7.39
C LEU A 101 1.07 15.56 -8.66
N VAL A 102 1.90 14.54 -8.83
CA VAL A 102 2.78 14.47 -9.99
C VAL A 102 2.69 13.07 -10.60
N ILE A 103 3.14 12.97 -11.85
CA ILE A 103 3.12 11.71 -12.54
C ILE A 103 4.50 11.05 -12.46
N ASN A 104 5.51 11.82 -12.84
CA ASN A 104 6.88 11.34 -12.80
C ASN A 104 7.68 12.17 -11.81
N ASN A 105 8.82 11.62 -11.41
CA ASN A 105 9.70 12.29 -10.46
C ASN A 105 9.77 13.78 -10.81
N GLN A 106 10.03 14.59 -9.80
CA GLN A 106 10.13 16.02 -9.99
C GLN A 106 10.39 16.73 -8.66
N LEU A 107 11.63 16.66 -8.22
CA LEU A 107 12.02 17.28 -6.97
C LEU A 107 11.94 18.80 -7.11
N VAL A 108 12.22 19.48 -6.00
CA VAL A 108 12.18 20.93 -5.99
C VAL A 108 10.94 21.42 -6.74
N SER A 109 9.80 21.33 -6.06
CA SER A 109 8.53 21.75 -6.64
C SER A 109 8.07 23.05 -6.00
N GLY A 110 8.10 24.12 -6.79
CA GLY A 110 7.68 25.42 -6.31
C GLY A 110 6.62 26.03 -7.24
N PRO A 111 6.05 27.18 -6.77
CA PRO A 111 5.03 27.87 -7.55
C PRO A 111 5.64 28.61 -8.73
N SER A 112 6.69 29.37 -8.44
CA SER A 112 7.37 30.13 -9.46
C SER A 112 8.84 30.32 -9.08
N SER A 113 9.04 30.95 -7.93
CA SER A 113 10.39 31.20 -7.44
C SER A 113 10.85 30.04 -6.55
N GLY A 114 10.07 29.81 -5.49
CA GLY A 114 10.39 28.74 -4.56
C GLY A 114 11.82 28.87 -4.04
N GLY A 1 0.17 14.33 16.83
CA GLY A 1 0.29 12.99 17.36
C GLY A 1 1.53 12.29 16.80
N SER A 2 2.07 11.37 17.59
CA SER A 2 3.25 10.63 17.19
C SER A 2 3.33 9.31 17.95
N SER A 3 3.45 8.23 17.19
CA SER A 3 3.53 6.90 17.78
C SER A 3 4.11 5.91 16.76
N GLY A 4 4.89 4.97 17.28
CA GLY A 4 5.51 3.97 16.43
C GLY A 4 6.50 3.12 17.22
N SER A 5 6.58 1.85 16.86
CA SER A 5 7.48 0.93 17.52
C SER A 5 7.43 -0.44 16.85
N SER A 6 8.57 -1.11 16.84
CA SER A 6 8.66 -2.43 16.23
C SER A 6 10.07 -3.00 16.42
N GLY A 7 10.21 -4.27 16.11
CA GLY A 7 11.49 -4.94 16.25
C GLY A 7 11.36 -6.19 17.12
N ASP A 8 12.05 -6.15 18.26
CA ASP A 8 12.03 -7.28 19.19
C ASP A 8 12.48 -8.54 18.46
N ASP A 9 12.71 -9.59 19.25
CA ASP A 9 13.15 -10.86 18.70
C ASP A 9 12.00 -11.49 17.91
N ASN A 10 12.37 -12.21 16.86
CA ASN A 10 11.38 -12.86 16.02
C ASN A 10 10.66 -13.94 16.83
N GLU A 11 11.41 -14.57 17.71
CA GLU A 11 10.85 -15.61 18.56
C GLU A 11 9.57 -15.13 19.22
N ARG A 12 9.54 -13.83 19.51
CA ARG A 12 8.38 -13.24 20.15
C ARG A 12 7.35 -12.81 19.10
N LEU A 13 7.86 -12.20 18.03
CA LEU A 13 7.01 -11.75 16.94
C LEU A 13 6.06 -12.88 16.55
N SER A 14 6.55 -13.73 15.66
CA SER A 14 5.75 -14.84 15.18
C SER A 14 4.53 -14.34 14.42
N LYS A 15 3.42 -14.26 15.14
CA LYS A 15 2.17 -13.80 14.55
C LYS A 15 2.38 -12.41 13.97
N VAL A 16 3.07 -11.58 14.74
CA VAL A 16 3.35 -10.21 14.32
C VAL A 16 4.25 -10.24 13.08
N GLU A 17 5.34 -10.97 13.21
CA GLU A 17 6.29 -11.09 12.11
C GLU A 17 5.55 -11.30 10.79
N LYS A 18 4.38 -11.91 10.88
CA LYS A 18 3.57 -12.16 9.71
C LYS A 18 2.97 -10.85 9.22
N ALA A 19 2.41 -10.10 10.15
CA ALA A 19 1.79 -8.83 9.83
C ALA A 19 2.86 -7.86 9.35
N ARG A 20 3.89 -7.69 10.17
CA ARG A 20 4.98 -6.80 9.84
C ARG A 20 5.37 -6.95 8.36
N GLN A 21 5.64 -8.20 7.99
CA GLN A 21 6.03 -8.50 6.63
C GLN A 21 4.90 -8.11 5.66
N LEU A 22 3.71 -8.65 5.94
CA LEU A 22 2.55 -8.37 5.11
C LEU A 22 2.42 -6.86 4.91
N ARG A 23 2.56 -6.14 6.02
CA ARG A 23 2.46 -4.69 5.98
C ARG A 23 3.36 -4.12 4.88
N GLU A 24 4.47 -4.82 4.66
CA GLU A 24 5.42 -4.40 3.65
C GLU A 24 4.94 -4.80 2.26
N GLN A 25 4.56 -6.06 2.13
CA GLN A 25 4.06 -6.57 0.87
C GLN A 25 2.85 -5.76 0.40
N VAL A 26 1.91 -5.59 1.32
CA VAL A 26 0.70 -4.85 1.01
C VAL A 26 1.07 -3.44 0.56
N ASN A 27 1.92 -2.81 1.36
CA ASN A 27 2.37 -1.46 1.07
C ASN A 27 2.98 -1.42 -0.33
N ASP A 28 4.14 -2.06 -0.45
CA ASP A 28 4.84 -2.12 -1.72
C ASP A 28 3.85 -2.51 -2.83
N LEU A 29 3.07 -3.52 -2.53
CA LEU A 29 2.08 -4.00 -3.49
C LEU A 29 1.37 -2.80 -4.12
N PHE A 30 0.63 -2.09 -3.29
CA PHE A 30 -0.11 -0.93 -3.75
C PHE A 30 0.82 0.06 -4.45
N SER A 31 1.93 0.36 -3.78
CA SER A 31 2.90 1.29 -4.33
C SER A 31 3.28 0.87 -5.76
N ARG A 32 3.72 -0.37 -5.88
CA ARG A 32 4.12 -0.90 -7.17
C ARG A 32 2.95 -0.82 -8.17
N LYS A 33 1.89 -1.56 -7.85
CA LYS A 33 0.71 -1.57 -8.69
C LYS A 33 0.35 -0.14 -9.08
N PHE A 34 0.22 0.70 -8.07
CA PHE A 34 -0.12 2.09 -8.30
C PHE A 34 0.73 2.70 -9.42
N GLY A 35 2.03 2.42 -9.34
CA GLY A 35 2.96 2.94 -10.33
C GLY A 35 2.39 2.78 -11.74
N GLU A 36 1.58 1.74 -11.91
CA GLU A 36 0.97 1.47 -13.20
C GLU A 36 -0.07 2.53 -13.52
N ALA A 37 -0.89 2.84 -12.52
CA ALA A 37 -1.93 3.85 -12.69
C ALA A 37 -1.30 5.17 -13.12
N ILE A 38 0.01 5.26 -12.93
CA ILE A 38 0.74 6.46 -13.29
C ILE A 38 1.78 6.12 -14.37
N GLY A 39 1.62 4.93 -14.93
CA GLY A 39 2.53 4.47 -15.98
C GLY A 39 3.98 4.65 -15.55
N MET A 40 4.18 4.73 -14.23
CA MET A 40 5.51 4.90 -13.69
C MET A 40 6.30 3.59 -13.74
N GLY A 41 7.62 3.73 -13.75
CA GLY A 41 8.49 2.57 -13.81
C GLY A 41 9.01 2.22 -12.41
N PHE A 42 8.26 2.63 -11.41
CA PHE A 42 8.63 2.36 -10.03
C PHE A 42 7.43 2.51 -9.10
N PRO A 43 7.58 1.94 -7.87
CA PRO A 43 6.53 2.01 -6.87
C PRO A 43 6.44 3.41 -6.26
N VAL A 44 5.30 4.04 -6.47
CA VAL A 44 5.08 5.38 -5.94
C VAL A 44 4.20 5.29 -4.69
N LYS A 45 4.21 6.37 -3.92
CA LYS A 45 3.43 6.43 -2.70
C LYS A 45 1.94 6.30 -3.05
N VAL A 46 1.20 5.71 -2.12
CA VAL A 46 -0.23 5.51 -2.31
C VAL A 46 -0.99 6.25 -1.21
N PRO A 47 -1.67 7.35 -1.63
CA PRO A 47 -2.43 8.15 -0.69
C PRO A 47 -3.75 7.46 -0.31
N TYR A 48 -3.60 6.34 0.40
CA TYR A 48 -4.75 5.57 0.83
C TYR A 48 -5.82 6.48 1.45
N ARG A 49 -5.35 7.48 2.17
CA ARG A 49 -6.25 8.42 2.80
C ARG A 49 -7.19 9.06 1.77
N LYS A 50 -6.60 9.84 0.88
CA LYS A 50 -7.36 10.49 -0.17
C LYS A 50 -8.34 9.49 -0.78
N ILE A 51 -7.81 8.35 -1.20
CA ILE A 51 -8.63 7.32 -1.81
C ILE A 51 -9.73 6.91 -0.82
N THR A 52 -9.38 6.95 0.46
CA THR A 52 -10.33 6.58 1.50
C THR A 52 -11.50 7.58 1.52
N ILE A 53 -11.17 8.82 1.85
CA ILE A 53 -12.18 9.87 1.92
C ILE A 53 -13.00 9.86 0.62
N ASN A 54 -12.36 9.40 -0.45
CA ASN A 54 -13.01 9.33 -1.74
C ASN A 54 -11.97 9.00 -2.81
N PRO A 55 -12.37 8.07 -3.72
CA PRO A 55 -11.50 7.66 -4.81
C PRO A 55 -11.40 8.74 -5.89
N GLY A 56 -12.57 9.11 -6.40
CA GLY A 56 -12.63 10.13 -7.43
C GLY A 56 -11.36 10.14 -8.28
N CYS A 57 -10.37 10.89 -7.80
CA CYS A 57 -9.10 11.00 -8.49
C CYS A 57 -8.58 9.59 -8.76
N VAL A 58 -7.93 9.04 -7.75
CA VAL A 58 -7.38 7.69 -7.85
C VAL A 58 -8.39 6.68 -7.31
N VAL A 59 -8.54 5.59 -8.04
CA VAL A 59 -9.47 4.55 -7.64
C VAL A 59 -8.69 3.26 -7.34
N VAL A 60 -9.40 2.31 -6.75
CA VAL A 60 -8.78 1.03 -6.40
C VAL A 60 -9.77 -0.10 -6.69
N ASP A 61 -9.30 -1.07 -7.46
CA ASP A 61 -10.12 -2.21 -7.82
C ASP A 61 -9.39 -3.50 -7.48
N GLY A 62 -10.04 -4.62 -7.76
CA GLY A 62 -9.45 -5.92 -7.50
C GLY A 62 -9.62 -6.29 -6.02
N MET A 63 -10.12 -5.34 -5.25
CA MET A 63 -10.33 -5.55 -3.83
C MET A 63 -11.24 -6.76 -3.59
N PRO A 64 -10.93 -7.51 -2.49
CA PRO A 64 -11.72 -8.67 -2.15
C PRO A 64 -13.06 -8.27 -1.52
N PRO A 65 -13.96 -9.28 -1.40
CA PRO A 65 -15.28 -9.05 -0.83
C PRO A 65 -15.19 -8.89 0.69
N GLY A 66 -15.96 -7.92 1.19
CA GLY A 66 -15.99 -7.66 2.61
C GLY A 66 -14.63 -7.15 3.10
N VAL A 67 -13.92 -6.50 2.20
CA VAL A 67 -12.61 -5.96 2.51
C VAL A 67 -12.47 -4.55 1.93
N SER A 68 -12.09 -3.62 2.80
CA SER A 68 -11.93 -2.24 2.39
C SER A 68 -10.45 -1.95 2.11
N PHE A 69 -10.23 -0.93 1.30
CA PHE A 69 -8.87 -0.53 0.95
C PHE A 69 -8.37 0.60 1.84
N LYS A 70 -7.13 0.46 2.28
CA LYS A 70 -6.52 1.46 3.14
C LYS A 70 -5.06 1.10 3.38
N ALA A 71 -4.45 1.81 4.32
CA ALA A 71 -3.06 1.58 4.66
C ALA A 71 -2.93 0.23 5.37
N PRO A 72 -1.73 -0.39 5.23
CA PRO A 72 -1.47 -1.68 5.85
C PRO A 72 -1.25 -1.53 7.36
N SER A 73 -1.30 -0.28 7.81
CA SER A 73 -1.11 0.01 9.22
C SER A 73 -2.38 -0.32 9.99
N TYR A 74 -3.52 -0.14 9.33
CA TYR A 74 -4.80 -0.40 9.93
C TYR A 74 -5.27 -1.83 9.62
N LEU A 75 -5.02 -2.24 8.38
CA LEU A 75 -5.41 -3.57 7.94
C LEU A 75 -4.71 -4.61 8.80
N GLU A 76 -5.41 -5.70 9.04
CA GLU A 76 -4.87 -6.79 9.85
C GLU A 76 -4.21 -7.84 8.95
N ILE A 77 -3.65 -8.84 9.60
CA ILE A 77 -2.98 -9.92 8.88
C ILE A 77 -3.95 -10.51 7.85
N SER A 78 -5.01 -11.12 8.36
CA SER A 78 -6.01 -11.73 7.49
C SER A 78 -6.32 -10.79 6.33
N SER A 79 -6.47 -9.52 6.66
CA SER A 79 -6.79 -8.52 5.66
C SER A 79 -5.68 -8.48 4.60
N MET A 80 -4.51 -8.03 5.02
CA MET A 80 -3.38 -7.95 4.12
C MET A 80 -3.28 -9.19 3.23
N ARG A 81 -3.43 -10.34 3.86
CA ARG A 81 -3.37 -11.60 3.14
C ARG A 81 -4.29 -11.57 1.93
N ARG A 82 -5.59 -11.53 2.22
CA ARG A 82 -6.60 -11.50 1.16
C ARG A 82 -6.11 -10.63 0.01
N ILE A 83 -5.95 -9.35 0.29
CA ILE A 83 -5.50 -8.40 -0.72
C ILE A 83 -4.41 -9.06 -1.56
N LEU A 84 -3.39 -9.56 -0.88
CA LEU A 84 -2.28 -10.22 -1.56
C LEU A 84 -2.81 -11.40 -2.38
N ASP A 85 -3.64 -12.19 -1.73
CA ASP A 85 -4.22 -13.36 -2.39
C ASP A 85 -4.82 -12.94 -3.73
N SER A 86 -5.14 -11.65 -3.81
CA SER A 86 -5.72 -11.11 -5.04
C SER A 86 -4.81 -10.02 -5.60
N ALA A 87 -3.54 -10.09 -5.22
CA ALA A 87 -2.57 -9.12 -5.69
C ALA A 87 -2.67 -8.98 -7.21
N GLU A 88 -3.07 -10.07 -7.84
CA GLU A 88 -3.21 -10.08 -9.29
C GLU A 88 -4.47 -9.30 -9.71
N PHE A 89 -5.44 -9.28 -8.80
CA PHE A 89 -6.69 -8.60 -9.07
C PHE A 89 -6.55 -7.10 -8.76
N ILE A 90 -5.85 -6.81 -7.67
CA ILE A 90 -5.64 -5.44 -7.26
C ILE A 90 -5.36 -4.57 -8.48
N LYS A 91 -5.96 -3.38 -8.48
CA LYS A 91 -5.79 -2.46 -9.58
C LYS A 91 -5.96 -1.03 -9.07
N PHE A 92 -5.43 -0.08 -9.84
CA PHE A 92 -5.53 1.32 -9.47
C PHE A 92 -5.77 2.19 -10.71
N THR A 93 -6.91 2.87 -10.71
CA THR A 93 -7.26 3.74 -11.82
C THR A 93 -7.11 5.21 -11.42
N VAL A 94 -6.45 5.96 -12.30
CA VAL A 94 -6.24 7.37 -12.05
C VAL A 94 -7.07 8.19 -13.03
N ILE A 95 -8.32 8.42 -12.64
CA ILE A 95 -9.23 9.19 -13.49
C ILE A 95 -8.72 10.63 -13.59
N ARG A 96 -8.41 11.21 -12.44
CA ARG A 96 -7.90 12.57 -12.40
C ARG A 96 -6.95 12.74 -11.22
N PRO A 97 -5.80 13.41 -11.51
CA PRO A 97 -4.80 13.66 -10.48
C PRO A 97 -5.24 14.76 -9.52
N PHE A 98 -4.57 14.82 -8.38
CA PHE A 98 -4.88 15.83 -7.38
C PHE A 98 -4.34 17.20 -7.79
N PRO A 99 -4.85 18.24 -7.09
CA PRO A 99 -4.42 19.61 -7.36
C PRO A 99 -3.02 19.86 -6.78
N GLY A 100 -2.02 19.42 -7.53
CA GLY A 100 -0.64 19.60 -7.11
C GLY A 100 0.16 18.31 -7.32
N LEU A 101 -0.56 17.25 -7.65
CA LEU A 101 0.08 15.97 -7.88
C LEU A 101 0.94 16.04 -9.14
N VAL A 102 1.91 15.14 -9.21
CA VAL A 102 2.81 15.09 -10.34
C VAL A 102 3.10 13.63 -10.70
N ILE A 103 3.29 13.40 -11.99
CA ILE A 103 3.57 12.06 -12.48
C ILE A 103 4.96 12.03 -13.09
N ASN A 104 5.93 12.50 -12.32
CA ASN A 104 7.30 12.52 -12.78
C ASN A 104 8.17 13.27 -11.76
N ASN A 105 9.46 13.33 -12.04
CA ASN A 105 10.39 14.01 -11.16
C ASN A 105 10.14 13.57 -9.72
N GLN A 106 10.66 14.34 -8.79
CA GLN A 106 10.51 14.04 -7.38
C GLN A 106 11.17 12.71 -7.04
N LEU A 107 12.26 12.43 -7.76
CA LEU A 107 12.99 11.20 -7.55
C LEU A 107 13.43 11.11 -6.08
N VAL A 108 14.27 10.13 -5.80
CA VAL A 108 14.77 9.93 -4.45
C VAL A 108 13.60 9.57 -3.52
N SER A 109 12.84 10.59 -3.17
CA SER A 109 11.70 10.39 -2.29
C SER A 109 12.14 10.46 -0.83
N GLY A 110 11.15 10.49 0.05
CA GLY A 110 11.42 10.57 1.48
C GLY A 110 12.65 9.72 1.84
N PRO A 111 13.31 10.12 2.96
CA PRO A 111 14.49 9.41 3.43
C PRO A 111 14.10 8.08 4.09
N SER A 112 15.04 7.55 4.86
CA SER A 112 14.82 6.29 5.55
C SER A 112 13.51 6.36 6.34
N SER A 113 13.36 7.43 7.10
CA SER A 113 12.17 7.63 7.90
C SER A 113 11.35 8.81 7.36
N GLY A 114 10.61 8.52 6.29
CA GLY A 114 9.78 9.54 5.67
C GLY A 114 8.33 9.44 6.15
N GLY A 1 -1.23 6.48 19.02
CA GLY A 1 -1.14 5.03 19.15
C GLY A 1 -0.59 4.64 20.53
N SER A 2 0.73 4.62 20.61
CA SER A 2 1.39 4.27 21.85
C SER A 2 0.74 3.02 22.46
N SER A 3 1.14 1.86 21.93
CA SER A 3 0.60 0.60 22.41
C SER A 3 1.29 -0.56 21.71
N GLY A 4 1.88 -1.43 22.50
CA GLY A 4 2.57 -2.59 21.98
C GLY A 4 3.97 -2.20 21.46
N SER A 5 4.01 -1.82 20.20
CA SER A 5 5.26 -1.42 19.59
C SER A 5 6.37 -2.41 19.95
N SER A 6 6.44 -3.48 19.18
CA SER A 6 7.43 -4.51 19.40
C SER A 6 8.10 -4.90 18.08
N GLY A 7 9.24 -5.55 18.20
CA GLY A 7 9.98 -5.99 17.03
C GLY A 7 11.33 -6.59 17.42
N ASP A 8 11.27 -7.76 18.05
CA ASP A 8 12.47 -8.44 18.48
C ASP A 8 12.17 -9.93 18.67
N ASP A 9 13.20 -10.74 18.45
CA ASP A 9 13.06 -12.18 18.59
C ASP A 9 11.91 -12.66 17.70
N ASN A 10 12.28 -13.28 16.60
CA ASN A 10 11.30 -13.79 15.65
C ASN A 10 10.47 -14.88 16.34
N GLU A 11 11.09 -15.52 17.33
CA GLU A 11 10.42 -16.58 18.07
C GLU A 11 9.18 -16.03 18.79
N ARG A 12 9.40 -14.99 19.57
CA ARG A 12 8.33 -14.36 20.31
C ARG A 12 7.28 -13.79 19.35
N LEU A 13 7.78 -13.15 18.31
CA LEU A 13 6.90 -12.55 17.31
C LEU A 13 5.95 -13.62 16.77
N SER A 14 6.24 -14.08 15.57
CA SER A 14 5.42 -15.11 14.93
C SER A 14 4.17 -14.46 14.33
N LYS A 15 3.28 -14.04 15.20
CA LYS A 15 2.04 -13.41 14.78
C LYS A 15 2.34 -11.99 14.30
N VAL A 16 3.38 -11.41 14.87
CA VAL A 16 3.78 -10.06 14.52
C VAL A 16 4.57 -10.09 13.21
N GLU A 17 5.57 -10.96 13.19
CA GLU A 17 6.41 -11.10 12.02
C GLU A 17 5.55 -11.26 10.76
N LYS A 18 4.34 -11.78 10.98
CA LYS A 18 3.42 -12.00 9.89
C LYS A 18 2.87 -10.65 9.42
N ALA A 19 2.38 -9.88 10.37
CA ALA A 19 1.82 -8.57 10.07
C ALA A 19 2.87 -7.73 9.36
N ARG A 20 4.05 -7.67 9.96
CA ARG A 20 5.15 -6.90 9.40
C ARG A 20 5.32 -7.24 7.92
N GLN A 21 5.66 -8.50 7.67
CA GLN A 21 5.87 -8.96 6.30
C GLN A 21 4.71 -8.52 5.41
N LEU A 22 3.51 -8.84 5.87
CA LEU A 22 2.30 -8.49 5.13
C LEU A 22 2.31 -6.98 4.85
N ARG A 23 2.30 -6.21 5.92
CA ARG A 23 2.30 -4.77 5.80
C ARG A 23 3.20 -4.33 4.66
N GLU A 24 4.47 -4.74 4.75
CA GLU A 24 5.44 -4.39 3.72
C GLU A 24 4.92 -4.77 2.34
N GLN A 25 4.60 -6.05 2.20
CA GLN A 25 4.08 -6.55 0.93
C GLN A 25 2.94 -5.67 0.44
N VAL A 26 1.90 -5.59 1.25
CA VAL A 26 0.74 -4.77 0.91
C VAL A 26 1.21 -3.40 0.41
N ASN A 27 1.89 -2.70 1.30
CA ASN A 27 2.40 -1.37 0.96
C ASN A 27 2.94 -1.39 -0.47
N ASP A 28 4.05 -2.09 -0.64
CA ASP A 28 4.68 -2.18 -1.95
C ASP A 28 3.63 -2.58 -2.99
N LEU A 29 2.92 -3.65 -2.69
CA LEU A 29 1.88 -4.14 -3.59
C LEU A 29 1.10 -2.95 -4.15
N PHE A 30 0.43 -2.25 -3.25
CA PHE A 30 -0.36 -1.10 -3.64
C PHE A 30 0.49 -0.09 -4.42
N SER A 31 1.66 0.20 -3.87
CA SER A 31 2.57 1.13 -4.51
C SER A 31 2.85 0.70 -5.95
N ARG A 32 3.36 -0.52 -6.08
CA ARG A 32 3.67 -1.06 -7.39
C ARG A 32 2.48 -0.92 -8.33
N LYS A 33 1.37 -1.54 -7.92
CA LYS A 33 0.16 -1.49 -8.71
C LYS A 33 -0.17 -0.03 -9.05
N PHE A 34 -0.10 0.80 -8.03
CA PHE A 34 -0.39 2.22 -8.21
C PHE A 34 0.59 2.86 -9.20
N GLY A 35 1.72 2.20 -9.36
CA GLY A 35 2.74 2.68 -10.28
C GLY A 35 2.21 2.78 -11.71
N GLU A 36 1.84 1.62 -12.25
CA GLU A 36 1.32 1.55 -13.59
C GLU A 36 0.21 2.60 -13.79
N ALA A 37 -0.53 2.83 -12.71
CA ALA A 37 -1.61 3.81 -12.75
C ALA A 37 -1.05 5.16 -13.17
N ILE A 38 0.25 5.31 -12.99
CA ILE A 38 0.92 6.56 -13.33
C ILE A 38 2.01 6.27 -14.37
N GLY A 39 1.89 5.12 -15.01
CA GLY A 39 2.86 4.72 -16.02
C GLY A 39 4.28 4.82 -15.48
N MET A 40 4.38 4.83 -14.16
CA MET A 40 5.68 4.93 -13.50
C MET A 40 6.40 3.58 -13.51
N GLY A 41 7.70 3.64 -13.70
CA GLY A 41 8.52 2.44 -13.73
C GLY A 41 8.98 2.06 -12.33
N PHE A 42 8.09 2.26 -11.37
CA PHE A 42 8.40 1.94 -9.98
C PHE A 42 7.18 2.14 -9.08
N PRO A 43 7.25 1.55 -7.86
CA PRO A 43 6.16 1.67 -6.91
C PRO A 43 6.13 3.07 -6.27
N VAL A 44 4.99 3.72 -6.42
CA VAL A 44 4.82 5.05 -5.86
C VAL A 44 3.91 4.98 -4.64
N LYS A 45 4.03 5.99 -3.79
CA LYS A 45 3.23 6.05 -2.58
C LYS A 45 1.75 5.89 -2.94
N VAL A 46 0.99 5.41 -1.97
CA VAL A 46 -0.44 5.21 -2.17
C VAL A 46 -1.22 6.01 -1.13
N PRO A 47 -1.91 7.08 -1.63
CA PRO A 47 -2.68 7.94 -0.76
C PRO A 47 -3.99 7.25 -0.35
N TYR A 48 -3.86 6.29 0.56
CA TYR A 48 -5.01 5.55 1.04
C TYR A 48 -6.10 6.51 1.54
N ARG A 49 -5.66 7.51 2.29
CA ARG A 49 -6.57 8.50 2.83
C ARG A 49 -7.41 9.12 1.71
N LYS A 50 -6.73 9.75 0.76
CA LYS A 50 -7.39 10.38 -0.35
C LYS A 50 -8.45 9.43 -0.92
N ILE A 51 -7.99 8.25 -1.31
CA ILE A 51 -8.89 7.25 -1.86
C ILE A 51 -9.98 6.93 -0.86
N THR A 52 -9.63 7.06 0.41
CA THR A 52 -10.58 6.80 1.48
C THR A 52 -11.68 7.84 1.49
N ILE A 53 -11.29 9.07 1.85
CA ILE A 53 -12.24 10.17 1.89
C ILE A 53 -13.04 10.21 0.59
N ASN A 54 -12.33 9.98 -0.51
CA ASN A 54 -12.96 9.99 -1.81
C ASN A 54 -11.99 9.43 -2.85
N PRO A 55 -12.44 8.35 -3.54
CA PRO A 55 -11.62 7.71 -4.56
C PRO A 55 -11.57 8.56 -5.84
N GLY A 56 -12.62 9.35 -6.01
CA GLY A 56 -12.71 10.21 -7.19
C GLY A 56 -11.35 10.33 -7.89
N CYS A 57 -10.40 10.89 -7.16
CA CYS A 57 -9.06 11.07 -7.69
C CYS A 57 -8.55 9.71 -8.20
N VAL A 58 -7.94 8.97 -7.29
CA VAL A 58 -7.41 7.66 -7.63
C VAL A 58 -8.39 6.58 -7.15
N VAL A 59 -8.54 5.56 -7.98
CA VAL A 59 -9.44 4.47 -7.66
C VAL A 59 -8.62 3.21 -7.36
N VAL A 60 -9.29 2.23 -6.78
CA VAL A 60 -8.64 0.97 -6.44
C VAL A 60 -9.62 -0.18 -6.64
N ASP A 61 -9.19 -1.14 -7.44
CA ASP A 61 -10.01 -2.31 -7.73
C ASP A 61 -9.20 -3.58 -7.47
N GLY A 62 -9.87 -4.71 -7.64
CA GLY A 62 -9.22 -6.00 -7.44
C GLY A 62 -9.36 -6.45 -5.98
N MET A 63 -9.57 -5.47 -5.11
CA MET A 63 -9.72 -5.76 -3.69
C MET A 63 -10.71 -6.90 -3.46
N PRO A 64 -10.51 -7.61 -2.32
CA PRO A 64 -11.37 -8.74 -1.98
C PRO A 64 -12.73 -8.25 -1.47
N PRO A 65 -13.70 -9.20 -1.44
CA PRO A 65 -15.04 -8.87 -0.97
C PRO A 65 -15.08 -8.73 0.55
N GLY A 66 -15.84 -7.75 1.00
CA GLY A 66 -15.97 -7.49 2.42
C GLY A 66 -14.65 -7.01 3.01
N VAL A 67 -13.81 -6.48 2.14
CA VAL A 67 -12.52 -5.96 2.57
C VAL A 67 -12.31 -4.56 2.01
N SER A 68 -12.24 -3.60 2.92
CA SER A 68 -12.04 -2.21 2.54
C SER A 68 -10.56 -1.94 2.27
N PHE A 69 -10.32 -1.03 1.34
CA PHE A 69 -8.96 -0.67 0.98
C PHE A 69 -8.45 0.47 1.85
N LYS A 70 -7.20 0.33 2.30
CA LYS A 70 -6.60 1.35 3.14
C LYS A 70 -5.16 0.93 3.47
N ALA A 71 -4.44 1.85 4.09
CA ALA A 71 -3.06 1.59 4.47
C ALA A 71 -2.98 0.27 5.23
N PRO A 72 -1.80 -0.40 5.11
CA PRO A 72 -1.58 -1.67 5.78
C PRO A 72 -1.36 -1.46 7.28
N SER A 73 -1.35 -0.20 7.68
CA SER A 73 -1.15 0.15 9.08
C SER A 73 -2.44 -0.10 9.87
N TYR A 74 -3.55 0.04 9.18
CA TYR A 74 -4.85 -0.16 9.80
C TYR A 74 -5.38 -1.56 9.53
N LEU A 75 -5.11 -2.03 8.32
CA LEU A 75 -5.55 -3.37 7.91
C LEU A 75 -4.93 -4.40 8.85
N GLU A 76 -5.63 -5.52 8.98
CA GLU A 76 -5.16 -6.60 9.83
C GLU A 76 -4.38 -7.63 9.01
N ILE A 77 -3.63 -8.46 9.72
CA ILE A 77 -2.83 -9.49 9.07
C ILE A 77 -3.68 -10.18 8.00
N SER A 78 -4.84 -10.66 8.42
CA SER A 78 -5.74 -11.34 7.51
C SER A 78 -6.02 -10.45 6.29
N SER A 79 -6.52 -9.26 6.56
CA SER A 79 -6.82 -8.31 5.50
C SER A 79 -5.71 -8.32 4.46
N MET A 80 -4.50 -8.01 4.93
CA MET A 80 -3.34 -7.97 4.05
C MET A 80 -3.23 -9.27 3.24
N ARG A 81 -2.92 -10.34 3.94
CA ARG A 81 -2.78 -11.64 3.29
C ARG A 81 -3.80 -11.79 2.17
N ARG A 82 -5.06 -11.53 2.51
CA ARG A 82 -6.13 -11.63 1.53
C ARG A 82 -5.80 -10.80 0.29
N ILE A 83 -5.65 -9.49 0.51
CA ILE A 83 -5.35 -8.58 -0.59
C ILE A 83 -4.23 -9.19 -1.44
N LEU A 84 -3.17 -9.62 -0.77
CA LEU A 84 -2.05 -10.22 -1.47
C LEU A 84 -2.55 -11.33 -2.38
N ASP A 85 -3.40 -12.18 -1.83
CA ASP A 85 -3.96 -13.28 -2.58
C ASP A 85 -4.55 -12.76 -3.89
N SER A 86 -4.92 -11.49 -3.86
CA SER A 86 -5.50 -10.86 -5.04
C SER A 86 -4.54 -9.80 -5.58
N ALA A 87 -3.28 -9.93 -5.21
CA ALA A 87 -2.26 -9.00 -5.64
C ALA A 87 -2.36 -8.81 -7.16
N GLU A 88 -2.65 -9.91 -7.84
CA GLU A 88 -2.79 -9.88 -9.29
C GLU A 88 -4.08 -9.18 -9.69
N PHE A 89 -5.05 -9.22 -8.78
CA PHE A 89 -6.33 -8.60 -9.02
C PHE A 89 -6.28 -7.09 -8.74
N ILE A 90 -5.56 -6.75 -7.67
CA ILE A 90 -5.43 -5.35 -7.28
C ILE A 90 -5.26 -4.50 -8.53
N LYS A 91 -5.81 -3.30 -8.46
CA LYS A 91 -5.74 -2.36 -9.57
C LYS A 91 -5.91 -0.94 -9.06
N PHE A 92 -5.33 0.00 -9.80
CA PHE A 92 -5.41 1.40 -9.43
C PHE A 92 -5.58 2.29 -10.66
N THR A 93 -6.70 2.99 -10.68
CA THR A 93 -7.01 3.88 -11.79
C THR A 93 -6.84 5.34 -11.37
N VAL A 94 -6.04 6.05 -12.14
CA VAL A 94 -5.78 7.46 -11.86
C VAL A 94 -6.71 8.32 -12.71
N ILE A 95 -7.94 8.47 -12.23
CA ILE A 95 -8.94 9.26 -12.93
C ILE A 95 -8.51 10.73 -12.91
N ARG A 96 -8.24 11.23 -11.71
CA ARG A 96 -7.82 12.60 -11.55
C ARG A 96 -6.66 12.70 -10.56
N PRO A 97 -5.61 13.46 -10.98
CA PRO A 97 -4.44 13.64 -10.13
C PRO A 97 -4.73 14.60 -8.98
N PHE A 98 -3.85 14.57 -7.99
CA PHE A 98 -4.00 15.43 -6.83
C PHE A 98 -3.28 16.77 -7.04
N PRO A 99 -3.64 17.77 -6.18
CA PRO A 99 -3.03 19.09 -6.26
C PRO A 99 -1.61 19.06 -5.70
N GLY A 100 -0.67 18.73 -6.57
CA GLY A 100 0.73 18.68 -6.18
C GLY A 100 1.38 17.38 -6.64
N LEU A 101 0.53 16.45 -7.06
CA LEU A 101 1.01 15.15 -7.54
C LEU A 101 1.98 15.37 -8.69
N VAL A 102 2.88 14.40 -8.85
CA VAL A 102 3.87 14.47 -9.91
C VAL A 102 3.87 13.15 -10.69
N ILE A 103 4.16 13.26 -11.98
CA ILE A 103 4.19 12.09 -12.84
C ILE A 103 5.49 12.10 -13.64
N ASN A 104 6.59 12.16 -12.93
CA ASN A 104 7.90 12.17 -13.56
C ASN A 104 8.99 12.21 -12.48
N ASN A 105 10.22 12.40 -12.93
CA ASN A 105 11.35 12.45 -12.02
C ASN A 105 11.04 13.44 -10.89
N GLN A 106 11.98 13.53 -9.95
CA GLN A 106 11.82 14.43 -8.83
C GLN A 106 10.68 13.95 -7.92
N LEU A 107 10.83 12.72 -7.45
CA LEU A 107 9.82 12.14 -6.57
C LEU A 107 10.08 12.59 -5.14
N VAL A 108 8.99 12.80 -4.41
CA VAL A 108 9.08 13.24 -3.02
C VAL A 108 8.50 12.14 -2.11
N SER A 109 9.36 11.21 -1.73
CA SER A 109 8.94 10.12 -0.87
C SER A 109 10.00 9.02 -0.88
N GLY A 110 10.93 9.10 0.05
CA GLY A 110 11.98 8.12 0.16
C GLY A 110 12.35 7.85 1.62
N PRO A 111 11.68 6.83 2.20
CA PRO A 111 11.92 6.46 3.59
C PRO A 111 13.26 5.72 3.73
N SER A 112 14.32 6.40 3.34
CA SER A 112 15.65 5.82 3.41
C SER A 112 15.64 4.39 2.86
N SER A 113 15.08 4.26 1.67
CA SER A 113 14.99 2.96 1.02
C SER A 113 14.17 3.08 -0.28
N GLY A 114 12.93 3.48 -0.12
CA GLY A 114 12.05 3.63 -1.26
C GLY A 114 12.27 2.51 -2.28
N GLY A 1 1.10 11.25 11.94
CA GLY A 1 1.50 10.04 12.65
C GLY A 1 0.71 8.84 12.17
N SER A 2 1.42 7.74 11.95
CA SER A 2 0.79 6.52 11.49
C SER A 2 1.19 5.35 12.41
N SER A 3 2.45 4.97 12.31
CA SER A 3 2.97 3.88 13.12
C SER A 3 4.35 4.23 13.67
N GLY A 4 5.05 3.20 14.11
CA GLY A 4 6.39 3.40 14.66
C GLY A 4 7.19 2.10 14.62
N SER A 5 7.09 1.34 15.70
CA SER A 5 7.79 0.08 15.79
C SER A 5 9.30 0.32 15.81
N SER A 6 9.99 -0.46 16.62
CA SER A 6 11.43 -0.34 16.74
C SER A 6 12.11 -1.65 16.29
N GLY A 7 11.86 -2.69 17.06
CA GLY A 7 12.43 -3.99 16.76
C GLY A 7 12.70 -4.79 18.04
N ASP A 8 11.98 -5.88 18.17
CA ASP A 8 12.13 -6.74 19.33
C ASP A 8 12.37 -8.18 18.88
N ASP A 9 12.84 -8.99 19.81
CA ASP A 9 13.12 -10.38 19.52
C ASP A 9 11.96 -10.97 18.72
N ASN A 10 12.21 -11.15 17.43
CA ASN A 10 11.20 -11.71 16.54
C ASN A 10 10.78 -13.08 17.04
N GLU A 11 11.61 -13.63 17.92
CA GLU A 11 11.33 -14.94 18.48
C GLU A 11 9.89 -15.02 18.98
N ARG A 12 9.55 -14.07 19.84
CA ARG A 12 8.20 -14.01 20.39
C ARG A 12 7.20 -13.58 19.33
N LEU A 13 7.62 -12.60 18.53
CA LEU A 13 6.77 -12.10 17.47
C LEU A 13 5.96 -13.24 16.87
N SER A 14 6.54 -13.86 15.85
CA SER A 14 5.89 -14.97 15.17
C SER A 14 4.65 -14.48 14.44
N LYS A 15 3.68 -14.03 15.21
CA LYS A 15 2.43 -13.53 14.64
C LYS A 15 2.64 -12.10 14.14
N VAL A 16 3.62 -11.43 14.75
CA VAL A 16 3.93 -10.06 14.38
C VAL A 16 4.76 -10.07 13.09
N GLU A 17 5.81 -10.88 13.11
CA GLU A 17 6.70 -10.99 11.97
C GLU A 17 5.89 -11.18 10.68
N LYS A 18 4.79 -11.91 10.82
CA LYS A 18 3.92 -12.18 9.68
C LYS A 18 3.21 -10.88 9.28
N ALA A 19 2.76 -10.17 10.29
CA ALA A 19 2.06 -8.91 10.06
C ALA A 19 3.01 -7.91 9.42
N ARG A 20 4.08 -7.60 10.15
CA ARG A 20 5.08 -6.67 9.66
C ARG A 20 5.35 -6.91 8.17
N GLN A 21 5.75 -8.13 7.86
CA GLN A 21 6.04 -8.49 6.49
C GLN A 21 4.85 -8.18 5.58
N LEU A 22 3.71 -8.75 5.93
CA LEU A 22 2.49 -8.53 5.17
C LEU A 22 2.30 -7.03 4.95
N ARG A 23 2.44 -6.28 6.04
CA ARG A 23 2.28 -4.84 5.98
C ARG A 23 3.18 -4.24 4.89
N GLU A 24 4.34 -4.87 4.73
CA GLU A 24 5.30 -4.41 3.74
C GLU A 24 4.84 -4.81 2.34
N GLN A 25 4.48 -6.08 2.21
CA GLN A 25 4.02 -6.60 0.93
C GLN A 25 2.80 -5.83 0.45
N VAL A 26 1.83 -5.69 1.35
CA VAL A 26 0.61 -4.97 1.03
C VAL A 26 0.96 -3.56 0.55
N ASN A 27 1.70 -2.86 1.39
CA ASN A 27 2.10 -1.50 1.08
C ASN A 27 2.75 -1.47 -0.31
N ASP A 28 3.91 -2.10 -0.40
CA ASP A 28 4.63 -2.16 -1.66
C ASP A 28 3.66 -2.55 -2.78
N LEU A 29 2.90 -3.60 -2.53
CA LEU A 29 1.94 -4.08 -3.50
C LEU A 29 1.16 -2.90 -4.07
N PHE A 30 0.40 -2.25 -3.20
CA PHE A 30 -0.38 -1.10 -3.60
C PHE A 30 0.48 -0.07 -4.32
N SER A 31 1.69 0.10 -3.82
CA SER A 31 2.62 1.05 -4.41
C SER A 31 2.96 0.64 -5.84
N ARG A 32 3.32 -0.62 -5.99
CA ARG A 32 3.67 -1.16 -7.30
C ARG A 32 2.48 -1.03 -8.25
N LYS A 33 1.35 -1.56 -7.81
CA LYS A 33 0.14 -1.51 -8.61
C LYS A 33 -0.22 -0.06 -8.90
N PHE A 34 0.02 0.79 -7.92
CA PHE A 34 -0.26 2.21 -8.06
C PHE A 34 0.63 2.85 -9.12
N GLY A 35 1.83 2.31 -9.24
CA GLY A 35 2.79 2.82 -10.21
C GLY A 35 2.18 2.89 -11.60
N GLU A 36 1.79 1.73 -12.11
CA GLU A 36 1.19 1.65 -13.42
C GLU A 36 0.09 2.69 -13.57
N ALA A 37 -0.62 2.92 -12.47
CA ALA A 37 -1.70 3.89 -12.47
C ALA A 37 -1.17 5.25 -12.90
N ILE A 38 0.13 5.44 -12.68
CA ILE A 38 0.77 6.69 -13.04
C ILE A 38 1.83 6.41 -14.11
N GLY A 39 1.68 5.27 -14.77
CA GLY A 39 2.62 4.88 -15.82
C GLY A 39 4.06 4.90 -15.30
N MET A 40 4.18 4.87 -13.98
CA MET A 40 5.49 4.90 -13.35
C MET A 40 6.15 3.52 -13.42
N GLY A 41 7.45 3.53 -13.67
CA GLY A 41 8.20 2.29 -13.76
C GLY A 41 8.53 1.74 -12.37
N PHE A 42 8.42 2.61 -11.39
CA PHE A 42 8.70 2.24 -10.01
C PHE A 42 7.46 2.38 -9.14
N PRO A 43 7.50 1.73 -7.95
CA PRO A 43 6.39 1.79 -7.02
C PRO A 43 6.33 3.14 -6.31
N VAL A 44 5.19 3.82 -6.47
CA VAL A 44 5.01 5.11 -5.85
C VAL A 44 4.08 4.97 -4.64
N LYS A 45 4.22 5.90 -3.72
CA LYS A 45 3.42 5.89 -2.51
C LYS A 45 1.93 5.75 -2.89
N VAL A 46 1.13 5.42 -1.89
CA VAL A 46 -0.29 5.25 -2.10
C VAL A 46 -1.06 6.07 -1.07
N PRO A 47 -1.67 7.20 -1.55
CA PRO A 47 -2.43 8.07 -0.68
C PRO A 47 -3.78 7.45 -0.33
N TYR A 48 -3.74 6.50 0.59
CA TYR A 48 -4.95 5.83 1.03
C TYR A 48 -6.00 6.83 1.52
N ARG A 49 -5.50 7.89 2.14
CA ARG A 49 -6.38 8.92 2.66
C ARG A 49 -7.26 9.48 1.54
N LYS A 50 -6.62 10.15 0.61
CA LYS A 50 -7.33 10.73 -0.52
C LYS A 50 -8.32 9.70 -1.08
N ILE A 51 -7.80 8.51 -1.33
CA ILE A 51 -8.63 7.44 -1.86
C ILE A 51 -9.77 7.15 -0.89
N THR A 52 -9.50 7.34 0.38
CA THR A 52 -10.49 7.11 1.42
C THR A 52 -11.58 8.18 1.35
N ILE A 53 -11.20 9.41 1.67
CA ILE A 53 -12.13 10.51 1.65
C ILE A 53 -12.95 10.47 0.35
N ASN A 54 -12.25 10.15 -0.73
CA ASN A 54 -12.89 10.07 -2.04
C ASN A 54 -11.91 9.48 -3.04
N PRO A 55 -12.33 8.33 -3.64
CA PRO A 55 -11.49 7.65 -4.62
C PRO A 55 -11.51 8.40 -5.97
N GLY A 56 -12.59 9.12 -6.19
CA GLY A 56 -12.75 9.88 -7.41
C GLY A 56 -11.40 10.02 -8.14
N CYS A 57 -10.48 10.69 -7.49
CA CYS A 57 -9.16 10.89 -8.07
C CYS A 57 -8.57 9.54 -8.44
N VAL A 58 -7.97 8.90 -7.45
CA VAL A 58 -7.37 7.59 -7.65
C VAL A 58 -8.34 6.51 -7.19
N VAL A 59 -8.54 5.53 -8.05
CA VAL A 59 -9.45 4.43 -7.75
C VAL A 59 -8.63 3.18 -7.46
N VAL A 60 -9.32 2.17 -6.93
CA VAL A 60 -8.67 0.91 -6.61
C VAL A 60 -9.63 -0.25 -6.90
N ASP A 61 -9.17 -1.15 -7.74
CA ASP A 61 -9.97 -2.31 -8.11
C ASP A 61 -9.22 -3.59 -7.74
N GLY A 62 -9.90 -4.71 -7.93
CA GLY A 62 -9.31 -6.00 -7.61
C GLY A 62 -9.58 -6.39 -6.15
N MET A 63 -9.86 -5.36 -5.35
CA MET A 63 -10.12 -5.58 -3.94
C MET A 63 -10.99 -6.83 -3.72
N PRO A 64 -10.71 -7.54 -2.61
CA PRO A 64 -11.45 -8.74 -2.27
C PRO A 64 -12.85 -8.39 -1.75
N PRO A 65 -13.68 -9.46 -1.56
CA PRO A 65 -15.03 -9.28 -1.06
C PRO A 65 -15.02 -8.98 0.45
N GLY A 66 -15.93 -8.11 0.84
CA GLY A 66 -16.04 -7.72 2.24
C GLY A 66 -14.69 -7.26 2.79
N VAL A 67 -13.97 -6.53 1.94
CA VAL A 67 -12.67 -6.01 2.33
C VAL A 67 -12.52 -4.57 1.83
N SER A 68 -12.24 -3.68 2.78
CA SER A 68 -12.08 -2.27 2.44
C SER A 68 -10.60 -1.96 2.25
N PHE A 69 -10.34 -1.09 1.28
CA PHE A 69 -8.97 -0.69 0.99
C PHE A 69 -8.51 0.42 1.93
N LYS A 70 -7.29 0.27 2.42
CA LYS A 70 -6.72 1.24 3.33
C LYS A 70 -5.29 0.83 3.69
N ALA A 71 -4.62 1.71 4.42
CA ALA A 71 -3.25 1.44 4.83
C ALA A 71 -3.18 0.08 5.52
N PRO A 72 -1.99 -0.56 5.41
CA PRO A 72 -1.78 -1.86 6.03
C PRO A 72 -1.61 -1.74 7.54
N SER A 73 -1.57 -0.50 8.00
CA SER A 73 -1.42 -0.24 9.42
C SER A 73 -2.73 -0.51 10.15
N TYR A 74 -3.83 -0.24 9.45
CA TYR A 74 -5.14 -0.45 10.02
C TYR A 74 -5.66 -1.86 9.71
N LEU A 75 -5.35 -2.31 8.50
CA LEU A 75 -5.77 -3.64 8.07
C LEU A 75 -5.15 -4.69 8.98
N GLU A 76 -5.74 -5.88 8.95
CA GLU A 76 -5.26 -6.98 9.77
C GLU A 76 -4.47 -7.96 8.91
N ILE A 77 -3.84 -8.91 9.60
CA ILE A 77 -3.06 -9.93 8.91
C ILE A 77 -3.93 -10.63 7.87
N SER A 78 -5.09 -11.08 8.32
CA SER A 78 -6.01 -11.77 7.44
C SER A 78 -6.35 -10.88 6.24
N SER A 79 -6.55 -9.61 6.52
CA SER A 79 -6.89 -8.65 5.47
C SER A 79 -5.77 -8.63 4.42
N MET A 80 -4.57 -8.34 4.88
CA MET A 80 -3.42 -8.28 3.98
C MET A 80 -3.32 -9.56 3.14
N ARG A 81 -3.31 -10.69 3.84
CA ARG A 81 -3.22 -11.97 3.17
C ARG A 81 -4.20 -12.02 1.98
N ARG A 82 -5.42 -11.61 2.25
CA ARG A 82 -6.45 -11.61 1.23
C ARG A 82 -6.02 -10.74 0.05
N ILE A 83 -5.90 -9.44 0.32
CA ILE A 83 -5.50 -8.49 -0.71
C ILE A 83 -4.39 -9.12 -1.56
N LEU A 84 -3.38 -9.64 -0.87
CA LEU A 84 -2.26 -10.27 -1.54
C LEU A 84 -2.77 -11.37 -2.46
N ASP A 85 -3.62 -12.22 -1.91
CA ASP A 85 -4.19 -13.33 -2.66
C ASP A 85 -4.82 -12.78 -3.94
N SER A 86 -5.14 -11.49 -3.90
CA SER A 86 -5.76 -10.84 -5.05
C SER A 86 -4.79 -9.84 -5.67
N ALA A 87 -3.52 -9.99 -5.31
CA ALA A 87 -2.49 -9.09 -5.81
C ALA A 87 -2.62 -8.97 -7.33
N GLU A 88 -2.92 -10.10 -7.96
CA GLU A 88 -3.08 -10.13 -9.40
C GLU A 88 -4.33 -9.36 -9.81
N PHE A 89 -5.29 -9.32 -8.89
CA PHE A 89 -6.54 -8.61 -9.14
C PHE A 89 -6.40 -7.12 -8.83
N ILE A 90 -5.69 -6.84 -7.75
CA ILE A 90 -5.48 -5.46 -7.33
C ILE A 90 -5.22 -4.59 -8.57
N LYS A 91 -5.71 -3.37 -8.50
CA LYS A 91 -5.54 -2.43 -9.61
C LYS A 91 -5.82 -1.02 -9.11
N PHE A 92 -5.19 -0.06 -9.77
CA PHE A 92 -5.35 1.34 -9.41
C PHE A 92 -5.57 2.20 -10.65
N THR A 93 -6.73 2.85 -10.71
CA THR A 93 -7.07 3.70 -11.83
C THR A 93 -6.99 5.17 -11.41
N VAL A 94 -6.21 5.93 -12.18
CA VAL A 94 -6.05 7.34 -11.91
C VAL A 94 -6.95 8.15 -12.86
N ILE A 95 -8.20 8.28 -12.47
CA ILE A 95 -9.16 9.01 -13.26
C ILE A 95 -8.74 10.49 -13.34
N ARG A 96 -8.40 11.03 -12.18
CA ARG A 96 -7.98 12.42 -12.10
C ARG A 96 -7.03 12.61 -10.90
N PRO A 97 -5.90 13.31 -11.19
CA PRO A 97 -4.92 13.58 -10.15
C PRO A 97 -5.40 14.67 -9.19
N PHE A 98 -4.72 14.77 -8.06
CA PHE A 98 -5.06 15.76 -7.07
C PHE A 98 -4.58 17.15 -7.48
N PRO A 99 -5.13 18.19 -6.79
CA PRO A 99 -4.76 19.56 -7.08
C PRO A 99 -3.39 19.89 -6.51
N GLY A 100 -2.36 19.39 -7.19
CA GLY A 100 -0.99 19.62 -6.77
C GLY A 100 -0.13 18.37 -7.01
N LEU A 101 -0.81 17.26 -7.25
CA LEU A 101 -0.12 16.00 -7.49
C LEU A 101 0.75 16.13 -8.74
N VAL A 102 1.81 15.35 -8.77
CA VAL A 102 2.73 15.36 -9.89
C VAL A 102 3.00 13.93 -10.34
N ILE A 103 3.29 13.78 -11.62
CA ILE A 103 3.58 12.48 -12.20
C ILE A 103 5.03 12.43 -12.66
N ASN A 104 5.93 12.57 -11.68
CA ASN A 104 7.35 12.55 -11.98
C ASN A 104 8.09 11.78 -10.88
N ASN A 105 9.39 11.71 -11.02
CA ASN A 105 10.22 11.00 -10.04
C ASN A 105 10.95 12.02 -9.17
N GLN A 106 12.02 11.56 -8.55
CA GLN A 106 12.81 12.42 -7.69
C GLN A 106 11.90 13.20 -6.73
N LEU A 107 10.90 12.50 -6.21
CA LEU A 107 9.96 13.11 -5.29
C LEU A 107 10.73 13.88 -4.21
N VAL A 108 10.07 14.91 -3.69
CA VAL A 108 10.68 15.73 -2.65
C VAL A 108 9.76 15.76 -1.43
N SER A 109 10.02 14.82 -0.53
CA SER A 109 9.23 14.74 0.70
C SER A 109 9.45 13.38 1.36
N GLY A 110 10.63 13.23 1.97
CA GLY A 110 10.97 12.00 2.64
C GLY A 110 11.64 12.28 4.00
N PRO A 111 10.77 12.46 5.03
CA PRO A 111 11.26 12.73 6.37
C PRO A 111 11.82 11.47 7.02
N SER A 112 12.24 11.62 8.26
CA SER A 112 12.81 10.50 9.01
C SER A 112 12.01 9.22 8.70
N SER A 113 10.70 9.34 8.83
CA SER A 113 9.83 8.20 8.57
C SER A 113 9.46 8.15 7.09
N GLY A 114 8.60 9.07 6.67
CA GLY A 114 8.17 9.13 5.30
C GLY A 114 7.46 7.84 4.88
N GLY A 1 3.47 -17.91 19.25
CA GLY A 1 3.87 -18.35 20.58
C GLY A 1 3.23 -17.48 21.66
N SER A 2 3.60 -17.75 22.90
CA SER A 2 3.07 -17.01 24.02
C SER A 2 3.44 -15.53 23.90
N SER A 3 2.42 -14.69 23.83
CA SER A 3 2.63 -13.26 23.70
C SER A 3 2.83 -12.64 25.08
N GLY A 4 3.33 -11.41 25.09
CA GLY A 4 3.57 -10.70 26.33
C GLY A 4 4.24 -9.35 26.07
N SER A 5 5.51 -9.28 26.43
CA SER A 5 6.28 -8.06 26.25
C SER A 5 6.30 -7.68 24.76
N SER A 6 6.76 -8.62 23.95
CA SER A 6 6.83 -8.40 22.52
C SER A 6 7.81 -7.26 22.21
N GLY A 7 8.21 -7.19 20.96
CA GLY A 7 9.15 -6.16 20.53
C GLY A 7 10.50 -6.31 21.25
N ASP A 8 11.27 -7.28 20.78
CA ASP A 8 12.58 -7.53 21.36
C ASP A 8 13.20 -8.76 20.71
N ASP A 9 12.38 -9.81 20.60
CA ASP A 9 12.84 -11.05 20.00
C ASP A 9 11.78 -11.55 19.01
N ASN A 10 12.24 -12.23 17.98
CA ASN A 10 11.34 -12.76 16.97
C ASN A 10 10.50 -13.88 17.59
N GLU A 11 11.15 -14.70 18.41
CA GLU A 11 10.47 -15.80 19.05
C GLU A 11 9.13 -15.33 19.63
N ARG A 12 9.16 -14.14 20.22
CA ARG A 12 7.96 -13.57 20.82
C ARG A 12 7.00 -13.12 19.72
N LEU A 13 7.56 -12.53 18.68
CA LEU A 13 6.75 -12.05 17.57
C LEU A 13 5.91 -13.21 17.02
N SER A 14 6.33 -13.69 15.86
CA SER A 14 5.63 -14.79 15.21
C SER A 14 4.39 -14.27 14.49
N LYS A 15 3.40 -13.88 15.29
CA LYS A 15 2.16 -13.36 14.74
C LYS A 15 2.37 -11.92 14.26
N VAL A 16 3.26 -11.23 14.95
CA VAL A 16 3.58 -9.86 14.62
C VAL A 16 4.46 -9.83 13.36
N GLU A 17 5.52 -10.62 13.40
CA GLU A 17 6.44 -10.69 12.29
C GLU A 17 5.68 -10.89 10.98
N LYS A 18 4.69 -11.77 11.03
CA LYS A 18 3.88 -12.06 9.86
C LYS A 18 3.10 -10.80 9.47
N ALA A 19 2.68 -10.07 10.49
CA ALA A 19 1.92 -8.85 10.27
C ALA A 19 2.82 -7.81 9.61
N ARG A 20 3.99 -7.61 10.21
CA ARG A 20 4.94 -6.64 9.70
C ARG A 20 5.21 -6.91 8.21
N GLN A 21 5.79 -8.08 7.95
CA GLN A 21 6.10 -8.47 6.59
C GLN A 21 4.92 -8.17 5.66
N LEU A 22 3.78 -8.76 6.01
CA LEU A 22 2.58 -8.57 5.22
C LEU A 22 2.38 -7.08 4.94
N ARG A 23 2.37 -6.31 6.02
CA ARG A 23 2.19 -4.87 5.90
C ARG A 23 3.15 -4.30 4.86
N GLU A 24 4.35 -4.87 4.82
CA GLU A 24 5.37 -4.43 3.88
C GLU A 24 4.98 -4.84 2.45
N GLN A 25 4.55 -6.09 2.33
CA GLN A 25 4.15 -6.61 1.03
C GLN A 25 2.97 -5.82 0.47
N VAL A 26 1.94 -5.68 1.31
CA VAL A 26 0.76 -4.95 0.92
C VAL A 26 1.15 -3.54 0.46
N ASN A 27 1.91 -2.87 1.32
CA ASN A 27 2.36 -1.52 1.02
C ASN A 27 2.98 -1.50 -0.38
N ASP A 28 4.14 -2.14 -0.49
CA ASP A 28 4.85 -2.19 -1.75
C ASP A 28 3.88 -2.60 -2.86
N LEU A 29 3.15 -3.69 -2.59
CA LEU A 29 2.18 -4.20 -3.55
C LEU A 29 1.43 -3.02 -4.18
N PHE A 30 0.60 -2.39 -3.35
CA PHE A 30 -0.18 -1.25 -3.81
C PHE A 30 0.69 -0.24 -4.55
N SER A 31 1.84 0.07 -3.95
CA SER A 31 2.77 1.00 -4.54
C SER A 31 3.12 0.57 -5.97
N ARG A 32 3.61 -0.66 -6.07
CA ARG A 32 3.99 -1.21 -7.36
C ARG A 32 2.82 -1.10 -8.34
N LYS A 33 1.71 -1.72 -7.97
CA LYS A 33 0.53 -1.71 -8.82
C LYS A 33 0.19 -0.26 -9.17
N PHE A 34 -0.02 0.54 -8.13
CA PHE A 34 -0.35 1.95 -8.32
C PHE A 34 0.52 2.57 -9.40
N GLY A 35 1.80 2.21 -9.38
CA GLY A 35 2.74 2.73 -10.35
C GLY A 35 2.18 2.62 -11.77
N GLU A 36 1.31 1.64 -11.96
CA GLU A 36 0.69 1.43 -13.27
C GLU A 36 -0.30 2.54 -13.58
N ALA A 37 -1.10 2.89 -12.58
CA ALA A 37 -2.09 3.94 -12.74
C ALA A 37 -1.38 5.23 -13.17
N ILE A 38 -0.08 5.25 -12.97
CA ILE A 38 0.72 6.41 -13.33
C ILE A 38 1.72 6.02 -14.42
N GLY A 39 1.48 4.86 -15.01
CA GLY A 39 2.35 4.36 -16.06
C GLY A 39 3.82 4.42 -15.62
N MET A 40 4.02 4.47 -14.32
CA MET A 40 5.36 4.53 -13.77
C MET A 40 6.05 3.17 -13.86
N GLY A 41 7.37 3.20 -13.78
CA GLY A 41 8.16 1.99 -13.85
C GLY A 41 8.70 1.60 -12.47
N PHE A 42 7.99 2.05 -11.45
CA PHE A 42 8.38 1.76 -10.08
C PHE A 42 7.21 1.95 -9.13
N PRO A 43 7.37 1.38 -7.90
CA PRO A 43 6.34 1.48 -6.89
C PRO A 43 6.30 2.87 -6.27
N VAL A 44 5.19 3.56 -6.48
CA VAL A 44 5.02 4.90 -5.95
C VAL A 44 4.12 4.85 -4.72
N LYS A 45 4.19 5.91 -3.92
CA LYS A 45 3.39 5.99 -2.71
C LYS A 45 1.92 5.76 -3.06
N VAL A 46 1.18 5.27 -2.08
CA VAL A 46 -0.24 5.01 -2.28
C VAL A 46 -1.05 5.75 -1.22
N PRO A 47 -1.74 6.83 -1.67
CA PRO A 47 -2.55 7.64 -0.77
C PRO A 47 -3.85 6.92 -0.41
N TYR A 48 -3.73 5.98 0.51
CA TYR A 48 -4.87 5.21 0.95
C TYR A 48 -5.99 6.13 1.46
N ARG A 49 -5.61 7.01 2.37
CA ARG A 49 -6.57 7.96 2.93
C ARG A 49 -7.30 8.71 1.82
N LYS A 50 -6.55 9.60 1.18
CA LYS A 50 -7.12 10.40 0.09
C LYS A 50 -8.07 9.52 -0.74
N ILE A 51 -7.54 8.39 -1.18
CA ILE A 51 -8.32 7.47 -1.98
C ILE A 51 -9.60 7.11 -1.23
N THR A 52 -9.44 6.80 0.05
CA THR A 52 -10.57 6.43 0.89
C THR A 52 -11.48 7.63 1.10
N ILE A 53 -10.96 8.60 1.84
CA ILE A 53 -11.71 9.82 2.13
C ILE A 53 -12.36 10.32 0.84
N ASN A 54 -11.57 10.32 -0.22
CA ASN A 54 -12.06 10.78 -1.52
C ASN A 54 -11.27 10.09 -2.63
N PRO A 55 -11.85 8.96 -3.13
CA PRO A 55 -11.22 8.21 -4.19
C PRO A 55 -11.36 8.91 -5.53
N GLY A 56 -12.44 9.66 -5.66
CA GLY A 56 -12.70 10.40 -6.89
C GLY A 56 -11.45 10.47 -7.76
N CYS A 57 -10.43 11.13 -7.22
CA CYS A 57 -9.17 11.28 -7.94
C CYS A 57 -8.70 9.90 -8.36
N VAL A 58 -7.97 9.25 -7.45
CA VAL A 58 -7.44 7.93 -7.71
C VAL A 58 -8.40 6.88 -7.15
N VAL A 59 -8.64 5.85 -7.95
CA VAL A 59 -9.53 4.78 -7.55
C VAL A 59 -8.72 3.50 -7.33
N VAL A 60 -9.37 2.53 -6.69
CA VAL A 60 -8.72 1.26 -6.41
C VAL A 60 -9.71 0.13 -6.67
N ASP A 61 -9.30 -0.80 -7.52
CA ASP A 61 -10.14 -1.93 -7.86
C ASP A 61 -9.34 -3.23 -7.66
N GLY A 62 -10.02 -4.35 -7.86
CA GLY A 62 -9.40 -5.65 -7.72
C GLY A 62 -9.55 -6.16 -6.28
N MET A 63 -9.62 -5.22 -5.35
CA MET A 63 -9.76 -5.57 -3.95
C MET A 63 -10.79 -6.69 -3.76
N PRO A 64 -10.61 -7.45 -2.66
CA PRO A 64 -11.50 -8.55 -2.35
C PRO A 64 -12.84 -8.04 -1.81
N PRO A 65 -13.84 -8.97 -1.78
CA PRO A 65 -15.16 -8.62 -1.30
C PRO A 65 -15.17 -8.49 0.23
N GLY A 66 -15.97 -7.55 0.71
CA GLY A 66 -16.07 -7.32 2.13
C GLY A 66 -14.74 -6.86 2.72
N VAL A 67 -13.89 -6.35 1.85
CA VAL A 67 -12.58 -5.86 2.27
C VAL A 67 -12.37 -4.45 1.74
N SER A 68 -12.34 -3.50 2.65
CA SER A 68 -12.13 -2.10 2.28
C SER A 68 -10.64 -1.83 2.07
N PHE A 69 -10.38 -0.93 1.13
CA PHE A 69 -9.00 -0.56 0.83
C PHE A 69 -8.51 0.54 1.76
N LYS A 70 -7.28 0.37 2.22
CA LYS A 70 -6.67 1.34 3.12
C LYS A 70 -5.21 0.95 3.38
N ALA A 71 -4.60 1.65 4.32
CA ALA A 71 -3.22 1.39 4.67
C ALA A 71 -3.11 0.00 5.31
N PRO A 72 -1.91 -0.60 5.17
CA PRO A 72 -1.67 -1.92 5.73
C PRO A 72 -1.50 -1.85 7.25
N SER A 73 -1.35 -0.63 7.74
CA SER A 73 -1.18 -0.41 9.17
C SER A 73 -2.51 -0.64 9.90
N TYR A 74 -3.59 -0.36 9.19
CA TYR A 74 -4.92 -0.53 9.75
C TYR A 74 -5.49 -1.90 9.40
N LEU A 75 -5.09 -2.40 8.24
CA LEU A 75 -5.55 -3.70 7.79
C LEU A 75 -4.95 -4.80 8.68
N GLU A 76 -5.72 -5.86 8.85
CA GLU A 76 -5.29 -6.98 9.67
C GLU A 76 -4.47 -7.97 8.83
N ILE A 77 -3.83 -8.90 9.53
CA ILE A 77 -3.03 -9.91 8.86
C ILE A 77 -3.86 -10.59 7.78
N SER A 78 -5.05 -11.03 8.18
CA SER A 78 -5.95 -11.70 7.26
C SER A 78 -6.25 -10.79 6.06
N SER A 79 -6.57 -9.54 6.38
CA SER A 79 -6.87 -8.57 5.34
C SER A 79 -5.73 -8.51 4.33
N MET A 80 -4.53 -8.32 4.85
CA MET A 80 -3.36 -8.23 4.00
C MET A 80 -3.18 -9.51 3.17
N ARG A 81 -3.31 -10.64 3.86
CA ARG A 81 -3.17 -11.93 3.20
C ARG A 81 -4.11 -12.02 2.00
N ARG A 82 -5.33 -11.54 2.21
CA ARG A 82 -6.34 -11.56 1.17
C ARG A 82 -5.88 -10.71 -0.02
N ILE A 83 -5.77 -9.41 0.23
CA ILE A 83 -5.35 -8.48 -0.80
C ILE A 83 -4.21 -9.11 -1.62
N LEU A 84 -3.22 -9.60 -0.91
CA LEU A 84 -2.07 -10.22 -1.55
C LEU A 84 -2.57 -11.28 -2.54
N ASP A 85 -3.40 -12.18 -2.03
CA ASP A 85 -3.95 -13.25 -2.85
C ASP A 85 -4.55 -12.64 -4.12
N SER A 86 -4.90 -11.37 -4.04
CA SER A 86 -5.47 -10.66 -5.17
C SER A 86 -4.54 -9.54 -5.61
N ALA A 87 -3.25 -9.76 -5.40
CA ALA A 87 -2.25 -8.77 -5.77
C ALA A 87 -2.44 -8.39 -7.24
N GLU A 88 -2.37 -9.41 -8.09
CA GLU A 88 -2.53 -9.19 -9.53
C GLU A 88 -3.90 -8.60 -9.81
N PHE A 89 -4.86 -8.94 -8.97
CA PHE A 89 -6.21 -8.44 -9.14
C PHE A 89 -6.28 -6.94 -8.86
N ILE A 90 -5.57 -6.53 -7.83
CA ILE A 90 -5.54 -5.12 -7.45
C ILE A 90 -5.48 -4.26 -8.72
N LYS A 91 -5.92 -3.01 -8.57
CA LYS A 91 -5.93 -2.09 -9.68
C LYS A 91 -6.05 -0.66 -9.15
N PHE A 92 -5.56 0.28 -9.94
CA PHE A 92 -5.62 1.69 -9.57
C PHE A 92 -5.89 2.57 -10.78
N THR A 93 -7.01 3.27 -10.73
CA THR A 93 -7.39 4.15 -11.81
C THR A 93 -7.20 5.62 -11.41
N VAL A 94 -6.46 6.33 -12.24
CA VAL A 94 -6.19 7.74 -11.99
C VAL A 94 -7.16 8.60 -12.80
N ILE A 95 -8.35 8.77 -12.25
CA ILE A 95 -9.36 9.56 -12.92
C ILE A 95 -8.93 11.02 -12.96
N ARG A 96 -8.57 11.53 -11.79
CA ARG A 96 -8.12 12.91 -11.67
C ARG A 96 -6.88 13.00 -10.79
N PRO A 97 -5.86 13.73 -11.30
CA PRO A 97 -4.61 13.90 -10.56
C PRO A 97 -4.79 14.89 -9.40
N PHE A 98 -3.98 14.70 -8.37
CA PHE A 98 -4.04 15.57 -7.21
C PHE A 98 -3.39 16.91 -7.50
N PRO A 99 -3.70 17.91 -6.62
CA PRO A 99 -3.15 19.24 -6.77
C PRO A 99 -1.69 19.28 -6.34
N GLY A 100 -0.83 18.82 -7.24
CA GLY A 100 0.60 18.80 -6.97
C GLY A 100 1.22 17.48 -7.42
N LEU A 101 0.36 16.52 -7.71
CA LEU A 101 0.81 15.22 -8.15
C LEU A 101 1.76 15.39 -9.34
N VAL A 102 2.62 14.39 -9.52
CA VAL A 102 3.57 14.42 -10.61
C VAL A 102 3.59 13.05 -11.31
N ILE A 103 3.85 13.08 -12.61
CA ILE A 103 3.90 11.86 -13.39
C ILE A 103 5.13 11.89 -14.29
N ASN A 104 5.64 10.71 -14.58
CA ASN A 104 6.82 10.58 -15.43
C ASN A 104 7.99 11.33 -14.80
N ASN A 105 9.18 11.08 -15.32
CA ASN A 105 10.37 11.73 -14.81
C ASN A 105 10.87 10.97 -13.58
N GLN A 106 11.95 11.48 -13.01
CA GLN A 106 12.54 10.88 -11.83
C GLN A 106 11.84 11.41 -10.57
N LEU A 107 11.77 10.55 -9.56
CA LEU A 107 11.15 10.92 -8.30
C LEU A 107 12.23 11.35 -7.31
N VAL A 108 11.83 12.20 -6.38
CA VAL A 108 12.75 12.70 -5.37
C VAL A 108 12.39 12.08 -4.01
N SER A 109 13.37 11.46 -3.39
CA SER A 109 13.17 10.83 -2.10
C SER A 109 13.56 11.81 -0.98
N GLY A 110 14.80 12.27 -1.05
CA GLY A 110 15.30 13.19 -0.05
C GLY A 110 14.51 14.51 -0.08
N PRO A 111 13.89 14.83 1.10
CA PRO A 111 13.10 16.04 1.22
C PRO A 111 14.00 17.27 1.31
N SER A 112 14.78 17.32 2.38
CA SER A 112 15.69 18.43 2.61
C SER A 112 16.97 17.92 3.28
N SER A 113 16.81 17.38 4.48
CA SER A 113 17.92 16.86 5.23
C SER A 113 17.88 15.34 5.27
N GLY A 114 17.70 14.75 4.09
CA GLY A 114 17.63 13.31 3.97
C GLY A 114 18.93 12.65 4.46
N GLY A 1 -6.35 7.12 19.80
CA GLY A 1 -4.92 7.27 20.04
C GLY A 1 -4.36 6.07 20.80
N SER A 2 -3.26 5.56 20.30
CA SER A 2 -2.61 4.41 20.92
C SER A 2 -1.29 4.11 20.22
N SER A 3 -0.46 3.34 20.90
CA SER A 3 0.84 2.97 20.35
C SER A 3 1.62 2.12 21.37
N GLY A 4 2.48 1.27 20.85
CA GLY A 4 3.28 0.40 21.70
C GLY A 4 3.98 -0.68 20.87
N SER A 5 5.13 -1.10 21.35
CA SER A 5 5.90 -2.14 20.67
C SER A 5 7.12 -2.51 21.51
N SER A 6 7.23 -3.81 21.79
CA SER A 6 8.34 -4.31 22.58
C SER A 6 8.39 -5.84 22.49
N GLY A 7 9.49 -6.39 22.98
CA GLY A 7 9.68 -7.83 22.96
C GLY A 7 11.05 -8.20 22.36
N ASP A 8 11.24 -7.80 21.12
CA ASP A 8 12.50 -8.08 20.44
C ASP A 8 12.77 -9.57 20.50
N ASP A 9 12.04 -10.32 19.69
CA ASP A 9 12.19 -11.77 19.63
C ASP A 9 11.28 -12.33 18.54
N ASN A 10 11.90 -12.99 17.58
CA ASN A 10 11.16 -13.58 16.48
C ASN A 10 10.16 -14.60 17.03
N GLU A 11 10.63 -15.35 18.01
CA GLU A 11 9.79 -16.36 18.64
C GLU A 11 8.50 -15.74 19.17
N ARG A 12 8.68 -14.66 19.92
CA ARG A 12 7.54 -13.96 20.49
C ARG A 12 6.70 -13.31 19.39
N LEU A 13 7.41 -12.66 18.47
CA LEU A 13 6.73 -11.99 17.36
C LEU A 13 5.69 -12.94 16.76
N SER A 14 6.11 -13.68 15.75
CA SER A 14 5.22 -14.62 15.09
C SER A 14 4.08 -13.86 14.41
N LYS A 15 2.94 -13.86 15.08
CA LYS A 15 1.76 -13.19 14.55
C LYS A 15 2.18 -11.83 13.97
N VAL A 16 2.84 -11.05 14.80
CA VAL A 16 3.30 -9.73 14.39
C VAL A 16 4.28 -9.88 13.23
N GLU A 17 5.31 -10.68 13.47
CA GLU A 17 6.33 -10.92 12.47
C GLU A 17 5.68 -11.16 11.11
N LYS A 18 4.47 -11.71 11.15
CA LYS A 18 3.74 -12.00 9.93
C LYS A 18 3.13 -10.71 9.38
N ALA A 19 2.34 -10.05 10.24
CA ALA A 19 1.70 -8.81 9.86
C ALA A 19 2.76 -7.81 9.39
N ARG A 20 3.78 -7.65 10.22
CA ARG A 20 4.86 -6.73 9.91
C ARG A 20 5.32 -6.93 8.46
N GLN A 21 5.75 -8.15 8.18
CA GLN A 21 6.23 -8.48 6.84
C GLN A 21 5.12 -8.22 5.81
N LEU A 22 3.96 -8.79 6.06
CA LEU A 22 2.82 -8.62 5.18
C LEU A 22 2.66 -7.14 4.84
N ARG A 23 2.54 -6.34 5.89
CA ARG A 23 2.37 -4.91 5.72
C ARG A 23 3.27 -4.39 4.60
N GLU A 24 4.49 -4.89 4.59
CA GLU A 24 5.45 -4.50 3.58
C GLU A 24 4.98 -4.95 2.19
N GLN A 25 4.60 -6.22 2.11
CA GLN A 25 4.14 -6.78 0.86
C GLN A 25 2.93 -5.99 0.34
N VAL A 26 1.97 -5.78 1.24
CA VAL A 26 0.77 -5.04 0.88
C VAL A 26 1.16 -3.62 0.47
N ASN A 27 1.89 -2.95 1.35
CA ASN A 27 2.31 -1.60 1.10
C ASN A 27 2.92 -1.51 -0.30
N ASP A 28 4.02 -2.26 -0.48
CA ASP A 28 4.70 -2.28 -1.76
C ASP A 28 3.70 -2.65 -2.86
N LEU A 29 2.97 -3.73 -2.62
CA LEU A 29 2.00 -4.21 -3.57
C LEU A 29 1.24 -3.02 -4.15
N PHE A 30 0.48 -2.36 -3.29
CA PHE A 30 -0.31 -1.20 -3.71
C PHE A 30 0.58 -0.18 -4.44
N SER A 31 1.75 0.04 -3.88
CA SER A 31 2.70 0.98 -4.45
C SER A 31 3.03 0.56 -5.90
N ARG A 32 3.34 -0.71 -6.04
CA ARG A 32 3.69 -1.25 -7.35
C ARG A 32 2.56 -0.98 -8.35
N LYS A 33 1.43 -1.61 -8.09
CA LYS A 33 0.27 -1.45 -8.96
C LYS A 33 0.04 0.05 -9.21
N PHE A 34 -0.08 0.78 -8.11
CA PHE A 34 -0.31 2.21 -8.20
C PHE A 34 0.53 2.84 -9.31
N GLY A 35 1.77 2.39 -9.39
CA GLY A 35 2.68 2.89 -10.41
C GLY A 35 2.00 2.97 -11.78
N GLU A 36 1.24 1.93 -12.08
CA GLU A 36 0.53 1.88 -13.35
C GLU A 36 -0.45 3.05 -13.46
N ALA A 37 -1.16 3.29 -12.36
CA ALA A 37 -2.13 4.38 -12.33
C ALA A 37 -1.44 5.68 -12.73
N ILE A 38 -0.13 5.71 -12.53
CA ILE A 38 0.65 6.88 -12.87
C ILE A 38 1.61 6.55 -14.02
N GLY A 39 1.30 5.45 -14.70
CA GLY A 39 2.13 5.01 -15.81
C GLY A 39 3.59 4.90 -15.40
N MET A 40 3.81 4.83 -14.10
CA MET A 40 5.16 4.73 -13.57
C MET A 40 5.71 3.31 -13.75
N GLY A 41 7.03 3.22 -13.76
CA GLY A 41 7.69 1.93 -13.92
C GLY A 41 8.26 1.44 -12.59
N PHE A 42 7.61 1.87 -11.52
CA PHE A 42 8.03 1.47 -10.18
C PHE A 42 6.93 1.73 -9.16
N PRO A 43 7.12 1.14 -7.95
CA PRO A 43 6.15 1.30 -6.88
C PRO A 43 6.26 2.69 -6.24
N VAL A 44 5.18 3.46 -6.41
CA VAL A 44 5.14 4.80 -5.87
C VAL A 44 4.23 4.83 -4.65
N LYS A 45 4.44 5.83 -3.81
CA LYS A 45 3.64 5.97 -2.60
C LYS A 45 2.15 5.90 -2.96
N VAL A 46 1.36 5.48 -1.99
CA VAL A 46 -0.07 5.36 -2.18
C VAL A 46 -0.80 6.24 -1.18
N PRO A 47 -1.45 7.30 -1.72
CA PRO A 47 -2.18 8.24 -0.87
C PRO A 47 -3.51 7.62 -0.42
N TYR A 48 -3.39 6.57 0.38
CA TYR A 48 -4.57 5.89 0.90
C TYR A 48 -5.57 6.89 1.47
N ARG A 49 -5.04 7.95 2.04
CA ARG A 49 -5.88 8.99 2.62
C ARG A 49 -6.84 9.56 1.57
N LYS A 50 -6.26 10.23 0.58
CA LYS A 50 -7.03 10.82 -0.49
C LYS A 50 -8.02 9.78 -1.03
N ILE A 51 -7.55 8.55 -1.09
CA ILE A 51 -8.37 7.45 -1.58
C ILE A 51 -9.45 7.13 -0.56
N THR A 52 -9.09 7.31 0.71
CA THR A 52 -10.00 7.03 1.80
C THR A 52 -11.15 8.04 1.80
N ILE A 53 -10.80 9.30 2.01
CA ILE A 53 -11.79 10.36 2.03
C ILE A 53 -12.69 10.24 0.80
N ASN A 54 -12.06 10.17 -0.35
CA ASN A 54 -12.78 10.05 -1.60
C ASN A 54 -11.87 9.42 -2.67
N PRO A 55 -12.24 8.19 -3.08
CA PRO A 55 -11.47 7.47 -4.08
C PRO A 55 -11.72 8.05 -5.47
N GLY A 56 -12.88 8.64 -5.64
CA GLY A 56 -13.26 9.22 -6.92
C GLY A 56 -12.03 9.42 -7.81
N CYS A 57 -11.09 10.22 -7.31
CA CYS A 57 -9.88 10.51 -8.05
C CYS A 57 -9.22 9.17 -8.42
N VAL A 58 -8.44 8.65 -7.49
CA VAL A 58 -7.75 7.39 -7.70
C VAL A 58 -8.56 6.26 -7.07
N VAL A 59 -8.81 5.23 -7.87
CA VAL A 59 -9.58 4.09 -7.40
C VAL A 59 -8.65 2.89 -7.26
N VAL A 60 -9.16 1.85 -6.62
CA VAL A 60 -8.39 0.63 -6.42
C VAL A 60 -9.25 -0.58 -6.80
N ASP A 61 -8.82 -1.25 -7.86
CA ASP A 61 -9.53 -2.43 -8.33
C ASP A 61 -8.80 -3.69 -7.88
N GLY A 62 -9.44 -4.83 -8.10
CA GLY A 62 -8.85 -6.10 -7.70
C GLY A 62 -9.23 -6.46 -6.27
N MET A 63 -9.48 -5.43 -5.48
CA MET A 63 -9.84 -5.62 -4.09
C MET A 63 -10.82 -6.80 -3.93
N PRO A 64 -10.61 -7.58 -2.85
CA PRO A 64 -11.47 -8.73 -2.57
C PRO A 64 -12.83 -8.29 -2.04
N PRO A 65 -13.78 -9.25 -2.02
CA PRO A 65 -15.11 -8.98 -1.54
C PRO A 65 -15.15 -8.88 -0.01
N GLY A 66 -15.84 -7.86 0.47
CA GLY A 66 -15.94 -7.64 1.90
C GLY A 66 -14.60 -7.21 2.49
N VAL A 67 -13.83 -6.52 1.67
CA VAL A 67 -12.53 -6.04 2.10
C VAL A 67 -12.30 -4.63 1.55
N SER A 68 -12.22 -3.68 2.48
CA SER A 68 -12.00 -2.29 2.11
C SER A 68 -10.51 -2.01 1.94
N PHE A 69 -10.22 -1.02 1.10
CA PHE A 69 -8.85 -0.65 0.84
C PHE A 69 -8.37 0.42 1.82
N LYS A 70 -7.14 0.26 2.29
CA LYS A 70 -6.56 1.21 3.23
C LYS A 70 -5.14 0.77 3.58
N ALA A 71 -4.43 1.66 4.24
CA ALA A 71 -3.06 1.38 4.65
C ALA A 71 -2.99 -0.02 5.27
N PRO A 72 -1.80 -0.66 5.13
CA PRO A 72 -1.60 -1.99 5.67
C PRO A 72 -1.43 -1.95 7.19
N SER A 73 -1.37 -0.73 7.70
CA SER A 73 -1.20 -0.53 9.14
C SER A 73 -2.52 -0.83 9.86
N TYR A 74 -3.62 -0.37 9.26
CA TYR A 74 -4.93 -0.57 9.83
C TYR A 74 -5.44 -1.98 9.53
N LEU A 75 -5.18 -2.43 8.31
CA LEU A 75 -5.60 -3.75 7.88
C LEU A 75 -4.92 -4.81 8.76
N GLU A 76 -5.63 -5.92 8.94
CA GLU A 76 -5.10 -7.01 9.75
C GLU A 76 -4.34 -8.00 8.87
N ILE A 77 -3.77 -9.01 9.53
CA ILE A 77 -3.01 -10.03 8.83
C ILE A 77 -3.88 -10.62 7.72
N SER A 78 -4.98 -11.23 8.12
CA SER A 78 -5.89 -11.84 7.17
C SER A 78 -6.18 -10.87 6.02
N SER A 79 -6.51 -9.64 6.39
CA SER A 79 -6.80 -8.61 5.41
C SER A 79 -5.71 -8.57 4.35
N MET A 80 -4.48 -8.39 4.81
CA MET A 80 -3.34 -8.33 3.92
C MET A 80 -3.24 -9.61 3.09
N ARG A 81 -3.24 -10.73 3.78
CA ARG A 81 -3.15 -12.03 3.13
C ARG A 81 -4.08 -12.08 1.92
N ARG A 82 -5.30 -11.60 2.13
CA ARG A 82 -6.29 -11.59 1.07
C ARG A 82 -5.81 -10.72 -0.10
N ILE A 83 -5.75 -9.42 0.17
CA ILE A 83 -5.30 -8.48 -0.84
C ILE A 83 -4.14 -9.09 -1.63
N LEU A 84 -3.20 -9.64 -0.90
CA LEU A 84 -2.03 -10.26 -1.52
C LEU A 84 -2.49 -11.37 -2.45
N ASP A 85 -3.35 -12.23 -1.91
CA ASP A 85 -3.87 -13.36 -2.69
C ASP A 85 -4.47 -12.83 -3.99
N SER A 86 -4.80 -11.55 -3.98
CA SER A 86 -5.38 -10.91 -5.15
C SER A 86 -4.42 -9.86 -5.70
N ALA A 87 -3.17 -9.97 -5.29
CA ALA A 87 -2.15 -9.03 -5.73
C ALA A 87 -2.21 -8.91 -7.25
N GLU A 88 -2.46 -10.04 -7.90
CA GLU A 88 -2.54 -10.07 -9.35
C GLU A 88 -3.76 -9.28 -9.83
N PHE A 89 -4.76 -9.20 -8.95
CA PHE A 89 -5.98 -8.49 -9.27
C PHE A 89 -5.86 -7.01 -8.90
N ILE A 90 -5.24 -6.77 -7.75
CA ILE A 90 -5.05 -5.42 -7.26
C ILE A 90 -4.70 -4.50 -8.43
N LYS A 91 -5.32 -3.32 -8.43
CA LYS A 91 -5.08 -2.35 -9.49
C LYS A 91 -5.56 -0.98 -9.02
N PHE A 92 -5.03 0.05 -9.68
CA PHE A 92 -5.40 1.42 -9.34
C PHE A 92 -5.80 2.20 -10.59
N THR A 93 -6.99 2.78 -10.53
CA THR A 93 -7.49 3.55 -11.65
C THR A 93 -7.40 5.05 -11.35
N VAL A 94 -7.03 5.81 -12.38
CA VAL A 94 -6.89 7.25 -12.23
C VAL A 94 -8.01 7.94 -13.01
N ILE A 95 -9.19 7.94 -12.42
CA ILE A 95 -10.34 8.57 -13.04
C ILE A 95 -10.08 10.06 -13.22
N ARG A 96 -9.71 10.70 -12.13
CA ARG A 96 -9.42 12.13 -12.16
C ARG A 96 -8.00 12.39 -11.67
N PRO A 97 -7.26 13.20 -12.47
CA PRO A 97 -5.89 13.54 -12.14
C PRO A 97 -5.83 14.55 -10.99
N PHE A 98 -5.06 14.22 -9.97
CA PHE A 98 -4.92 15.09 -8.82
C PHE A 98 -4.61 16.53 -9.25
N PRO A 99 -4.73 17.46 -8.27
CA PRO A 99 -4.46 18.86 -8.54
C PRO A 99 -2.95 19.12 -8.66
N GLY A 100 -2.32 18.36 -9.53
CA GLY A 100 -0.88 18.49 -9.74
C GLY A 100 -0.25 17.14 -10.09
N LEU A 101 -0.58 16.14 -9.28
CA LEU A 101 -0.05 14.81 -9.48
C LEU A 101 1.47 14.89 -9.66
N VAL A 102 2.09 13.72 -9.67
CA VAL A 102 3.53 13.63 -9.83
C VAL A 102 3.88 12.38 -10.63
N ILE A 103 4.78 12.56 -11.60
CA ILE A 103 5.20 11.46 -12.44
C ILE A 103 6.68 11.64 -12.78
N ASN A 104 7.51 11.58 -11.74
CA ASN A 104 8.95 11.72 -11.92
C ASN A 104 9.67 10.79 -10.95
N ASN A 105 10.45 9.88 -11.52
CA ASN A 105 11.20 8.92 -10.73
C ASN A 105 12.00 9.67 -9.67
N GLN A 106 12.46 8.92 -8.68
CA GLN A 106 13.23 9.50 -7.59
C GLN A 106 13.23 8.57 -6.38
N LEU A 107 14.10 7.58 -6.43
CA LEU A 107 14.22 6.62 -5.34
C LEU A 107 14.61 7.34 -4.06
N VAL A 108 14.10 6.84 -2.94
CA VAL A 108 14.40 7.44 -1.66
C VAL A 108 15.91 7.43 -1.43
N SER A 109 16.43 8.61 -1.16
CA SER A 109 17.86 8.76 -0.93
C SER A 109 18.32 7.80 0.17
N GLY A 110 17.70 7.94 1.33
CA GLY A 110 18.03 7.09 2.46
C GLY A 110 18.56 7.92 3.63
N PRO A 111 17.61 8.54 4.39
CA PRO A 111 17.97 9.36 5.53
C PRO A 111 18.40 8.49 6.72
N SER A 112 18.87 9.16 7.76
CA SER A 112 19.30 8.46 8.96
C SER A 112 18.36 7.30 9.27
N SER A 113 18.84 6.09 8.99
CA SER A 113 18.05 4.89 9.23
C SER A 113 16.94 4.79 8.19
N GLY A 114 16.09 5.81 8.16
CA GLY A 114 14.98 5.84 7.21
C GLY A 114 13.77 5.09 7.78
N GLY A 1 2.14 -21.06 17.65
CA GLY A 1 1.60 -19.72 17.52
C GLY A 1 0.07 -19.75 17.41
N SER A 2 -0.58 -19.03 18.32
CA SER A 2 -2.03 -18.96 18.32
C SER A 2 -2.49 -17.60 18.83
N SER A 3 -3.28 -16.93 17.99
CA SER A 3 -3.79 -15.61 18.34
C SER A 3 -2.65 -14.59 18.32
N GLY A 4 -1.68 -14.82 19.18
CA GLY A 4 -0.54 -13.93 19.27
C GLY A 4 -0.38 -13.38 20.70
N SER A 5 0.57 -12.48 20.85
CA SER A 5 0.83 -11.87 22.14
C SER A 5 1.96 -10.85 22.03
N SER A 6 2.16 -10.10 23.11
CA SER A 6 3.20 -9.08 23.14
C SER A 6 4.54 -9.71 22.75
N GLY A 7 5.16 -9.12 21.74
CA GLY A 7 6.45 -9.60 21.26
C GLY A 7 7.53 -8.54 21.44
N ASP A 8 8.77 -8.96 21.23
CA ASP A 8 9.90 -8.05 21.36
C ASP A 8 11.09 -8.63 20.59
N ASP A 9 11.40 -9.89 20.88
CA ASP A 9 12.51 -10.56 20.22
C ASP A 9 12.02 -11.17 18.91
N ASN A 10 12.94 -11.22 17.95
CA ASN A 10 12.62 -11.78 16.65
C ASN A 10 12.21 -13.25 16.81
N GLU A 11 12.85 -13.90 17.79
CA GLU A 11 12.57 -15.30 18.06
C GLU A 11 11.11 -15.47 18.49
N ARG A 12 10.57 -14.42 19.10
CA ARG A 12 9.20 -14.46 19.56
C ARG A 12 8.25 -14.06 18.43
N LEU A 13 8.66 -13.05 17.68
CA LEU A 13 7.86 -12.57 16.57
C LEU A 13 7.26 -13.76 15.83
N SER A 14 5.97 -13.95 16.02
CA SER A 14 5.26 -15.05 15.38
C SER A 14 4.05 -14.52 14.61
N LYS A 15 3.07 -14.06 15.38
CA LYS A 15 1.85 -13.52 14.79
C LYS A 15 2.11 -12.10 14.30
N VAL A 16 3.19 -11.51 14.81
CA VAL A 16 3.56 -10.16 14.44
C VAL A 16 4.47 -10.21 13.20
N GLU A 17 5.55 -10.94 13.34
CA GLU A 17 6.51 -11.08 12.25
C GLU A 17 5.78 -11.16 10.91
N LYS A 18 4.71 -11.94 10.90
CA LYS A 18 3.92 -12.10 9.69
C LYS A 18 3.18 -10.79 9.40
N ALA A 19 2.49 -10.30 10.41
CA ALA A 19 1.74 -9.06 10.28
C ALA A 19 2.65 -7.98 9.70
N ARG A 20 3.80 -7.82 10.33
CA ARG A 20 4.77 -6.83 9.88
C ARG A 20 5.10 -7.02 8.41
N GLN A 21 5.79 -8.12 8.13
CA GLN A 21 6.16 -8.43 6.76
C GLN A 21 5.02 -8.11 5.80
N LEU A 22 3.84 -8.63 6.15
CA LEU A 22 2.66 -8.40 5.33
C LEU A 22 2.49 -6.91 5.08
N ARG A 23 2.42 -6.16 6.17
CA ARG A 23 2.26 -4.72 6.08
C ARG A 23 3.23 -4.14 5.05
N GLU A 24 4.39 -4.79 4.94
CA GLU A 24 5.40 -4.34 4.00
C GLU A 24 5.02 -4.75 2.58
N GLN A 25 4.63 -6.01 2.43
CA GLN A 25 4.24 -6.52 1.14
C GLN A 25 3.07 -5.72 0.57
N VAL A 26 2.02 -5.61 1.39
CA VAL A 26 0.84 -4.87 0.98
C VAL A 26 1.24 -3.46 0.55
N ASN A 27 1.84 -2.73 1.49
CA ASN A 27 2.27 -1.38 1.22
C ASN A 27 2.92 -1.32 -0.17
N ASP A 28 4.04 -2.03 -0.30
CA ASP A 28 4.75 -2.07 -1.55
C ASP A 28 3.79 -2.46 -2.68
N LEU A 29 3.09 -3.56 -2.45
CA LEU A 29 2.14 -4.05 -3.43
C LEU A 29 1.33 -2.88 -3.98
N PHE A 30 0.52 -2.31 -3.11
CA PHE A 30 -0.31 -1.18 -3.49
C PHE A 30 0.50 -0.11 -4.22
N SER A 31 1.73 0.07 -3.75
CA SER A 31 2.64 1.04 -4.34
C SER A 31 3.00 0.62 -5.76
N ARG A 32 3.38 -0.63 -5.90
CA ARG A 32 3.76 -1.17 -7.19
C ARG A 32 2.60 -1.02 -8.18
N LYS A 33 1.49 -1.62 -7.84
CA LYS A 33 0.30 -1.56 -8.69
C LYS A 33 0.04 -0.10 -9.08
N PHE A 34 -0.09 0.73 -8.05
CA PHE A 34 -0.34 2.14 -8.26
C PHE A 34 0.52 2.69 -9.39
N GLY A 35 1.81 2.39 -9.31
CA GLY A 35 2.75 2.84 -10.32
C GLY A 35 2.16 2.70 -11.73
N GLU A 36 1.34 1.68 -11.89
CA GLU A 36 0.71 1.42 -13.17
C GLU A 36 -0.26 2.56 -13.52
N ALA A 37 -1.05 2.95 -12.53
CA ALA A 37 -2.01 4.02 -12.72
C ALA A 37 -1.27 5.30 -13.11
N ILE A 38 0.03 5.29 -12.91
CA ILE A 38 0.86 6.44 -13.24
C ILE A 38 1.90 6.03 -14.27
N GLY A 39 1.71 4.84 -14.84
CA GLY A 39 2.62 4.33 -15.84
C GLY A 39 4.08 4.41 -15.35
N MET A 40 4.21 4.49 -14.04
CA MET A 40 5.53 4.57 -13.44
C MET A 40 6.22 3.20 -13.45
N GLY A 41 7.55 3.24 -13.59
CA GLY A 41 8.33 2.03 -13.62
C GLY A 41 8.83 1.66 -12.22
N PHE A 42 8.09 2.12 -11.23
CA PHE A 42 8.44 1.85 -9.84
C PHE A 42 7.24 2.10 -8.91
N PRO A 43 7.35 1.54 -7.68
CA PRO A 43 6.30 1.68 -6.70
C PRO A 43 6.30 3.10 -6.10
N VAL A 44 5.15 3.75 -6.23
CA VAL A 44 5.00 5.11 -5.71
C VAL A 44 4.09 5.08 -4.48
N LYS A 45 4.14 6.16 -3.73
CA LYS A 45 3.31 6.28 -2.53
C LYS A 45 1.84 6.14 -2.92
N VAL A 46 1.08 5.56 -2.00
CA VAL A 46 -0.34 5.37 -2.22
C VAL A 46 -1.14 6.35 -1.35
N PRO A 47 -1.92 7.23 -2.03
CA PRO A 47 -2.73 8.20 -1.34
C PRO A 47 -3.96 7.55 -0.70
N TYR A 48 -3.69 6.61 0.20
CA TYR A 48 -4.76 5.91 0.88
C TYR A 48 -5.83 6.88 1.39
N ARG A 49 -5.35 7.94 2.04
CA ARG A 49 -6.24 8.95 2.58
C ARG A 49 -7.15 9.50 1.48
N LYS A 50 -6.53 10.24 0.56
CA LYS A 50 -7.28 10.83 -0.54
C LYS A 50 -8.24 9.78 -1.12
N ILE A 51 -7.68 8.61 -1.42
CA ILE A 51 -8.48 7.53 -1.98
C ILE A 51 -9.62 7.19 -1.01
N THR A 52 -9.32 7.30 0.27
CA THR A 52 -10.31 7.02 1.30
C THR A 52 -11.44 8.04 1.25
N ILE A 53 -11.11 9.28 1.59
CA ILE A 53 -12.08 10.35 1.58
C ILE A 53 -12.90 10.29 0.29
N ASN A 54 -12.21 9.98 -0.79
CA ASN A 54 -12.85 9.88 -2.09
C ASN A 54 -11.84 9.36 -3.12
N PRO A 55 -12.17 8.17 -3.69
CA PRO A 55 -11.29 7.56 -4.69
C PRO A 55 -11.42 8.27 -6.03
N GLY A 56 -12.51 9.01 -6.17
CA GLY A 56 -12.76 9.75 -7.40
C GLY A 56 -11.49 9.83 -8.26
N CYS A 57 -10.54 10.62 -7.77
CA CYS A 57 -9.28 10.79 -8.47
C CYS A 57 -8.69 9.41 -8.76
N VAL A 58 -8.12 8.82 -7.73
CA VAL A 58 -7.52 7.50 -7.85
C VAL A 58 -8.46 6.46 -7.26
N VAL A 59 -8.76 5.45 -8.06
CA VAL A 59 -9.64 4.38 -7.64
C VAL A 59 -8.82 3.12 -7.35
N VAL A 60 -9.47 2.17 -6.71
CA VAL A 60 -8.81 0.92 -6.37
C VAL A 60 -9.77 -0.25 -6.65
N ASP A 61 -9.28 -1.19 -7.44
CA ASP A 61 -10.08 -2.36 -7.79
C ASP A 61 -9.26 -3.62 -7.54
N GLY A 62 -9.91 -4.75 -7.76
CA GLY A 62 -9.25 -6.04 -7.56
C GLY A 62 -9.42 -6.52 -6.12
N MET A 63 -9.48 -5.57 -5.21
CA MET A 63 -9.65 -5.89 -3.80
C MET A 63 -10.63 -7.04 -3.61
N PRO A 64 -10.43 -7.79 -2.50
CA PRO A 64 -11.29 -8.92 -2.19
C PRO A 64 -12.66 -8.45 -1.67
N PRO A 65 -13.61 -9.41 -1.59
CA PRO A 65 -14.95 -9.10 -1.11
C PRO A 65 -14.96 -8.92 0.40
N GLY A 66 -15.70 -7.92 0.84
CA GLY A 66 -15.81 -7.63 2.26
C GLY A 66 -14.46 -7.18 2.84
N VAL A 67 -13.68 -6.53 1.99
CA VAL A 67 -12.37 -6.04 2.40
C VAL A 67 -12.14 -4.65 1.82
N SER A 68 -12.32 -3.65 2.68
CA SER A 68 -12.13 -2.27 2.27
C SER A 68 -10.64 -1.97 2.09
N PHE A 69 -10.35 -1.05 1.17
CA PHE A 69 -8.98 -0.68 0.90
C PHE A 69 -8.52 0.45 1.84
N LYS A 70 -7.30 0.31 2.32
CA LYS A 70 -6.74 1.30 3.23
C LYS A 70 -5.33 0.86 3.64
N ALA A 71 -4.61 1.81 4.23
CA ALA A 71 -3.25 1.54 4.67
C ALA A 71 -3.18 0.13 5.27
N PRO A 72 -1.97 -0.47 5.18
CA PRO A 72 -1.75 -1.81 5.71
C PRO A 72 -1.66 -1.78 7.24
N SER A 73 -1.73 -0.58 7.78
CA SER A 73 -1.65 -0.40 9.22
C SER A 73 -2.97 -0.80 9.87
N TYR A 74 -4.05 -0.19 9.38
CA TYR A 74 -5.37 -0.47 9.90
C TYR A 74 -5.80 -1.91 9.55
N LEU A 75 -5.46 -2.30 8.33
CA LEU A 75 -5.82 -3.64 7.87
C LEU A 75 -5.10 -4.68 8.73
N GLU A 76 -5.80 -5.79 8.95
CA GLU A 76 -5.25 -6.87 9.75
C GLU A 76 -4.49 -7.86 8.86
N ILE A 77 -3.93 -8.88 9.51
CA ILE A 77 -3.18 -9.90 8.80
C ILE A 77 -4.06 -10.48 7.68
N SER A 78 -5.17 -11.08 8.09
CA SER A 78 -6.09 -11.67 7.14
C SER A 78 -6.31 -10.73 5.96
N SER A 79 -6.60 -9.48 6.28
CA SER A 79 -6.84 -8.48 5.27
C SER A 79 -5.70 -8.50 4.24
N MET A 80 -4.49 -8.22 4.73
CA MET A 80 -3.33 -8.20 3.88
C MET A 80 -3.20 -9.50 3.09
N ARG A 81 -3.24 -10.61 3.82
CA ARG A 81 -3.13 -11.92 3.20
C ARG A 81 -4.07 -12.02 2.00
N ARG A 82 -5.30 -11.55 2.20
CA ARG A 82 -6.29 -11.57 1.14
C ARG A 82 -5.82 -10.73 -0.05
N ILE A 83 -5.72 -9.43 0.19
CA ILE A 83 -5.29 -8.51 -0.84
C ILE A 83 -4.15 -9.14 -1.64
N LEU A 84 -3.14 -9.60 -0.91
CA LEU A 84 -1.99 -10.22 -1.53
C LEU A 84 -2.46 -11.33 -2.48
N ASP A 85 -3.29 -12.20 -1.94
CA ASP A 85 -3.82 -13.31 -2.72
C ASP A 85 -4.44 -12.76 -4.02
N SER A 86 -4.86 -11.51 -3.95
CA SER A 86 -5.47 -10.86 -5.10
C SER A 86 -4.53 -9.78 -5.65
N ALA A 87 -3.26 -9.91 -5.28
CA ALA A 87 -2.26 -8.96 -5.73
C ALA A 87 -2.38 -8.77 -7.23
N GLU A 88 -2.64 -9.87 -7.93
CA GLU A 88 -2.78 -9.84 -9.36
C GLU A 88 -4.08 -9.13 -9.75
N PHE A 89 -5.05 -9.19 -8.86
CA PHE A 89 -6.34 -8.56 -9.09
C PHE A 89 -6.28 -7.06 -8.78
N ILE A 90 -5.58 -6.75 -7.71
CA ILE A 90 -5.44 -5.36 -7.29
C ILE A 90 -5.24 -4.48 -8.53
N LYS A 91 -5.84 -3.30 -8.48
CA LYS A 91 -5.75 -2.36 -9.58
C LYS A 91 -6.00 -0.94 -9.06
N PHE A 92 -5.47 0.03 -9.80
CA PHE A 92 -5.63 1.42 -9.43
C PHE A 92 -5.86 2.30 -10.66
N THR A 93 -7.00 2.96 -10.68
CA THR A 93 -7.34 3.83 -11.79
C THR A 93 -7.19 5.30 -11.39
N VAL A 94 -6.41 6.02 -12.18
CA VAL A 94 -6.17 7.43 -11.93
C VAL A 94 -7.09 8.27 -12.81
N ILE A 95 -8.28 8.55 -12.29
CA ILE A 95 -9.25 9.34 -13.02
C ILE A 95 -8.68 10.74 -13.27
N ARG A 96 -8.37 11.43 -12.17
CA ARG A 96 -7.83 12.77 -12.26
C ARG A 96 -6.62 12.91 -11.33
N PRO A 97 -5.53 13.53 -11.87
CA PRO A 97 -4.33 13.73 -11.09
C PRO A 97 -4.51 14.86 -10.08
N PHE A 98 -3.82 14.72 -8.95
CA PHE A 98 -3.90 15.72 -7.90
C PHE A 98 -3.15 16.99 -8.30
N PRO A 99 -3.44 18.08 -7.54
CA PRO A 99 -2.81 19.36 -7.80
C PRO A 99 -1.36 19.37 -7.30
N GLY A 100 -0.96 18.24 -6.74
CA GLY A 100 0.39 18.11 -6.22
C GLY A 100 1.03 16.80 -6.71
N LEU A 101 0.30 16.09 -7.56
CA LEU A 101 0.78 14.83 -8.09
C LEU A 101 1.85 15.11 -9.14
N VAL A 102 2.66 14.09 -9.40
CA VAL A 102 3.73 14.21 -10.37
C VAL A 102 3.99 12.85 -11.03
N ILE A 103 4.37 12.90 -12.29
CA ILE A 103 4.65 11.67 -13.04
C ILE A 103 6.02 11.78 -13.70
N ASN A 104 7.04 11.84 -12.85
CA ASN A 104 8.41 11.95 -13.33
C ASN A 104 9.18 10.68 -12.97
N ASN A 105 9.89 10.16 -13.96
CA ASN A 105 10.67 8.95 -13.75
C ASN A 105 11.96 9.29 -13.00
N GLN A 106 12.78 8.28 -12.80
CA GLN A 106 14.04 8.45 -12.10
C GLN A 106 13.79 8.95 -10.67
N LEU A 107 14.62 8.44 -9.76
CA LEU A 107 14.50 8.82 -8.36
C LEU A 107 15.85 9.28 -7.83
N VAL A 108 15.91 9.50 -6.53
CA VAL A 108 17.14 9.95 -5.90
C VAL A 108 18.10 8.76 -5.78
N SER A 109 17.53 7.61 -5.46
CA SER A 109 18.32 6.40 -5.30
C SER A 109 17.50 5.30 -4.64
N GLY A 110 17.82 4.07 -4.99
CA GLY A 110 17.11 2.93 -4.44
C GLY A 110 17.95 1.65 -4.55
N PRO A 111 18.67 1.33 -3.43
CA PRO A 111 19.51 0.16 -3.39
C PRO A 111 18.66 -1.11 -3.26
N SER A 112 17.74 -1.29 -4.19
CA SER A 112 16.87 -2.44 -4.18
C SER A 112 16.44 -2.77 -2.75
N SER A 113 16.32 -1.72 -1.95
CA SER A 113 15.93 -1.89 -0.56
C SER A 113 15.32 -0.58 -0.03
N GLY A 114 16.18 0.44 0.04
CA GLY A 114 15.74 1.73 0.52
C GLY A 114 14.83 1.59 1.74
N GLY A 1 11.77 -20.77 14.51
CA GLY A 1 11.15 -21.26 15.72
C GLY A 1 9.78 -20.60 15.95
N SER A 2 9.37 -20.60 17.21
CA SER A 2 8.10 -20.00 17.58
C SER A 2 8.15 -19.52 19.03
N SER A 3 8.41 -20.47 19.93
CA SER A 3 8.48 -20.16 21.35
C SER A 3 7.16 -19.54 21.81
N GLY A 4 7.05 -19.40 23.13
CA GLY A 4 5.86 -18.82 23.72
C GLY A 4 6.21 -17.75 24.74
N SER A 5 6.48 -16.56 24.24
CA SER A 5 6.85 -15.44 25.09
C SER A 5 6.80 -14.14 24.30
N SER A 6 7.05 -13.04 25.00
CA SER A 6 7.04 -11.73 24.38
C SER A 6 8.39 -11.04 24.58
N GLY A 7 8.86 -10.40 23.52
CA GLY A 7 10.13 -9.70 23.57
C GLY A 7 10.52 -9.19 22.18
N ASP A 8 11.75 -8.69 22.09
CA ASP A 8 12.26 -8.17 20.84
C ASP A 8 13.08 -9.26 20.13
N ASP A 9 12.47 -9.85 19.11
CA ASP A 9 13.13 -10.89 18.35
C ASP A 9 12.12 -11.53 17.40
N ASN A 10 12.58 -11.77 16.18
CA ASN A 10 11.74 -12.38 15.16
C ASN A 10 11.18 -13.71 15.68
N GLU A 11 12.05 -14.44 16.36
CA GLU A 11 11.66 -15.73 16.92
C GLU A 11 10.46 -15.57 17.85
N ARG A 12 10.47 -14.47 18.60
CA ARG A 12 9.40 -14.18 19.53
C ARG A 12 8.17 -13.65 18.78
N LEU A 13 8.41 -12.64 17.96
CA LEU A 13 7.34 -12.05 17.18
C LEU A 13 6.43 -13.14 16.64
N SER A 14 6.95 -13.86 15.65
CA SER A 14 6.19 -14.94 15.04
C SER A 14 4.94 -14.38 14.35
N LYS A 15 3.83 -14.42 15.08
CA LYS A 15 2.57 -13.92 14.56
C LYS A 15 2.76 -12.49 14.05
N VAL A 16 3.32 -11.66 14.92
CA VAL A 16 3.56 -10.27 14.57
C VAL A 16 4.47 -10.20 13.35
N GLU A 17 5.57 -10.93 13.42
CA GLU A 17 6.53 -10.96 12.33
C GLU A 17 5.81 -11.17 11.00
N LYS A 18 4.68 -11.87 11.08
CA LYS A 18 3.89 -12.14 9.89
C LYS A 18 3.23 -10.85 9.41
N ALA A 19 2.52 -10.21 10.33
CA ALA A 19 1.84 -8.96 10.02
C ALA A 19 2.85 -7.96 9.46
N ARG A 20 3.89 -7.72 10.24
CA ARG A 20 4.94 -6.79 9.83
C ARG A 20 5.28 -7.00 8.37
N GLN A 21 5.68 -8.22 8.04
CA GLN A 21 6.05 -8.55 6.67
C GLN A 21 4.88 -8.27 5.72
N LEU A 22 3.72 -8.80 6.10
CA LEU A 22 2.53 -8.61 5.29
C LEU A 22 2.37 -7.13 4.95
N ARG A 23 2.52 -6.30 5.98
CA ARG A 23 2.40 -4.87 5.80
C ARG A 23 3.34 -4.38 4.68
N GLU A 24 4.54 -4.93 4.69
CA GLU A 24 5.54 -4.57 3.69
C GLU A 24 5.07 -5.02 2.31
N GLN A 25 4.47 -6.20 2.27
CA GLN A 25 3.98 -6.76 1.02
C GLN A 25 2.81 -5.92 0.48
N VAL A 26 1.80 -5.79 1.32
CA VAL A 26 0.61 -5.02 0.95
C VAL A 26 1.04 -3.63 0.48
N ASN A 27 1.84 -2.97 1.31
CA ASN A 27 2.33 -1.64 0.99
C ASN A 27 2.92 -1.65 -0.41
N ASP A 28 4.04 -2.34 -0.55
CA ASP A 28 4.72 -2.43 -1.83
C ASP A 28 3.71 -2.82 -2.91
N LEU A 29 2.96 -3.87 -2.62
CA LEU A 29 1.95 -4.34 -3.56
C LEU A 29 1.23 -3.15 -4.18
N PHE A 30 0.54 -2.40 -3.33
CA PHE A 30 -0.19 -1.23 -3.78
C PHE A 30 0.74 -0.23 -4.47
N SER A 31 1.80 0.13 -3.75
CA SER A 31 2.78 1.07 -4.27
C SER A 31 3.15 0.70 -5.70
N ARG A 32 3.49 -0.57 -5.88
CA ARG A 32 3.87 -1.06 -7.19
C ARG A 32 2.74 -0.84 -8.19
N LYS A 33 1.66 -1.59 -8.00
CA LYS A 33 0.51 -1.49 -8.87
C LYS A 33 0.19 -0.01 -9.12
N PHE A 34 0.06 0.72 -8.02
CA PHE A 34 -0.24 2.14 -8.11
C PHE A 34 0.61 2.83 -9.17
N GLY A 35 1.89 2.47 -9.18
CA GLY A 35 2.81 3.04 -10.13
C GLY A 35 2.27 2.94 -11.56
N GLU A 36 1.44 1.93 -11.76
CA GLU A 36 0.85 1.71 -13.08
C GLU A 36 -0.14 2.83 -13.41
N ALA A 37 -0.92 3.22 -12.41
CA ALA A 37 -1.89 4.28 -12.58
C ALA A 37 -1.17 5.58 -12.90
N ILE A 38 0.13 5.56 -12.69
CA ILE A 38 0.95 6.73 -12.96
C ILE A 38 1.99 6.40 -14.04
N GLY A 39 2.02 5.12 -14.41
CA GLY A 39 2.95 4.66 -15.42
C GLY A 39 4.39 4.72 -14.92
N MET A 40 4.51 4.78 -13.60
CA MET A 40 5.82 4.84 -12.98
C MET A 40 6.52 3.47 -13.02
N GLY A 41 7.81 3.51 -13.27
CA GLY A 41 8.60 2.29 -13.34
C GLY A 41 8.87 1.75 -11.93
N PHE A 42 8.71 2.61 -10.95
CA PHE A 42 8.94 2.23 -9.56
C PHE A 42 7.67 2.38 -8.74
N PRO A 43 7.68 1.73 -7.55
CA PRO A 43 6.53 1.77 -6.66
C PRO A 43 6.44 3.12 -5.94
N VAL A 44 5.29 3.77 -6.11
CA VAL A 44 5.08 5.07 -5.49
C VAL A 44 4.14 4.91 -4.30
N LYS A 45 4.17 5.91 -3.42
CA LYS A 45 3.32 5.89 -2.23
C LYS A 45 1.87 5.71 -2.66
N VAL A 46 1.02 5.50 -1.65
CA VAL A 46 -0.40 5.31 -1.90
C VAL A 46 -1.20 6.14 -0.89
N PRO A 47 -1.80 7.25 -1.42
CA PRO A 47 -2.60 8.13 -0.59
C PRO A 47 -3.96 7.51 -0.26
N TYR A 48 -3.90 6.40 0.47
CA TYR A 48 -5.12 5.70 0.84
C TYR A 48 -6.15 6.67 1.41
N ARG A 49 -5.66 7.63 2.17
CA ARG A 49 -6.53 8.63 2.78
C ARG A 49 -7.36 9.33 1.71
N LYS A 50 -6.68 10.07 0.86
CA LYS A 50 -7.34 10.79 -0.21
C LYS A 50 -8.19 9.82 -1.03
N ILE A 51 -7.67 8.60 -1.16
CA ILE A 51 -8.37 7.57 -1.91
C ILE A 51 -9.56 7.07 -1.09
N THR A 52 -9.50 7.32 0.20
CA THR A 52 -10.57 6.91 1.10
C THR A 52 -11.69 7.94 1.12
N ILE A 53 -11.34 9.13 1.58
CA ILE A 53 -12.30 10.22 1.66
C ILE A 53 -13.11 10.27 0.36
N ASN A 54 -12.49 9.80 -0.70
CA ASN A 54 -13.14 9.78 -2.01
C ASN A 54 -12.16 9.25 -3.05
N PRO A 55 -12.51 8.06 -3.62
CA PRO A 55 -11.68 7.43 -4.63
C PRO A 55 -11.81 8.16 -5.97
N GLY A 56 -12.96 8.78 -6.17
CA GLY A 56 -13.22 9.50 -7.40
C GLY A 56 -11.92 9.76 -8.18
N CYS A 57 -11.03 10.50 -7.55
CA CYS A 57 -9.75 10.81 -8.17
C CYS A 57 -9.09 9.50 -8.59
N VAL A 58 -8.48 8.85 -7.60
CA VAL A 58 -7.80 7.59 -7.86
C VAL A 58 -8.71 6.43 -7.42
N VAL A 59 -8.85 5.46 -8.32
CA VAL A 59 -9.68 4.31 -8.04
C VAL A 59 -8.79 3.09 -7.78
N VAL A 60 -9.42 2.03 -7.29
CA VAL A 60 -8.69 0.81 -6.99
C VAL A 60 -9.58 -0.40 -7.31
N ASP A 61 -9.04 -1.30 -8.12
CA ASP A 61 -9.77 -2.49 -8.51
C ASP A 61 -9.07 -3.72 -7.94
N GLY A 62 -9.74 -4.86 -8.05
CA GLY A 62 -9.20 -6.11 -7.56
C GLY A 62 -9.62 -6.36 -6.11
N MET A 63 -9.88 -5.26 -5.41
CA MET A 63 -10.31 -5.35 -4.02
C MET A 63 -11.25 -6.54 -3.80
N PRO A 64 -10.96 -7.32 -2.72
CA PRO A 64 -11.78 -8.48 -2.39
C PRO A 64 -13.11 -8.06 -1.78
N PRO A 65 -14.05 -9.04 -1.73
CA PRO A 65 -15.37 -8.78 -1.17
C PRO A 65 -15.31 -8.70 0.35
N GLY A 66 -16.05 -7.74 0.90
CA GLY A 66 -16.09 -7.55 2.33
C GLY A 66 -14.72 -7.12 2.87
N VAL A 67 -13.94 -6.49 1.99
CA VAL A 67 -12.62 -6.03 2.36
C VAL A 67 -12.43 -4.60 1.85
N SER A 68 -12.20 -3.69 2.78
CA SER A 68 -12.00 -2.29 2.44
C SER A 68 -10.52 -2.05 2.12
N PHE A 69 -10.29 -1.03 1.29
CA PHE A 69 -8.94 -0.68 0.90
C PHE A 69 -8.40 0.46 1.76
N LYS A 70 -7.16 0.31 2.18
CA LYS A 70 -6.51 1.32 3.01
C LYS A 70 -5.05 0.92 3.26
N ALA A 71 -4.43 1.64 4.17
CA ALA A 71 -3.05 1.37 4.51
C ALA A 71 -2.95 0.03 5.27
N PRO A 72 -1.77 -0.62 5.15
CA PRO A 72 -1.53 -1.89 5.81
C PRO A 72 -1.32 -1.69 7.31
N SER A 73 -1.36 -0.44 7.74
CA SER A 73 -1.18 -0.11 9.13
C SER A 73 -2.45 -0.42 9.91
N TYR A 74 -3.58 -0.23 9.25
CA TYR A 74 -4.87 -0.49 9.87
C TYR A 74 -5.35 -1.91 9.58
N LEU A 75 -5.03 -2.38 8.38
CA LEU A 75 -5.41 -3.72 7.97
C LEU A 75 -4.66 -4.75 8.83
N GLU A 76 -5.38 -5.79 9.21
CA GLU A 76 -4.82 -6.84 10.03
C GLU A 76 -4.15 -7.89 9.14
N ILE A 77 -3.58 -8.90 9.80
CA ILE A 77 -2.91 -9.97 9.09
C ILE A 77 -3.84 -10.53 8.01
N SER A 78 -4.99 -11.02 8.46
CA SER A 78 -5.96 -11.59 7.55
C SER A 78 -6.30 -10.58 6.45
N SER A 79 -6.59 -9.35 6.88
CA SER A 79 -6.92 -8.29 5.95
C SER A 79 -5.90 -8.25 4.81
N MET A 80 -4.63 -8.18 5.21
CA MET A 80 -3.55 -8.13 4.24
C MET A 80 -3.56 -9.36 3.34
N ARG A 81 -3.48 -10.52 3.97
CA ARG A 81 -3.48 -11.78 3.25
C ARG A 81 -4.46 -11.71 2.07
N ARG A 82 -5.72 -11.50 2.41
CA ARG A 82 -6.76 -11.41 1.40
C ARG A 82 -6.27 -10.59 0.21
N ILE A 83 -6.05 -9.31 0.47
CA ILE A 83 -5.58 -8.40 -0.58
C ILE A 83 -4.49 -9.10 -1.39
N LEU A 84 -3.50 -9.61 -0.68
CA LEU A 84 -2.39 -10.30 -1.33
C LEU A 84 -2.95 -11.39 -2.26
N ASP A 85 -3.82 -12.21 -1.69
CA ASP A 85 -4.42 -13.29 -2.45
C ASP A 85 -4.87 -12.76 -3.81
N SER A 86 -5.15 -11.47 -3.85
CA SER A 86 -5.58 -10.83 -5.08
C SER A 86 -4.64 -9.69 -5.45
N ALA A 87 -3.36 -9.93 -5.21
CA ALA A 87 -2.35 -8.94 -5.51
C ALA A 87 -2.48 -8.50 -6.97
N GLU A 88 -2.19 -9.44 -7.85
CA GLU A 88 -2.27 -9.17 -9.29
C GLU A 88 -3.64 -8.56 -9.63
N PHE A 89 -4.65 -9.00 -8.91
CA PHE A 89 -6.00 -8.51 -9.13
C PHE A 89 -6.09 -7.01 -8.82
N ILE A 90 -5.29 -6.59 -7.85
CA ILE A 90 -5.28 -5.19 -7.46
C ILE A 90 -5.02 -4.32 -8.69
N LYS A 91 -5.50 -3.09 -8.61
CA LYS A 91 -5.33 -2.15 -9.71
C LYS A 91 -5.55 -0.72 -9.19
N PHE A 92 -5.10 0.24 -9.99
CA PHE A 92 -5.23 1.64 -9.63
C PHE A 92 -5.50 2.50 -10.86
N THR A 93 -6.66 3.13 -10.87
CA THR A 93 -7.06 3.99 -11.97
C THR A 93 -6.99 5.46 -11.56
N VAL A 94 -6.35 6.25 -12.40
CA VAL A 94 -6.22 7.67 -12.13
C VAL A 94 -7.21 8.45 -13.02
N ILE A 95 -8.48 8.32 -12.68
CA ILE A 95 -9.52 8.98 -13.44
C ILE A 95 -9.27 10.50 -13.39
N ARG A 96 -9.04 11.00 -12.19
CA ARG A 96 -8.78 12.42 -12.01
C ARG A 96 -7.64 12.62 -11.00
N PRO A 97 -6.79 13.65 -11.31
CA PRO A 97 -5.66 13.96 -10.45
C PRO A 97 -6.12 14.66 -9.17
N PHE A 98 -5.15 15.12 -8.39
CA PHE A 98 -5.44 15.80 -7.15
C PHE A 98 -4.15 16.24 -6.46
N PRO A 99 -4.31 17.10 -5.42
CA PRO A 99 -3.18 17.61 -4.66
C PRO A 99 -2.63 16.53 -3.72
N GLY A 100 -1.58 15.87 -4.19
CA GLY A 100 -0.96 14.82 -3.40
C GLY A 100 -0.38 13.72 -4.30
N LEU A 101 -0.84 13.73 -5.54
CA LEU A 101 -0.39 12.74 -6.51
C LEU A 101 0.97 13.16 -7.05
N VAL A 102 1.66 12.19 -7.65
CA VAL A 102 2.97 12.45 -8.21
C VAL A 102 3.19 11.55 -9.43
N ILE A 103 3.91 12.09 -10.41
CA ILE A 103 4.18 11.36 -11.63
C ILE A 103 5.65 11.54 -12.01
N ASN A 104 6.08 12.79 -11.96
CA ASN A 104 7.46 13.12 -12.30
C ASN A 104 8.38 12.65 -11.17
N ASN A 105 9.22 11.68 -11.50
CA ASN A 105 10.16 11.14 -10.53
C ASN A 105 10.71 12.28 -9.66
N GLN A 106 10.72 12.02 -8.36
CA GLN A 106 11.22 13.01 -7.41
C GLN A 106 10.76 12.66 -6.00
N LEU A 107 11.35 11.60 -5.47
CA LEU A 107 11.01 11.15 -4.13
C LEU A 107 12.11 11.60 -3.16
N VAL A 108 11.83 11.42 -1.87
CA VAL A 108 12.76 11.81 -0.84
C VAL A 108 12.68 10.80 0.32
N SER A 109 13.29 9.64 0.11
CA SER A 109 13.29 8.61 1.12
C SER A 109 14.24 7.48 0.72
N GLY A 110 14.41 6.53 1.63
CA GLY A 110 15.28 5.40 1.39
C GLY A 110 14.97 4.24 2.34
N PRO A 111 15.40 3.03 1.91
CA PRO A 111 15.16 1.83 2.71
C PRO A 111 16.11 1.79 3.91
N SER A 112 15.71 0.99 4.89
CA SER A 112 16.51 0.85 6.11
C SER A 112 17.98 0.71 5.75
N SER A 113 18.24 0.01 4.65
CA SER A 113 19.59 -0.21 4.20
C SER A 113 19.69 0.08 2.69
N GLY A 114 19.95 1.33 2.37
CA GLY A 114 20.08 1.74 0.98
C GLY A 114 21.46 1.41 0.43
#